data_8DG5
#
_entry.id   8DG5
#
_cell.length_a   1.00
_cell.length_b   1.00
_cell.length_c   1.00
_cell.angle_alpha   90.00
_cell.angle_beta   90.00
_cell.angle_gamma   90.00
#
_symmetry.space_group_name_H-M   'P 1'
#
loop_
_entity.id
_entity.type
_entity.pdbx_description
1 polymer 'Endoribonuclease Dcr-1'
2 polymer 'RNA (60-MER)'
3 polymer 'Loquacious, isoform B'
4 non-polymer 'MAGNESIUM ION'
5 non-polymer "URIDINE-5'-MONOPHOSPHATE"
#
loop_
_entity_poly.entity_id
_entity_poly.type
_entity_poly.pdbx_seq_one_letter_code
_entity_poly.pdbx_strand_id
1 'polypeptide(L)'
;MAFHWCDNNLHTTVFTPRDFQVELLATAYERNTIICLGHRSSKEFIALKLLQELSRRARRHGRVSVYLSCEVGTSTEPCS
IYTMLTHLTDLRVWQEQPDMQIPFDHCWTDYHVSILRPEGFLYLLETRELLLSRVELIVLEDCHDSAVYQRIRPLFENHI
MPAPPADRPRILGLAGPLHSAGCELQQLSAMLATLEQSVLCQIESASDIVTVLRYCSRPHEYIVQCAPFEMDELSLVLAD
VLNTHKSFLLDHRYDPYEIYGTDQFMDELKDIPDPKVDPLNVINSLLVVLHEMGPWCTQRAAHHFYQCNEKLKVKTPHER
HYLLYCLVSTALIQLYSLCEHAFHRHLGSGSDSRQTIERYSSPKVRRLLQTLRCFKPEEVHTQADGLRRMRHQVDQADFN
RLSHTLESKCRMVDQLDQPPTETRALVATLEQILHTTEDRQTNRSAARVTPTPTPAHAKPKPSSGANTAQPRTRRRVYTR
RHHRDHNDGSDTLCALIYCNQNHTARVLFELLAEISRRDPDLKFLRCQYTTDRVADPTTEPKEAELEHRRQEEVLKRFRM
HDCNVLIGTSVLEEGIDVPKCNLVVRWDPPTTYRSYVQCKGRARAAPAYHVILVAPSYKSPTVGSVQLTDRSHRYICATG
DTTEADSDSDDSAMPNSSGSDPYTFGTARGTVKILNPEVFSKQPPTACDIKLQEIQDELPASAQLDTSNSSDEAVSMSNT
SPSESSTEQKSRRFQCELSSLTEPEDTSDTTAEIDTAHSLASTTKDLVHQMAQYREIEQMLLSKCANTEPPEQEQCEAER
FSACLAAYRPKPHLLTGASVDLGSAIALVNKYCARLPSDTFTKLTALWRCTRNERAGVTLFQYTLRLPINSPLKHDIVGL
PMPTQTLARRLAALQACVELHRIGELDDQLQPIGKEGFRALEPDWECFELEPEDEQIVQLSDEPRPGTTKRRQYYYKRIA
SEFCDCRPVAGAPCYLYFIQLTLQCPIPEEQNTRGRKIYPPEDAQQGFGILTTKRIPKLSAFSIFTRSGEVKVSLELAKE
RVILTSEQIVCINGFLNYTFTNVLRLQKFLMLFDPDSTENCVFIVPTVKAPAGGKHIDWQFLELIQANGNTMPRAVPDEE
RQAQPFDPQRFQDAVVMPWYRNQDQPQYFYVAEICPHLSPLSCFPGDNYRTFKHYYLVKYGLTIQNTSQPLLDVDHTSAR
LNFLTPRYVNRKGVALPTSSEETKRAKRENLEQKQILVPELCTVHPFPASLWRTAVCLPCILYRINGLLLADDIRKQVSA
DLGLGRQQIEDEDFEWPMLDFGWSLSEVLKKSRESKQKESLKDDTINGKDLVDVEKKAISEETQIDKDSKDDKVEKSAIE
LIIEGEEKLQEADDFIEIGTWSNDMADDIASFNQEDDDEDDAFHLPVLPANVKFCDQQTRYGSPTFWDVSNGESGFKGPK
SSQNKQGGKGKAKGPAKPTFNYYDSDNSLGSSYDDDDNAGPLNYMHHNYSSDDDDVADDIDAGRIAFTSKNEAETIETAQ
EVEKRQKQLSIIQATNANERQYQQTKNLLIGFNFKHEDQKEPATIRYEESIAKLKTEIESGGMLVPHDQQLVLKRSDAAE
AQVAKVSMMELLKQLLPYVNEDVLAKKLGDRRELLLSDLVELNADWVARHEQETYNVMGCGDSFDNYNDHHRLNLDEKQL
KLQYERIEIEPPTSTKAITSAILPAGFSFDRQPDLVGHPGPSPSIILQALTMSNANDGINLERLETIGDSFLKYAITTYL
YITYENVHEGKLSHLRSKQVANLNLYRLGRRKRLGEYMIATKFEPHDNWLPPCYYVPKELEKALIEAKIPTHHWKLADLL
DIKNLSSVQICEMVREKADALGLEQNGGAQNGQLDDSNDSCNDFSCFIPYNLVSQHSIPDKSIADCVEALIGAYLIECGP
RGALLFMAWLGVRVLPITRQLDGGNQEQRIPGSTKPNAENVVTVYGAWPTPRSPLLHFAPNATEELDQLLSGFEEFEESL
GYKFRDRSYLLQAMTHASYTPNRLTDCYQRLEFLGDAVLDYLITRHLYEDPRQHSPGALTDLRSALVNNTIFASLAVRHG
FHKFFRHLSPGLNDVIDRFVRIQQENGHCISEEYYLLSEEECDDAEDVEVPKALGDVFESIAGAIFLDSNMSLDVVWHVY
SNMMSPEIEQFSNSVPKSPIRELLELEPETAKFGKPEKLADGRRVRVTVDVFCKGTFRGIGRNYRIAKCTAAKCALRQLK
KQGLIAKKD
;
A
2 'polyribonucleotide' GAGGUAGUAGGUUGUAUAGUAGUAAUUACACAUCAUACUAUACAACCUACUACCUCUCU E
3 'polypeptide(L)'
;MDQENFHGSSLPQQLQNLHIQPQQASPNPVQTGFAPRRHYNNLVGLGNGNAVSGSPVKGAPLGQRHVKLKKEKISAQVAQ
LSQPGQLQLSDVGDPALAGGSGLQGGVGLMGVILPSDEALKFVSETDANGLAMKTPVSILQELLSRRGITPGYELVQIEG
AIHEPTFRFRVSFKDKDTPFTAMGAGRSKKEAKHAAARALIDKLIGAQLPESPSSSAGPSVTGLTVAGSGGDGNANATGG
GDASDKTVGNPIGWLQEMCMQRRWPPPSYETETEVGLPHERLFTIACSILNYREMGKGKSKKIAKRLAAHRMWMRLQETP
IDSGKISDSICGELEGEPRSSENYYGELKDISVPTLTTQHSNKVSQFHKTLKNATGKKLLKLQKTCLKNNKIDYIKLLGE
IATENQFEVTYVDIEEKTFSGQFQCLVQLSTLPVGVCHGSGPTAADAQRHAAQNALEYLKIMTKK
;
K
#
loop_
_chem_comp.id
_chem_comp.type
_chem_comp.name
_chem_comp.formula
A RNA linking ADENOSINE-5'-MONOPHOSPHATE 'C10 H14 N5 O7 P'
C RNA linking CYTIDINE-5'-MONOPHOSPHATE 'C9 H14 N3 O8 P'
G RNA linking GUANOSINE-5'-MONOPHOSPHATE 'C10 H14 N5 O8 P'
MG non-polymer 'MAGNESIUM ION' 'Mg 2'
U RNA linking URIDINE-5'-MONOPHOSPHATE 'C9 H13 N2 O9 P'
U5P non-polymer URIDINE-5'-MONOPHOSPHATE 'C9 H13 N2 O9 P'
#
# COMPACT_ATOMS: atom_id res chain seq x y z
N HIS A 11 -29.10 11.42 2.23
CA HIS A 11 -29.31 11.75 0.82
C HIS A 11 -30.54 11.02 0.27
N THR A 12 -31.62 11.07 1.05
CA THR A 12 -32.78 10.23 0.81
C THR A 12 -33.70 10.81 -0.26
N THR A 13 -34.31 11.96 0.02
CA THR A 13 -35.43 12.45 -0.75
C THR A 13 -35.07 13.61 -1.67
N VAL A 14 -33.78 13.90 -1.81
CA VAL A 14 -33.35 15.13 -2.46
C VAL A 14 -32.24 14.89 -3.47
N PHE A 15 -31.86 13.63 -3.70
CA PHE A 15 -30.67 13.15 -4.42
C PHE A 15 -29.38 13.57 -3.73
N THR A 16 -28.24 13.17 -4.29
CA THR A 16 -26.94 13.62 -3.77
C THR A 16 -26.52 14.87 -4.52
N PRO A 17 -26.21 15.97 -3.85
CA PRO A 17 -25.72 17.15 -4.54
C PRO A 17 -24.33 16.95 -5.11
N ARG A 18 -24.06 17.60 -6.23
CA ARG A 18 -22.71 17.62 -6.79
C ARG A 18 -21.80 18.46 -5.91
N ASP A 19 -20.50 18.34 -6.16
CA ASP A 19 -19.58 19.31 -5.57
C ASP A 19 -19.83 20.66 -6.21
N PHE A 20 -19.80 21.71 -5.39
CA PHE A 20 -20.31 23.01 -5.82
C PHE A 20 -19.47 23.64 -6.93
N GLN A 21 -18.20 23.26 -7.06
CA GLN A 21 -17.37 23.79 -8.13
C GLN A 21 -17.88 23.38 -9.51
N VAL A 22 -18.27 22.11 -9.66
CA VAL A 22 -18.74 21.72 -10.98
C VAL A 22 -20.19 22.18 -11.16
N GLU A 23 -20.88 22.50 -10.06
CA GLU A 23 -22.19 23.14 -10.17
C GLU A 23 -22.08 24.54 -10.77
N LEU A 24 -21.13 25.35 -10.27
CA LEU A 24 -20.87 26.65 -10.89
C LEU A 24 -20.35 26.48 -12.31
N LEU A 25 -19.55 25.46 -12.54
CA LEU A 25 -19.04 25.14 -13.87
C LEU A 25 -20.18 24.83 -14.85
N ALA A 26 -21.18 24.09 -14.39
CA ALA A 26 -22.32 23.75 -15.23
C ALA A 26 -23.19 24.96 -15.51
N THR A 27 -23.48 25.75 -14.47
CA THR A 27 -24.30 26.94 -14.66
C THR A 27 -23.59 28.00 -15.50
N ALA A 28 -22.26 28.09 -15.35
CA ALA A 28 -21.46 29.03 -16.12
C ALA A 28 -21.30 28.58 -17.55
N TYR A 29 -21.34 27.27 -17.79
CA TYR A 29 -21.41 26.77 -19.16
C TYR A 29 -22.79 27.05 -19.76
N GLU A 30 -23.83 27.02 -18.93
CA GLU A 30 -25.19 27.27 -19.42
C GLU A 30 -25.36 28.71 -19.89
N ARG A 31 -24.97 29.68 -19.06
CA ARG A 31 -25.24 31.08 -19.34
C ARG A 31 -24.10 31.92 -18.77
N ASN A 32 -24.20 33.24 -18.98
CA ASN A 32 -23.28 34.16 -18.34
C ASN A 32 -23.50 34.14 -16.84
N THR A 33 -22.44 34.40 -16.09
CA THR A 33 -22.54 34.29 -14.65
C THR A 33 -21.59 35.27 -13.98
N ILE A 34 -21.72 35.35 -12.66
CA ILE A 34 -20.78 36.01 -11.76
C ILE A 34 -20.65 35.08 -10.57
N ILE A 35 -19.59 34.27 -10.53
CA ILE A 35 -19.41 33.32 -9.44
C ILE A 35 -19.15 34.09 -8.15
N CYS A 36 -20.11 34.04 -7.24
CA CYS A 36 -19.95 34.71 -5.95
C CYS A 36 -19.50 33.68 -4.92
N LEU A 37 -18.24 33.26 -5.07
CA LEU A 37 -17.66 32.27 -4.18
C LEU A 37 -16.43 32.88 -3.52
N GLY A 38 -16.23 32.57 -2.26
CA GLY A 38 -15.19 33.21 -1.48
C GLY A 38 -13.76 32.79 -1.80
N HIS A 39 -13.45 31.52 -1.54
CA HIS A 39 -12.08 31.02 -1.59
C HIS A 39 -11.46 31.17 -2.97
N ARG A 40 -10.24 31.67 -3.01
CA ARG A 40 -9.59 31.99 -4.28
C ARG A 40 -9.16 30.74 -5.03
N SER A 41 -8.85 29.66 -4.32
CA SER A 41 -8.29 28.47 -4.98
C SER A 41 -9.33 27.73 -5.79
N SER A 42 -10.55 27.57 -5.25
CA SER A 42 -11.61 26.94 -6.01
C SER A 42 -12.14 27.88 -7.09
N LYS A 43 -12.03 29.20 -6.87
CA LYS A 43 -12.28 30.15 -7.96
C LYS A 43 -11.30 29.91 -9.11
N GLU A 44 -10.03 29.62 -8.78
CA GLU A 44 -9.05 29.29 -9.80
C GLU A 44 -9.35 27.95 -10.45
N PHE A 45 -9.87 26.99 -9.67
CA PHE A 45 -10.29 25.70 -10.23
C PHE A 45 -11.38 25.86 -11.27
N ILE A 46 -12.47 26.56 -10.93
CA ILE A 46 -13.57 26.75 -11.86
C ILE A 46 -13.13 27.59 -13.06
N ALA A 47 -12.24 28.56 -12.81
CA ALA A 47 -11.69 29.36 -13.90
C ALA A 47 -10.91 28.51 -14.89
N LEU A 48 -9.97 27.69 -14.39
CA LEU A 48 -9.20 26.77 -15.23
C LEU A 48 -10.12 25.85 -16.01
N LYS A 49 -11.14 25.32 -15.33
CA LYS A 49 -12.02 24.37 -15.98
C LYS A 49 -12.78 25.01 -17.13
N LEU A 50 -13.45 26.16 -16.91
CA LEU A 50 -14.17 26.76 -18.04
C LEU A 50 -13.25 27.24 -19.14
N LEU A 51 -12.04 27.72 -18.82
CA LEU A 51 -11.08 27.97 -19.90
C LEU A 51 -10.81 26.71 -20.71
N GLN A 52 -10.72 25.56 -20.05
CA GLN A 52 -10.42 24.33 -20.77
C GLN A 52 -11.60 23.87 -21.65
N GLU A 53 -12.81 23.80 -21.08
CA GLU A 53 -13.94 23.35 -21.91
C GLU A 53 -14.35 24.36 -22.97
N LEU A 54 -14.37 25.64 -22.67
CA LEU A 54 -14.72 26.55 -23.74
C LEU A 54 -13.53 26.86 -24.64
N SER A 55 -12.33 26.38 -24.32
CA SER A 55 -11.27 26.32 -25.30
C SER A 55 -11.47 25.15 -26.24
N ARG A 56 -11.98 24.02 -25.72
CA ARG A 56 -12.36 22.90 -26.58
C ARG A 56 -13.45 23.33 -27.55
N ARG A 57 -14.42 24.09 -27.05
CA ARG A 57 -15.39 24.73 -27.93
C ARG A 57 -14.74 25.76 -28.83
N ALA A 58 -13.71 26.45 -28.34
CA ALA A 58 -13.07 27.51 -29.12
C ALA A 58 -12.15 26.94 -30.20
N ARG A 59 -11.65 25.73 -30.02
CA ARG A 59 -10.70 25.17 -30.98
C ARG A 59 -11.41 24.56 -32.20
N ARG A 60 -12.30 25.31 -32.83
CA ARG A 60 -12.97 24.87 -34.05
C ARG A 60 -12.64 25.76 -35.23
N HIS A 61 -12.84 27.07 -35.10
CA HIS A 61 -12.42 28.03 -36.10
C HIS A 61 -11.28 28.92 -35.62
N GLY A 62 -10.94 28.86 -34.33
CA GLY A 62 -9.82 29.58 -33.77
C GLY A 62 -10.26 30.82 -33.02
N ARG A 63 -10.39 30.70 -31.70
CA ARG A 63 -10.89 31.78 -30.85
C ARG A 63 -10.20 31.71 -29.50
N VAL A 64 -9.95 32.87 -28.92
CA VAL A 64 -9.17 32.98 -27.70
C VAL A 64 -10.11 33.24 -26.53
N SER A 65 -9.57 33.26 -25.31
CA SER A 65 -10.41 33.38 -24.12
C SER A 65 -9.58 33.95 -22.97
N VAL A 66 -9.84 35.19 -22.59
CA VAL A 66 -8.95 35.96 -21.73
C VAL A 66 -9.22 35.74 -20.24
N TYR A 67 -8.29 36.18 -19.41
CA TYR A 67 -8.38 36.21 -17.95
C TYR A 67 -7.88 37.59 -17.51
N LEU A 68 -8.52 38.64 -18.03
CA LEU A 68 -8.11 40.01 -17.73
C LEU A 68 -8.09 40.21 -16.21
N SER A 69 -6.99 40.77 -15.71
CA SER A 69 -6.73 40.65 -14.29
C SER A 69 -6.04 41.92 -13.81
N CYS A 70 -6.14 42.16 -12.49
CA CYS A 70 -5.64 43.39 -11.91
C CYS A 70 -4.27 43.27 -11.27
N GLU A 71 -3.85 42.06 -10.89
CA GLU A 71 -2.50 41.84 -10.36
C GLU A 71 -1.56 41.36 -11.47
N VAL A 72 -1.39 42.23 -12.48
CA VAL A 72 -0.54 41.92 -13.62
C VAL A 72 -0.13 43.26 -14.21
N GLY A 73 0.94 43.26 -15.01
CA GLY A 73 1.42 44.47 -15.62
C GLY A 73 2.28 45.33 -14.73
N THR A 74 2.60 44.86 -13.53
CA THR A 74 3.52 45.56 -12.63
C THR A 74 4.76 44.74 -12.33
N SER A 75 4.60 43.47 -11.97
CA SER A 75 5.71 42.63 -11.57
C SER A 75 6.11 41.71 -12.71
N THR A 76 7.42 41.45 -12.80
CA THR A 76 7.96 40.59 -13.85
C THR A 76 7.60 39.12 -13.60
N GLU A 77 7.31 38.76 -12.35
CA GLU A 77 6.92 37.40 -12.02
C GLU A 77 5.57 37.05 -12.65
N PRO A 78 5.32 35.78 -12.94
CA PRO A 78 4.02 35.38 -13.46
C PRO A 78 3.00 35.12 -12.36
N CYS A 79 1.73 35.40 -12.69
CA CYS A 79 0.66 35.32 -11.72
C CYS A 79 0.30 33.86 -11.44
N SER A 80 -0.67 33.66 -10.55
CA SER A 80 -0.99 32.31 -10.10
C SER A 80 -1.73 31.50 -11.16
N ILE A 81 -2.33 32.16 -12.15
CA ILE A 81 -2.98 31.45 -13.25
C ILE A 81 -1.97 31.00 -14.30
N TYR A 82 -0.78 31.60 -14.34
CA TYR A 82 0.25 31.16 -15.29
C TYR A 82 0.71 29.74 -14.98
N THR A 83 0.96 29.45 -13.71
CA THR A 83 1.34 28.09 -13.32
C THR A 83 0.20 27.11 -13.59
N MET A 84 -1.03 27.51 -13.26
CA MET A 84 -2.21 26.64 -13.44
C MET A 84 -2.37 26.25 -14.89
N LEU A 85 -2.33 27.23 -15.79
CA LEU A 85 -2.73 27.05 -17.17
C LEU A 85 -1.55 26.79 -18.10
N THR A 86 -0.32 26.87 -17.59
CA THR A 86 0.85 26.44 -18.35
C THR A 86 1.23 25.01 -18.01
N HIS A 87 1.11 24.64 -16.74
CA HIS A 87 1.49 23.28 -16.36
C HIS A 87 0.37 22.30 -16.60
N LEU A 88 -0.79 22.52 -15.98
CA LEU A 88 -1.82 21.50 -15.86
C LEU A 88 -2.77 21.43 -17.04
N THR A 89 -2.57 22.21 -18.09
CA THR A 89 -3.35 22.08 -19.32
C THR A 89 -2.41 21.93 -20.50
N ASP A 90 -2.99 21.76 -21.67
CA ASP A 90 -2.26 21.88 -22.91
C ASP A 90 -2.28 23.29 -23.48
N LEU A 91 -2.91 24.24 -22.79
CA LEU A 91 -3.06 25.59 -23.29
C LEU A 91 -1.79 26.40 -23.08
N ARG A 92 -1.50 27.28 -24.03
CA ARG A 92 -0.34 28.15 -23.98
C ARG A 92 -0.81 29.57 -23.70
N VAL A 93 -0.25 30.19 -22.66
CA VAL A 93 -0.72 31.49 -22.20
C VAL A 93 0.35 32.53 -22.49
N TRP A 94 -0.08 33.79 -22.54
CA TRP A 94 0.80 34.92 -22.80
C TRP A 94 0.47 36.07 -21.85
N GLN A 95 0.53 35.78 -20.54
CA GLN A 95 0.34 36.80 -19.52
C GLN A 95 1.20 38.01 -19.79
N GLU A 96 0.54 39.16 -19.90
CA GLU A 96 1.18 40.38 -20.38
C GLU A 96 2.18 40.89 -19.35
N GLN A 97 3.44 41.01 -19.76
CA GLN A 97 4.49 41.50 -18.89
C GLN A 97 4.29 42.99 -18.64
N PRO A 98 4.84 43.52 -17.51
CA PRO A 98 4.77 44.97 -17.25
C PRO A 98 5.37 45.79 -18.38
N ASP A 99 4.50 46.52 -19.07
CA ASP A 99 4.77 47.18 -20.34
C ASP A 99 5.33 46.17 -21.35
N MET A 100 4.49 45.21 -21.71
CA MET A 100 4.84 44.24 -22.74
C MET A 100 5.04 44.92 -24.09
N GLN A 101 6.17 44.64 -24.73
CA GLN A 101 6.53 45.25 -26.00
C GLN A 101 6.08 44.45 -27.21
N ILE A 102 5.45 43.29 -27.00
CA ILE A 102 4.99 42.36 -28.03
C ILE A 102 6.14 41.99 -28.96
N PRO A 103 7.06 41.10 -28.54
CA PRO A 103 8.26 40.82 -29.34
C PRO A 103 7.94 40.16 -30.67
N PHE A 104 8.37 40.82 -31.75
CA PHE A 104 8.24 40.41 -33.14
C PHE A 104 6.79 40.24 -33.57
N ASP A 105 6.56 39.67 -34.75
CA ASP A 105 5.21 39.47 -35.28
C ASP A 105 4.61 38.28 -34.56
N HIS A 106 3.98 38.56 -33.42
CA HIS A 106 3.44 37.57 -32.50
C HIS A 106 1.97 37.87 -32.20
N CYS A 107 1.18 38.01 -33.27
CA CYS A 107 -0.25 38.30 -33.14
C CYS A 107 -0.97 37.23 -32.34
N TRP A 108 -1.87 37.68 -31.46
CA TRP A 108 -2.48 36.96 -30.35
C TRP A 108 -3.40 35.81 -30.76
N THR A 109 -3.56 35.47 -32.04
CA THR A 109 -4.45 34.39 -32.44
C THR A 109 -3.80 33.01 -32.34
N ASP A 110 -2.70 32.89 -31.61
CA ASP A 110 -2.04 31.60 -31.41
C ASP A 110 -1.95 31.20 -29.94
N TYR A 111 -2.07 32.16 -29.03
CA TYR A 111 -2.13 31.86 -27.60
C TYR A 111 -3.57 31.55 -27.25
N HIS A 112 -3.82 30.36 -26.71
CA HIS A 112 -5.19 29.94 -26.47
C HIS A 112 -5.82 30.75 -25.34
N VAL A 113 -5.17 30.82 -24.22
CA VAL A 113 -5.54 31.76 -23.17
C VAL A 113 -4.56 32.91 -23.24
N SER A 114 -5.06 34.12 -22.98
CA SER A 114 -4.33 35.34 -23.26
C SER A 114 -4.50 36.33 -22.12
N ILE A 115 -4.11 35.93 -20.89
CA ILE A 115 -4.23 36.76 -19.69
C ILE A 115 -3.70 38.17 -19.91
N LEU A 116 -4.54 39.16 -19.60
CA LEU A 116 -4.19 40.57 -19.75
C LEU A 116 -4.52 41.33 -18.48
N ARG A 117 -4.42 42.67 -18.56
CA ARG A 117 -4.98 43.64 -17.65
C ARG A 117 -6.15 44.34 -18.34
N PRO A 118 -7.14 44.87 -17.58
CA PRO A 118 -8.35 45.41 -18.23
C PRO A 118 -8.09 46.56 -19.20
N GLU A 119 -7.22 47.50 -18.84
CA GLU A 119 -6.83 48.57 -19.75
C GLU A 119 -6.06 48.01 -20.95
N GLY A 120 -5.28 46.95 -20.69
CA GLY A 120 -4.67 46.22 -21.79
C GLY A 120 -5.71 45.60 -22.71
N PHE A 121 -6.83 45.13 -22.16
CA PHE A 121 -7.82 44.50 -23.04
C PHE A 121 -8.53 45.59 -23.84
N LEU A 122 -8.76 46.77 -23.24
CA LEU A 122 -9.24 47.91 -24.03
C LEU A 122 -8.27 48.27 -25.14
N TYR A 123 -6.97 48.20 -24.87
CA TYR A 123 -5.96 48.44 -25.90
C TYR A 123 -6.04 47.40 -27.02
N LEU A 124 -6.17 46.13 -26.66
CA LEU A 124 -6.31 45.08 -27.67
C LEU A 124 -7.63 45.17 -28.43
N LEU A 125 -8.68 45.68 -27.80
CA LEU A 125 -9.96 45.81 -28.48
C LEU A 125 -9.95 46.95 -29.48
N GLU A 126 -9.37 48.10 -29.09
CA GLU A 126 -9.38 49.26 -29.97
C GLU A 126 -8.41 49.12 -31.13
N THR A 127 -7.38 48.29 -30.98
CA THR A 127 -6.40 48.05 -32.03
C THR A 127 -6.89 46.97 -33.01
N ARG A 128 -8.01 46.33 -32.67
CA ARG A 128 -8.61 45.23 -33.46
C ARG A 128 -7.64 44.06 -33.63
N GLU A 129 -6.90 43.75 -32.56
CA GLU A 129 -6.09 42.56 -32.49
C GLU A 129 -6.81 41.40 -31.80
N LEU A 130 -7.30 41.61 -30.57
CA LEU A 130 -8.29 40.70 -30.00
C LEU A 130 -9.67 41.24 -30.36
N LEU A 131 -10.44 40.45 -31.10
CA LEU A 131 -11.79 40.84 -31.43
C LEU A 131 -12.71 40.54 -30.25
N LEU A 132 -13.69 41.42 -30.03
CA LEU A 132 -14.67 41.21 -28.98
C LEU A 132 -15.67 40.11 -29.35
N SER A 133 -15.76 39.76 -30.63
CA SER A 133 -16.64 38.69 -31.09
C SER A 133 -15.90 37.36 -31.24
N ARG A 134 -14.61 37.39 -31.57
CA ARG A 134 -13.80 36.20 -31.74
C ARG A 134 -13.13 35.77 -30.44
N VAL A 135 -13.69 36.16 -29.31
CA VAL A 135 -13.26 35.68 -28.00
C VAL A 135 -14.41 34.89 -27.40
N GLU A 136 -14.11 33.74 -26.82
CA GLU A 136 -15.14 32.83 -26.37
C GLU A 136 -15.39 32.84 -24.87
N LEU A 137 -14.70 33.69 -24.13
CA LEU A 137 -14.82 33.77 -22.68
C LEU A 137 -14.09 35.02 -22.22
N ILE A 138 -14.64 35.70 -21.22
CA ILE A 138 -14.03 36.87 -20.64
C ILE A 138 -14.07 36.68 -19.13
N VAL A 139 -13.00 36.17 -18.56
CA VAL A 139 -12.94 35.95 -17.12
C VAL A 139 -12.37 37.22 -16.51
N LEU A 140 -13.24 38.18 -16.24
CA LEU A 140 -12.83 39.29 -15.41
C LEU A 140 -12.62 38.81 -13.98
N GLU A 141 -11.56 39.30 -13.34
CA GLU A 141 -11.21 38.87 -12.00
C GLU A 141 -12.15 39.59 -11.01
N ASP A 142 -11.83 39.53 -9.70
CA ASP A 142 -12.68 39.96 -8.58
C ASP A 142 -13.31 41.33 -8.75
N CYS A 143 -14.62 41.42 -8.55
CA CYS A 143 -15.38 42.65 -8.74
C CYS A 143 -16.41 42.83 -7.64
N HIS A 144 -16.02 42.54 -6.40
CA HIS A 144 -16.82 42.90 -5.24
C HIS A 144 -16.26 44.12 -4.53
N ASP A 145 -15.30 44.82 -5.15
CA ASP A 145 -14.68 46.02 -4.61
C ASP A 145 -14.94 47.21 -5.52
N SER A 146 -14.75 48.40 -4.96
CA SER A 146 -15.06 49.64 -5.68
C SER A 146 -14.08 49.88 -6.82
N ALA A 147 -12.77 49.74 -6.53
CA ALA A 147 -11.74 50.15 -7.47
C ALA A 147 -11.74 49.29 -8.72
N VAL A 148 -11.88 47.97 -8.56
CA VAL A 148 -11.93 47.07 -9.70
C VAL A 148 -13.18 47.30 -10.53
N TYR A 149 -14.31 47.59 -9.89
CA TYR A 149 -15.53 47.86 -10.67
C TYR A 149 -15.42 49.19 -11.41
N GLN A 150 -14.74 50.17 -10.82
CA GLN A 150 -14.53 51.41 -11.55
C GLN A 150 -13.55 51.23 -12.70
N ARG A 151 -12.55 50.36 -12.54
CA ARG A 151 -11.62 50.08 -13.64
C ARG A 151 -12.31 49.31 -14.76
N ILE A 152 -13.29 48.48 -14.41
CA ILE A 152 -14.01 47.67 -15.39
C ILE A 152 -15.28 48.37 -15.89
N ARG A 153 -15.62 49.52 -15.33
CA ARG A 153 -16.69 50.35 -15.88
C ARG A 153 -16.46 50.79 -17.32
N PRO A 154 -15.30 51.32 -17.75
CA PRO A 154 -15.16 51.62 -19.19
C PRO A 154 -15.01 50.40 -20.07
N LEU A 155 -14.80 49.22 -19.48
CA LEU A 155 -14.78 48.00 -20.27
C LEU A 155 -16.15 47.70 -20.85
N PHE A 156 -17.20 47.81 -20.04
CA PHE A 156 -18.53 47.39 -20.44
C PHE A 156 -19.52 48.53 -20.61
N GLU A 157 -19.12 49.77 -20.31
CA GLU A 157 -19.90 50.89 -20.82
C GLU A 157 -19.55 51.20 -22.26
N ASN A 158 -18.52 50.56 -22.80
CA ASN A 158 -18.06 50.79 -24.16
C ASN A 158 -18.17 49.55 -25.05
N HIS A 159 -18.44 48.38 -24.49
CA HIS A 159 -18.44 47.14 -25.26
C HIS A 159 -19.65 46.28 -24.92
N ILE A 160 -20.83 46.92 -24.91
CA ILE A 160 -22.12 46.25 -24.97
C ILE A 160 -22.87 46.63 -26.24
N MET A 161 -22.94 47.93 -26.54
CA MET A 161 -23.83 48.43 -27.58
C MET A 161 -23.50 47.98 -29.00
N PRO A 162 -22.21 48.06 -29.52
CA PRO A 162 -22.01 47.69 -30.94
C PRO A 162 -22.22 46.22 -31.26
N ALA A 163 -21.78 45.33 -30.39
CA ALA A 163 -21.93 43.91 -30.68
C ALA A 163 -23.29 43.42 -30.19
N PRO A 164 -23.91 42.48 -30.92
CA PRO A 164 -25.15 41.88 -30.43
C PRO A 164 -24.88 40.92 -29.29
N PRO A 165 -25.90 40.55 -28.51
CA PRO A 165 -25.70 39.52 -27.47
C PRO A 165 -25.37 38.14 -28.00
N ALA A 166 -25.58 37.88 -29.30
CA ALA A 166 -25.10 36.64 -29.89
C ALA A 166 -23.58 36.58 -29.90
N ASP A 167 -22.92 37.69 -30.21
CA ASP A 167 -21.47 37.74 -30.26
C ASP A 167 -20.83 37.87 -28.88
N ARG A 168 -21.62 38.20 -27.86
CA ARG A 168 -21.08 38.33 -26.52
C ARG A 168 -20.69 36.97 -25.96
N PRO A 169 -19.46 36.77 -25.51
CA PRO A 169 -19.06 35.49 -24.93
C PRO A 169 -19.61 35.34 -23.51
N ARG A 170 -19.23 34.24 -22.88
CA ARG A 170 -19.52 34.09 -21.46
C ARG A 170 -18.68 35.08 -20.68
N ILE A 171 -19.31 35.78 -19.75
CA ILE A 171 -18.68 36.88 -19.03
C ILE A 171 -18.60 36.45 -17.57
N LEU A 172 -18.21 35.21 -17.37
CA LEU A 172 -17.79 34.67 -16.08
C LEU A 172 -16.98 35.69 -15.31
N GLY A 173 -17.42 36.00 -14.10
CA GLY A 173 -16.72 36.94 -13.27
C GLY A 173 -16.53 36.42 -11.87
N LEU A 174 -15.27 36.27 -11.44
CA LEU A 174 -14.98 35.56 -10.20
C LEU A 174 -15.02 36.55 -9.04
N ALA A 175 -16.21 37.08 -8.79
CA ALA A 175 -16.38 38.04 -7.71
C ALA A 175 -16.32 37.33 -6.36
N GLY A 176 -16.31 38.12 -5.30
CA GLY A 176 -16.17 37.57 -3.98
C GLY A 176 -17.48 37.04 -3.45
N PRO A 177 -17.46 36.61 -2.19
CA PRO A 177 -18.66 36.04 -1.58
C PRO A 177 -19.73 37.10 -1.38
N LEU A 178 -20.87 36.90 -2.04
CA LEU A 178 -21.92 37.91 -2.22
C LEU A 178 -22.50 38.42 -0.91
N HIS A 179 -22.38 37.65 0.15
CA HIS A 179 -23.00 38.00 1.41
C HIS A 179 -22.11 38.90 2.26
N SER A 180 -20.83 38.56 2.39
CA SER A 180 -19.85 39.48 2.94
C SER A 180 -19.06 40.10 1.79
N ALA A 181 -19.71 41.04 1.11
CA ALA A 181 -19.09 41.84 0.05
C ALA A 181 -19.90 43.11 -0.14
N GLY A 182 -19.32 44.05 -0.89
CA GLY A 182 -19.93 45.34 -1.09
C GLY A 182 -19.94 46.12 0.21
N CYS A 183 -20.92 47.00 0.33
CA CYS A 183 -21.18 47.62 1.62
C CYS A 183 -22.68 47.70 1.84
N GLU A 184 -23.05 48.00 3.09
CA GLU A 184 -24.40 48.29 3.53
C GLU A 184 -25.31 47.08 3.39
N LEU A 185 -26.57 47.24 3.67
CA LEU A 185 -27.58 46.20 3.63
C LEU A 185 -28.80 46.57 2.81
N GLN A 186 -29.21 47.85 2.85
CA GLN A 186 -30.41 48.27 2.13
C GLN A 186 -30.18 48.27 0.63
N GLN A 187 -29.08 48.83 0.20
CA GLN A 187 -28.80 48.95 -1.22
C GLN A 187 -28.11 47.73 -1.79
N LEU A 188 -28.12 46.61 -1.05
CA LEU A 188 -27.36 45.44 -1.46
C LEU A 188 -27.91 44.92 -2.78
N SER A 189 -29.20 44.66 -2.81
CA SER A 189 -29.92 44.17 -4.00
C SER A 189 -29.81 45.15 -5.17
N ALA A 190 -29.81 46.44 -4.90
CA ALA A 190 -29.62 47.43 -5.95
C ALA A 190 -28.22 47.37 -6.52
N MET A 191 -27.19 47.21 -5.66
CA MET A 191 -25.82 47.05 -6.15
C MET A 191 -25.65 45.76 -6.97
N LEU A 192 -26.23 44.66 -6.51
CA LEU A 192 -26.23 43.42 -7.31
C LEU A 192 -26.94 43.57 -8.64
N ALA A 193 -28.09 44.26 -8.69
CA ALA A 193 -28.77 44.41 -9.98
C ALA A 193 -27.97 45.30 -10.92
N THR A 194 -27.34 46.37 -10.39
CA THR A 194 -26.53 47.23 -11.24
C THR A 194 -25.25 46.55 -11.70
N LEU A 195 -24.67 45.71 -10.84
CA LEU A 195 -23.50 44.92 -11.22
C LEU A 195 -23.85 43.93 -12.31
N GLU A 196 -25.00 43.27 -12.19
CA GLU A 196 -25.41 42.30 -13.20
C GLU A 196 -25.75 42.96 -14.52
N GLN A 197 -26.37 44.15 -14.49
CA GLN A 197 -26.64 44.84 -15.74
C GLN A 197 -25.39 45.47 -16.32
N SER A 198 -24.39 45.75 -15.48
CA SER A 198 -23.18 46.44 -15.95
C SER A 198 -22.33 45.54 -16.82
N VAL A 199 -22.05 44.32 -16.37
CA VAL A 199 -21.13 43.43 -17.08
C VAL A 199 -21.91 42.46 -17.96
N LEU A 200 -23.20 42.73 -18.17
CA LEU A 200 -24.12 41.91 -18.97
C LEU A 200 -24.18 40.48 -18.44
N CYS A 201 -24.64 40.34 -17.20
CA CYS A 201 -24.53 39.07 -16.49
C CYS A 201 -25.73 38.83 -15.61
N GLN A 202 -25.72 37.68 -14.93
CA GLN A 202 -26.70 37.29 -13.94
C GLN A 202 -26.00 36.41 -12.92
N ILE A 203 -26.12 36.77 -11.65
CA ILE A 203 -25.36 36.09 -10.61
C ILE A 203 -25.89 34.68 -10.42
N GLU A 204 -24.97 33.70 -10.40
CA GLU A 204 -25.34 32.30 -10.20
C GLU A 204 -24.71 31.76 -8.93
N SER A 205 -24.85 32.49 -7.83
CA SER A 205 -24.18 32.12 -6.58
C SER A 205 -24.78 30.88 -5.96
N ALA A 206 -24.31 29.71 -6.37
CA ALA A 206 -24.78 28.43 -5.83
C ALA A 206 -23.56 27.62 -5.41
N SER A 207 -23.02 27.94 -4.26
CA SER A 207 -21.72 27.46 -3.83
C SER A 207 -21.90 26.74 -2.49
N ASP A 208 -20.78 26.45 -1.82
CA ASP A 208 -20.84 25.84 -0.49
C ASP A 208 -21.55 26.71 0.53
N ILE A 209 -21.53 28.02 0.31
CA ILE A 209 -22.36 28.92 1.11
C ILE A 209 -23.84 28.68 0.87
N VAL A 210 -24.22 28.11 -0.28
CA VAL A 210 -25.61 27.88 -0.63
C VAL A 210 -25.95 26.39 -0.57
N THR A 211 -25.05 25.52 -1.03
CA THR A 211 -25.33 24.07 -1.06
C THR A 211 -25.01 23.44 0.31
N VAL A 212 -25.49 24.08 1.37
CA VAL A 212 -25.60 23.50 2.70
C VAL A 212 -26.95 23.76 3.33
N LEU A 213 -27.72 24.71 2.81
CA LEU A 213 -29.06 25.01 3.28
C LEU A 213 -30.11 24.72 2.24
N ARG A 214 -29.71 24.58 0.98
CA ARG A 214 -30.65 24.22 -0.09
C ARG A 214 -30.87 22.72 -0.14
N TYR A 215 -29.82 21.96 -0.45
CA TYR A 215 -29.96 20.51 -0.59
C TYR A 215 -29.97 19.84 0.77
N CYS A 216 -29.03 20.17 1.63
CA CYS A 216 -28.86 19.47 2.89
C CYS A 216 -29.98 19.85 3.86
N SER A 217 -29.92 19.25 5.05
CA SER A 217 -30.91 19.51 6.08
C SER A 217 -30.86 20.96 6.51
N ARG A 218 -32.04 21.57 6.62
CA ARG A 218 -32.15 23.00 6.90
C ARG A 218 -32.52 23.16 8.37
N PRO A 219 -31.59 23.56 9.23
CA PRO A 219 -31.93 23.75 10.64
C PRO A 219 -32.76 25.01 10.82
N HIS A 220 -33.73 24.92 11.72
CA HIS A 220 -34.56 26.07 12.07
C HIS A 220 -33.90 26.76 13.25
N GLU A 221 -33.39 27.96 13.03
CA GLU A 221 -32.61 28.63 14.05
C GLU A 221 -33.51 29.23 15.11
N TYR A 222 -32.90 29.63 16.22
CA TYR A 222 -33.59 30.27 17.32
C TYR A 222 -32.68 31.38 17.85
N ILE A 223 -33.07 32.63 17.63
CA ILE A 223 -32.29 33.77 18.10
C ILE A 223 -32.82 34.15 19.48
N VAL A 224 -32.20 33.57 20.49
CA VAL A 224 -32.75 33.52 21.84
C VAL A 224 -32.20 34.67 22.67
N GLN A 225 -33.08 35.38 23.36
CA GLN A 225 -32.72 36.48 24.24
C GLN A 225 -32.50 35.96 25.65
N CYS A 226 -31.40 36.36 26.28
CA CYS A 226 -31.14 35.88 27.64
C CYS A 226 -31.84 36.73 28.69
N ALA A 227 -31.32 37.96 28.94
CA ALA A 227 -31.81 38.99 29.85
C ALA A 227 -30.85 40.18 29.78
N PRO A 228 -31.21 41.35 30.31
CA PRO A 228 -30.16 42.34 30.59
C PRO A 228 -29.37 41.88 31.81
N PHE A 229 -28.05 41.83 31.66
CA PHE A 229 -27.21 41.42 32.78
C PHE A 229 -27.16 42.56 33.79
N GLU A 230 -27.99 42.45 34.83
CA GLU A 230 -27.96 43.45 35.89
C GLU A 230 -26.67 43.33 36.69
N MET A 231 -26.08 44.48 37.01
CA MET A 231 -24.78 44.54 37.65
C MET A 231 -24.98 44.37 39.15
N ASP A 232 -24.69 43.18 39.66
CA ASP A 232 -24.67 42.98 41.10
C ASP A 232 -23.42 43.64 41.70
N GLU A 233 -23.37 43.66 43.03
CA GLU A 233 -22.30 44.41 43.71
C GLU A 233 -20.93 43.79 43.49
N LEU A 234 -20.87 42.48 43.24
CA LEU A 234 -19.60 41.81 42.98
C LEU A 234 -19.00 42.31 41.67
N SER A 235 -19.80 42.28 40.60
CA SER A 235 -19.36 42.83 39.32
C SER A 235 -19.16 44.33 39.38
N LEU A 236 -19.89 45.01 40.27
CA LEU A 236 -19.69 46.45 40.45
C LEU A 236 -18.31 46.75 41.01
N VAL A 237 -17.89 46.00 42.03
CA VAL A 237 -16.56 46.19 42.61
C VAL A 237 -15.48 45.75 41.63
N LEU A 238 -15.73 44.67 40.89
CA LEU A 238 -14.76 44.17 39.92
C LEU A 238 -14.55 45.19 38.79
N ALA A 239 -15.64 45.74 38.26
CA ALA A 239 -15.53 46.78 37.26
C ALA A 239 -14.95 48.07 37.83
N ASP A 240 -15.19 48.33 39.13
CA ASP A 240 -14.62 49.50 39.77
C ASP A 240 -13.09 49.43 39.82
N VAL A 241 -12.56 48.29 40.25
CA VAL A 241 -11.11 48.17 40.33
C VAL A 241 -10.49 48.05 38.94
N LEU A 242 -11.19 47.41 37.98
CA LEU A 242 -10.64 47.31 36.64
C LEU A 242 -10.63 48.65 35.94
N ASN A 243 -11.67 49.46 36.14
CA ASN A 243 -11.69 50.81 35.59
C ASN A 243 -10.78 51.76 36.36
N THR A 244 -10.46 51.46 37.61
CA THR A 244 -9.39 52.17 38.29
C THR A 244 -8.05 51.92 37.60
N HIS A 245 -7.80 50.68 37.21
CA HIS A 245 -6.55 50.37 36.53
C HIS A 245 -6.53 50.73 35.06
N LYS A 246 -7.71 50.97 34.46
CA LYS A 246 -7.77 51.37 33.05
C LYS A 246 -7.13 52.73 32.81
N SER A 247 -7.34 53.66 33.75
CA SER A 247 -6.94 55.05 33.56
C SER A 247 -5.44 55.22 33.46
N PHE A 248 -4.67 54.44 34.23
CA PHE A 248 -3.23 54.58 34.20
C PHE A 248 -2.65 54.02 32.92
N LEU A 249 -3.11 52.84 32.52
CA LEU A 249 -2.58 52.16 31.35
C LEU A 249 -3.10 52.75 30.05
N LEU A 250 -4.10 53.64 30.11
CA LEU A 250 -4.54 54.34 28.91
C LEU A 250 -3.43 55.24 28.36
N ASP A 251 -2.71 55.93 29.24
CA ASP A 251 -1.65 56.86 28.84
C ASP A 251 -0.42 56.63 29.71
N HIS A 252 0.05 55.38 29.76
CA HIS A 252 1.13 54.98 30.66
C HIS A 252 2.45 55.68 30.31
N ARG A 253 3.41 55.54 31.23
CA ARG A 253 4.61 56.36 31.26
C ARG A 253 5.84 55.49 31.27
N TYR A 254 6.93 56.03 30.73
CA TYR A 254 8.21 55.34 30.76
C TYR A 254 9.35 56.35 30.70
N ASP A 255 10.42 56.05 31.43
CA ASP A 255 11.59 56.91 31.55
C ASP A 255 12.85 56.11 31.26
N PRO A 256 13.91 56.76 30.74
CA PRO A 256 15.18 56.05 30.55
C PRO A 256 15.90 55.74 31.87
N ASP A 278 -0.19 45.94 24.56
CA ASP A 278 0.02 44.64 25.21
C ASP A 278 -0.41 44.55 26.69
N PRO A 279 -0.18 45.59 27.54
CA PRO A 279 -0.83 45.54 28.86
C PRO A 279 -2.21 46.17 28.84
N LEU A 280 -2.49 46.99 27.82
CA LEU A 280 -3.80 47.64 27.73
C LEU A 280 -4.86 46.66 27.21
N ASN A 281 -4.46 45.73 26.35
CA ASN A 281 -5.41 44.79 25.77
C ASN A 281 -5.94 43.81 26.81
N VAL A 282 -5.10 43.40 27.76
CA VAL A 282 -5.50 42.45 28.79
C VAL A 282 -6.11 43.12 30.01
N ILE A 283 -6.11 44.46 30.06
CA ILE A 283 -6.82 45.18 31.11
C ILE A 283 -8.13 45.75 30.56
N ASN A 284 -8.26 45.84 29.24
CA ASN A 284 -9.47 46.35 28.59
C ASN A 284 -10.40 45.23 28.14
N SER A 285 -9.88 44.19 27.50
CA SER A 285 -10.68 43.08 27.00
C SER A 285 -10.84 41.96 28.03
N LEU A 286 -10.66 42.26 29.32
CA LEU A 286 -11.14 41.40 30.38
C LEU A 286 -12.48 41.88 30.91
N LEU A 287 -12.76 43.18 30.75
CA LEU A 287 -14.03 43.76 31.20
C LEU A 287 -15.22 43.24 30.41
N VAL A 288 -15.00 42.84 29.14
CA VAL A 288 -16.10 42.29 28.36
C VAL A 288 -16.52 40.92 28.89
N VAL A 289 -15.61 40.19 29.54
CA VAL A 289 -15.98 38.96 30.21
C VAL A 289 -16.87 39.26 31.41
N LEU A 290 -16.60 40.36 32.11
CA LEU A 290 -17.45 40.77 33.21
C LEU A 290 -18.83 41.21 32.71
N HIS A 291 -18.86 41.88 31.56
CA HIS A 291 -20.14 42.36 31.03
C HIS A 291 -20.98 41.23 30.45
N GLU A 292 -20.36 40.28 29.77
CA GLU A 292 -21.08 39.26 29.02
C GLU A 292 -21.25 37.95 29.77
N MET A 293 -20.41 37.65 30.74
CA MET A 293 -20.43 36.32 31.34
C MET A 293 -20.60 36.33 32.85
N GLY A 294 -20.04 37.31 33.56
CA GLY A 294 -20.22 37.39 34.98
C GLY A 294 -18.92 37.27 35.74
N PRO A 295 -18.98 37.33 37.07
CA PRO A 295 -17.75 37.34 37.87
C PRO A 295 -17.01 36.02 37.91
N TRP A 296 -17.72 34.90 37.86
CA TRP A 296 -17.08 33.59 37.88
C TRP A 296 -16.26 33.36 36.61
N CYS A 297 -16.85 33.62 35.45
CA CYS A 297 -16.08 33.55 34.22
C CYS A 297 -15.05 34.67 34.14
N THR A 298 -15.26 35.79 34.84
CA THR A 298 -14.20 36.80 34.93
C THR A 298 -12.97 36.25 35.63
N GLN A 299 -13.17 35.51 36.72
CA GLN A 299 -12.05 34.84 37.39
C GLN A 299 -11.39 33.81 36.48
N ARG A 300 -12.20 32.97 35.83
CA ARG A 300 -11.62 31.90 35.04
C ARG A 300 -11.10 32.37 33.68
N ALA A 301 -11.38 33.61 33.28
CA ALA A 301 -10.79 34.18 32.08
C ALA A 301 -9.68 35.18 32.37
N ALA A 302 -9.57 35.63 33.63
CA ALA A 302 -8.36 36.30 34.05
C ALA A 302 -7.27 35.31 34.45
N HIS A 303 -7.65 34.05 34.70
CA HIS A 303 -6.71 32.92 34.73
C HIS A 303 -5.77 32.91 33.54
N HIS A 304 -6.34 32.87 32.34
CA HIS A 304 -5.57 32.76 31.11
C HIS A 304 -4.69 33.99 30.89
N PHE A 305 -5.23 35.18 31.16
CA PHE A 305 -4.45 36.41 31.02
C PHE A 305 -3.33 36.47 32.05
N TYR A 306 -3.57 35.97 33.26
CA TYR A 306 -2.55 35.91 34.30
C TYR A 306 -1.40 35.00 33.89
N GLN A 307 -1.69 33.84 33.31
CA GLN A 307 -0.62 32.98 32.82
C GLN A 307 0.10 33.62 31.64
N CYS A 308 -0.65 34.22 30.71
CA CYS A 308 -0.04 34.75 29.49
C CYS A 308 0.77 36.01 29.77
N ASN A 309 0.52 36.67 30.89
CA ASN A 309 1.35 37.83 31.23
C ASN A 309 2.46 37.49 32.22
N GLU A 310 2.22 36.56 33.16
CA GLU A 310 3.29 36.11 34.05
C GLU A 310 4.38 35.39 33.28
N LYS A 311 4.00 34.63 32.25
CA LYS A 311 4.99 34.04 31.35
C LYS A 311 5.70 35.11 30.54
N LEU A 312 5.00 36.20 30.20
CA LEU A 312 5.56 37.24 29.34
C LEU A 312 5.85 38.54 30.08
N LYS A 313 6.19 38.46 31.37
CA LYS A 313 6.72 39.61 32.09
C LYS A 313 8.19 39.47 32.43
N VAL A 314 8.71 38.23 32.47
CA VAL A 314 10.11 38.01 32.84
C VAL A 314 11.07 38.28 31.69
N LYS A 315 10.55 38.47 30.47
CA LYS A 315 11.38 38.73 29.30
C LYS A 315 11.40 40.20 28.92
N THR A 316 11.16 41.09 29.88
CA THR A 316 11.09 42.51 29.58
C THR A 316 12.49 43.09 29.43
N PRO A 317 12.85 43.65 28.26
CA PRO A 317 14.16 44.31 28.14
C PRO A 317 14.21 45.67 28.82
N HIS A 318 13.06 46.29 29.06
CA HIS A 318 12.98 47.55 29.78
C HIS A 318 12.77 47.26 31.27
N GLU A 319 12.50 48.31 32.04
CA GLU A 319 12.05 48.16 33.41
C GLU A 319 10.68 48.76 33.65
N ARG A 320 10.25 49.70 32.81
CA ARG A 320 8.93 50.31 32.97
C ARG A 320 7.82 49.35 32.54
N HIS A 321 8.04 48.65 31.42
CA HIS A 321 7.07 47.65 30.98
C HIS A 321 7.04 46.45 31.93
N TYR A 322 8.15 46.19 32.62
CA TYR A 322 8.15 45.23 33.71
C TYR A 322 7.19 45.66 34.81
N LEU A 323 7.18 46.95 35.13
CA LEU A 323 6.25 47.44 36.15
C LEU A 323 4.81 47.40 35.64
N LEU A 324 4.58 47.69 34.35
CA LEU A 324 3.23 47.59 33.80
C LEU A 324 2.70 46.17 33.88
N TYR A 325 3.54 45.20 33.52
CA TYR A 325 3.12 43.80 33.54
C TYR A 325 2.96 43.29 34.97
N CYS A 326 3.80 43.78 35.91
CA CYS A 326 3.62 43.43 37.31
C CYS A 326 2.31 43.98 37.86
N LEU A 327 1.96 45.22 37.47
CA LEU A 327 0.70 45.81 37.93
C LEU A 327 -0.50 45.04 37.39
N VAL A 328 -0.46 44.66 36.12
CA VAL A 328 -1.53 43.86 35.52
C VAL A 328 -1.63 42.51 36.22
N SER A 329 -0.49 41.85 36.45
CA SER A 329 -0.49 40.52 37.07
C SER A 329 -1.00 40.55 38.49
N THR A 330 -0.62 41.57 39.27
CA THR A 330 -1.05 41.59 40.66
C THR A 330 -2.49 42.08 40.77
N ALA A 331 -2.98 42.86 39.79
CA ALA A 331 -4.39 43.21 39.75
C ALA A 331 -5.23 41.97 39.48
N LEU A 332 -4.76 41.13 38.56
CA LEU A 332 -5.46 39.87 38.30
C LEU A 332 -5.33 38.89 39.46
N ILE A 333 -4.24 38.98 40.23
CA ILE A 333 -4.09 38.16 41.43
C ILE A 333 -5.12 38.57 42.48
N GLN A 334 -5.27 39.89 42.71
CA GLN A 334 -6.28 40.40 43.62
C GLN A 334 -7.68 40.04 43.14
N LEU A 335 -7.89 40.10 41.82
CA LEU A 335 -9.16 39.73 41.20
C LEU A 335 -9.51 38.28 41.48
N TYR A 336 -8.55 37.38 41.25
CA TYR A 336 -8.75 35.95 41.49
C TYR A 336 -8.99 35.66 42.97
N SER A 337 -8.26 36.36 43.85
CA SER A 337 -8.43 36.17 45.29
C SER A 337 -9.81 36.60 45.76
N LEU A 338 -10.28 37.76 45.29
CA LEU A 338 -11.60 38.24 45.68
C LEU A 338 -12.70 37.34 45.12
N CYS A 339 -12.54 36.86 43.89
CA CYS A 339 -13.53 35.97 43.31
C CYS A 339 -13.56 34.62 44.02
N GLU A 340 -12.40 34.13 44.46
CA GLU A 340 -12.36 32.89 45.24
C GLU A 340 -13.02 33.07 46.60
N HIS A 341 -12.71 34.19 47.28
CA HIS A 341 -13.33 34.47 48.57
C HIS A 341 -14.82 34.74 48.47
N ALA A 342 -15.30 35.14 47.28
CA ALA A 342 -16.72 35.39 47.09
C ALA A 342 -17.54 34.10 47.19
N PHE A 343 -17.28 33.14 46.29
CA PHE A 343 -18.09 31.93 46.24
C PHE A 343 -17.35 30.69 46.69
N HIS A 344 -16.31 30.83 47.53
CA HIS A 344 -15.74 29.69 48.21
C HIS A 344 -15.75 29.81 49.73
N ARG A 345 -15.78 31.03 50.27
CA ARG A 345 -15.80 31.23 51.71
C ARG A 345 -17.18 31.58 52.25
N HIS A 346 -18.02 32.24 51.44
CA HIS A 346 -19.36 32.60 51.91
C HIS A 346 -20.30 31.41 51.87
N LEU A 347 -20.00 30.38 51.08
CA LEU A 347 -20.87 29.22 50.97
C LEU A 347 -20.18 27.96 51.48
N SER A 353 -22.02 22.72 41.58
CA SER A 353 -21.55 24.01 41.11
C SER A 353 -22.53 24.63 40.10
N ARG A 354 -23.67 23.97 39.91
CA ARG A 354 -24.70 24.52 39.04
C ARG A 354 -25.36 25.75 39.67
N GLN A 355 -25.47 25.77 40.99
CA GLN A 355 -26.05 26.92 41.69
C GLN A 355 -25.15 28.14 41.60
N THR A 356 -23.83 27.95 41.62
CA THR A 356 -22.90 29.06 41.50
C THR A 356 -22.99 29.70 40.12
N ILE A 357 -23.10 28.89 39.07
CA ILE A 357 -23.30 29.42 37.73
C ILE A 357 -24.68 30.05 37.60
N GLU A 358 -25.67 29.50 38.29
CA GLU A 358 -27.02 30.07 38.25
C GLU A 358 -27.06 31.45 38.90
N ARG A 359 -26.37 31.63 40.02
CA ARG A 359 -26.52 32.86 40.79
C ARG A 359 -25.43 33.88 40.49
N TYR A 360 -24.21 33.44 40.25
CA TYR A 360 -23.08 34.37 40.19
C TYR A 360 -22.51 34.46 38.79
N SER A 361 -23.36 34.58 37.78
CA SER A 361 -22.93 34.74 36.41
C SER A 361 -24.01 35.46 35.62
N SER A 362 -23.69 35.75 34.36
CA SER A 362 -24.67 36.37 33.47
C SER A 362 -25.78 35.38 33.14
N PRO A 363 -26.98 35.86 32.84
CA PRO A 363 -28.02 34.99 32.29
C PRO A 363 -27.73 34.44 30.91
N LYS A 364 -26.72 34.96 30.20
CA LYS A 364 -26.34 34.37 28.92
C LYS A 364 -25.81 32.94 29.09
N VAL A 365 -24.99 32.69 30.10
CA VAL A 365 -24.57 31.31 30.36
C VAL A 365 -25.72 30.48 30.91
N ARG A 366 -26.73 31.10 31.54
CA ARG A 366 -27.92 30.36 31.94
C ARG A 366 -28.74 29.94 30.73
N ARG A 367 -28.80 30.80 29.71
CA ARG A 367 -29.46 30.43 28.47
C ARG A 367 -28.70 29.33 27.74
N LEU A 368 -27.37 29.38 27.78
CA LEU A 368 -26.57 28.30 27.20
C LEU A 368 -26.77 26.98 27.95
N LEU A 369 -26.83 27.04 29.28
CA LEU A 369 -27.06 25.86 30.10
C LEU A 369 -28.44 25.28 29.86
N GLN A 370 -29.45 26.14 29.68
CA GLN A 370 -30.79 25.65 29.37
C GLN A 370 -30.87 25.08 27.95
N THR A 371 -30.12 25.65 27.00
CA THR A 371 -30.07 25.10 25.65
C THR A 371 -29.43 23.71 25.65
N LEU A 372 -28.35 23.52 26.40
CA LEU A 372 -27.75 22.20 26.49
C LEU A 372 -28.58 21.24 27.34
N ARG A 373 -29.40 21.77 28.26
CA ARG A 373 -30.36 20.93 28.96
C ARG A 373 -31.56 20.55 28.11
N CYS A 374 -31.82 21.31 27.04
CA CYS A 374 -32.89 20.96 26.10
C CYS A 374 -32.54 19.74 25.27
N PHE A 375 -31.26 19.38 25.18
CA PHE A 375 -30.80 18.14 24.56
C PHE A 375 -30.58 17.16 25.69
N LYS A 376 -31.51 16.22 25.86
CA LYS A 376 -31.45 15.28 26.97
C LYS A 376 -30.36 14.24 26.76
N THR A 492 -27.69 11.38 18.53
CA THR A 492 -26.54 11.81 19.30
C THR A 492 -26.23 13.29 19.08
N LEU A 493 -25.82 13.97 20.14
CA LEU A 493 -25.46 15.38 20.05
C LEU A 493 -24.03 15.53 19.54
N CYS A 494 -23.84 16.45 18.59
CA CYS A 494 -22.53 16.96 18.23
C CYS A 494 -22.63 18.48 18.30
N ALA A 495 -22.46 19.05 19.49
CA ALA A 495 -22.58 20.48 19.65
C ALA A 495 -21.32 21.19 19.18
N LEU A 496 -21.49 22.42 18.72
CA LEU A 496 -20.42 23.19 18.09
C LEU A 496 -20.47 24.64 18.53
N ILE A 497 -20.40 24.90 19.84
CA ILE A 497 -20.35 26.27 20.36
C ILE A 497 -19.19 27.05 19.73
N TYR A 498 -19.41 28.31 19.42
CA TYR A 498 -18.41 29.22 18.86
C TYR A 498 -18.14 30.41 19.76
N CYS A 499 -17.19 31.24 19.34
CA CYS A 499 -16.74 32.39 20.12
C CYS A 499 -16.27 33.48 19.17
N ASN A 500 -15.69 34.54 19.76
CA ASN A 500 -15.04 35.60 19.01
C ASN A 500 -13.53 35.52 19.11
N GLN A 501 -12.99 35.50 20.32
CA GLN A 501 -11.56 35.54 20.58
C GLN A 501 -11.09 34.17 21.03
N ASN A 502 -9.82 34.10 21.44
CA ASN A 502 -9.20 32.83 21.78
C ASN A 502 -9.10 32.59 23.28
N HIS A 503 -9.59 33.52 24.10
CA HIS A 503 -9.67 33.31 25.53
C HIS A 503 -11.10 33.13 26.02
N THR A 504 -12.08 33.53 25.21
CA THR A 504 -13.46 33.21 25.52
C THR A 504 -13.72 31.71 25.37
N ALA A 505 -13.03 31.07 24.43
CA ALA A 505 -13.18 29.64 24.23
C ALA A 505 -12.68 28.85 25.43
N ARG A 506 -11.57 29.27 26.02
CA ARG A 506 -11.02 28.54 27.16
C ARG A 506 -11.88 28.69 28.41
N VAL A 507 -12.40 29.89 28.64
CA VAL A 507 -13.25 30.07 29.82
C VAL A 507 -14.61 29.41 29.62
N LEU A 508 -15.14 29.37 28.38
CA LEU A 508 -16.32 28.56 28.14
C LEU A 508 -16.04 27.08 28.33
N PHE A 509 -14.84 26.62 27.94
CA PHE A 509 -14.46 25.23 28.16
C PHE A 509 -14.46 24.88 29.63
N GLU A 510 -13.89 25.75 30.47
CA GLU A 510 -13.82 25.43 31.88
C GLU A 510 -15.21 25.54 32.52
N LEU A 511 -16.04 26.45 31.99
CA LEU A 511 -17.44 26.54 32.41
C LEU A 511 -18.19 25.24 32.16
N LEU A 512 -18.16 24.73 30.93
CA LEU A 512 -18.89 23.50 30.68
C LEU A 512 -18.22 22.27 31.26
N ALA A 513 -16.90 22.29 31.46
CA ALA A 513 -16.25 21.17 32.12
C ALA A 513 -16.71 21.05 33.56
N GLU A 514 -16.72 22.17 34.30
CA GLU A 514 -17.16 22.09 35.70
C GLU A 514 -18.66 21.90 35.80
N ILE A 515 -19.43 22.38 34.83
CA ILE A 515 -20.86 22.11 34.81
C ILE A 515 -21.15 20.63 34.54
N SER A 516 -20.45 20.05 33.56
CA SER A 516 -20.69 18.65 33.20
C SER A 516 -20.16 17.70 34.26
N ARG A 517 -19.15 18.11 35.03
CA ARG A 517 -18.59 17.20 36.01
C ARG A 517 -19.22 17.35 37.39
N ARG A 518 -19.43 18.58 37.86
CA ARG A 518 -20.04 18.78 39.18
C ARG A 518 -21.52 18.46 39.16
N ASP A 519 -22.24 18.90 38.13
CA ASP A 519 -23.63 18.54 38.00
C ASP A 519 -23.76 17.27 37.16
N PRO A 520 -24.21 16.16 37.73
CA PRO A 520 -24.24 14.89 36.99
C PRO A 520 -25.39 14.78 35.99
N ASP A 521 -26.24 15.80 35.88
CA ASP A 521 -27.34 15.75 34.91
C ASP A 521 -26.82 15.81 33.48
N LEU A 522 -25.88 16.70 33.21
CA LEU A 522 -25.26 16.80 31.89
C LEU A 522 -23.92 16.08 31.89
N LYS A 523 -23.98 14.78 32.17
CA LYS A 523 -22.75 13.99 32.29
C LYS A 523 -22.11 13.72 30.94
N PHE A 524 -22.88 13.79 29.87
CA PHE A 524 -22.42 13.38 28.55
C PHE A 524 -21.60 14.46 27.83
N LEU A 525 -21.47 15.65 28.40
CA LEU A 525 -20.74 16.73 27.75
C LEU A 525 -19.25 16.54 27.99
N ARG A 526 -18.53 16.17 26.94
CA ARG A 526 -17.07 16.07 26.97
C ARG A 526 -16.51 17.30 26.25
N CYS A 527 -15.75 18.12 26.97
CA CYS A 527 -15.41 19.47 26.52
C CYS A 527 -13.98 19.54 26.01
N GLN A 528 -13.82 20.04 24.79
CA GLN A 528 -12.51 20.30 24.21
C GLN A 528 -12.57 21.59 23.39
N TYR A 529 -11.58 22.46 23.58
CA TYR A 529 -11.53 23.74 22.92
C TYR A 529 -10.38 23.78 21.92
N THR A 530 -10.52 24.61 20.89
CA THR A 530 -9.46 24.80 19.93
C THR A 530 -9.47 26.23 19.40
N THR A 531 -8.33 26.91 19.58
CA THR A 531 -8.17 28.30 19.25
C THR A 531 -7.61 28.41 17.84
N ASP A 532 -7.16 29.59 17.45
CA ASP A 532 -6.54 29.82 16.15
C ASP A 532 -5.02 29.70 16.28
N ARG A 533 -4.34 29.83 15.15
CA ARG A 533 -2.89 29.90 15.11
C ARG A 533 -2.48 31.21 14.49
N VAL A 534 -1.47 31.85 15.08
CA VAL A 534 -0.95 33.13 14.59
C VAL A 534 0.55 33.11 14.36
N ALA A 535 1.27 32.10 14.83
CA ALA A 535 2.72 32.09 14.74
C ALA A 535 3.18 31.52 13.40
N ASP A 536 4.49 31.35 13.26
CA ASP A 536 5.14 30.81 12.10
C ASP A 536 6.31 29.97 12.56
N PRO A 537 6.76 28.99 11.76
CA PRO A 537 8.02 28.29 12.09
C PRO A 537 9.28 29.15 11.95
N THR A 538 9.17 30.42 11.56
CA THR A 538 10.33 31.30 11.52
C THR A 538 10.90 31.53 12.91
N THR A 539 10.03 31.80 13.89
CA THR A 539 10.46 32.02 15.27
C THR A 539 9.55 31.27 16.23
N GLU A 540 10.13 30.91 17.38
CA GLU A 540 9.51 30.17 18.47
C GLU A 540 8.85 28.87 18.02
N PRO A 541 9.62 27.83 17.68
CA PRO A 541 8.99 26.57 17.27
C PRO A 541 8.49 25.72 18.43
N LYS A 542 8.92 26.00 19.67
CA LYS A 542 8.49 25.20 20.81
C LYS A 542 7.00 25.36 21.09
N GLU A 543 6.55 26.62 21.20
CA GLU A 543 5.14 26.89 21.48
C GLU A 543 4.26 26.48 20.30
N ALA A 544 4.75 26.69 19.08
CA ALA A 544 4.00 26.29 17.88
C ALA A 544 3.83 24.79 17.82
N GLU A 545 4.86 24.03 18.19
CA GLU A 545 4.75 22.58 18.14
C GLU A 545 3.88 22.05 19.29
N LEU A 546 4.00 22.62 20.49
CA LEU A 546 3.15 22.12 21.58
C LEU A 546 1.71 22.59 21.43
N GLU A 547 1.45 23.59 20.58
CA GLU A 547 0.08 23.93 20.23
C GLU A 547 -0.47 23.07 19.09
N HIS A 548 0.37 22.75 18.10
CA HIS A 548 -0.07 21.88 17.02
C HIS A 548 -0.37 20.47 17.51
N ARG A 549 0.49 19.93 18.37
CA ARG A 549 0.27 18.59 18.92
C ARG A 549 -0.84 18.53 19.95
N ARG A 550 -1.36 19.67 20.40
CA ARG A 550 -2.56 19.70 21.24
C ARG A 550 -3.82 19.88 20.40
N GLN A 551 -3.75 20.75 19.39
CA GLN A 551 -4.88 21.00 18.51
C GLN A 551 -5.24 19.77 17.68
N GLU A 552 -4.22 19.03 17.21
CA GLU A 552 -4.51 17.82 16.44
C GLU A 552 -5.14 16.74 17.32
N GLU A 553 -4.77 16.67 18.60
CA GLU A 553 -5.40 15.70 19.49
C GLU A 553 -6.83 16.10 19.82
N VAL A 554 -7.08 17.41 19.97
CA VAL A 554 -8.44 17.89 20.24
C VAL A 554 -9.37 17.59 19.07
N LEU A 555 -8.91 17.89 17.85
CA LEU A 555 -9.76 17.65 16.69
C LEU A 555 -9.82 16.17 16.30
N LYS A 556 -8.85 15.36 16.72
CA LYS A 556 -8.99 13.92 16.55
C LYS A 556 -9.96 13.33 17.58
N ARG A 557 -10.00 13.90 18.79
CA ARG A 557 -10.98 13.46 19.78
C ARG A 557 -12.40 13.81 19.34
N PHE A 558 -12.60 15.03 18.84
CA PHE A 558 -13.91 15.39 18.31
C PHE A 558 -14.20 14.68 17.00
N ARG A 559 -13.17 14.25 16.28
CA ARG A 559 -13.32 13.77 14.91
C ARG A 559 -14.17 12.51 14.83
N MET A 560 -13.87 11.52 15.67
CA MET A 560 -14.62 10.28 15.50
C MET A 560 -15.98 10.35 16.19
N HIS A 561 -16.03 10.20 17.53
CA HIS A 561 -17.23 10.54 18.29
C HIS A 561 -16.96 10.93 19.73
N ASP A 562 -15.70 11.03 20.17
CA ASP A 562 -15.37 10.90 21.59
C ASP A 562 -15.87 12.09 22.41
N CYS A 563 -15.61 13.31 21.96
CA CYS A 563 -16.11 14.51 22.62
C CYS A 563 -17.02 15.26 21.67
N ASN A 564 -18.22 15.59 22.14
CA ASN A 564 -19.23 16.17 21.28
C ASN A 564 -19.04 17.67 21.07
N VAL A 565 -18.96 18.44 22.16
CA VAL A 565 -18.88 19.89 22.05
C VAL A 565 -17.48 20.28 21.62
N LEU A 566 -17.35 21.44 20.98
CA LEU A 566 -16.06 21.95 20.52
C LEU A 566 -16.15 23.46 20.45
N ILE A 567 -15.66 24.14 21.49
CA ILE A 567 -15.87 25.57 21.67
C ILE A 567 -14.78 26.24 20.85
N GLY A 568 -15.06 26.49 19.58
CA GLY A 568 -14.03 26.91 18.66
C GLY A 568 -13.87 28.41 18.56
N THR A 569 -13.20 28.82 17.49
CA THR A 569 -12.99 30.21 17.12
C THR A 569 -12.99 30.19 15.58
N SER A 570 -12.45 31.23 14.94
CA SER A 570 -12.59 31.49 13.51
C SER A 570 -11.89 30.48 12.62
N VAL A 571 -11.04 29.60 13.16
CA VAL A 571 -10.38 28.60 12.33
C VAL A 571 -11.33 27.47 11.96
N LEU A 572 -12.45 27.33 12.67
CA LEU A 572 -13.41 26.24 12.47
C LEU A 572 -14.42 26.52 11.38
N GLU A 573 -14.25 27.59 10.61
CA GLU A 573 -15.19 27.91 9.54
C GLU A 573 -14.71 27.38 8.20
N GLU A 574 -13.57 27.84 7.73
CA GLU A 574 -12.99 27.34 6.48
C GLU A 574 -11.87 26.35 6.83
N GLY A 575 -11.63 25.41 5.92
CA GLY A 575 -10.60 24.45 6.22
C GLY A 575 -11.10 23.16 6.84
N ILE A 576 -11.12 23.17 8.19
CA ILE A 576 -11.28 21.97 9.01
C ILE A 576 -12.55 21.20 8.65
N ASP A 577 -12.39 19.89 8.41
CA ASP A 577 -13.48 18.99 8.07
C ASP A 577 -13.95 18.28 9.32
N VAL A 578 -15.24 18.45 9.65
CA VAL A 578 -15.78 18.03 10.94
C VAL A 578 -16.98 17.14 10.68
N PRO A 579 -17.36 16.30 11.64
CA PRO A 579 -18.59 15.51 11.49
C PRO A 579 -19.83 16.39 11.48
N LYS A 580 -20.91 15.83 10.92
CA LYS A 580 -22.18 16.54 10.90
C LYS A 580 -22.73 16.70 12.32
N CYS A 581 -23.29 17.86 12.59
CA CYS A 581 -23.60 18.29 13.95
C CYS A 581 -25.09 18.19 14.23
N ASN A 582 -25.43 18.36 15.52
CA ASN A 582 -26.79 18.29 16.00
C ASN A 582 -27.28 19.65 16.52
N LEU A 583 -26.55 20.24 17.45
CA LEU A 583 -26.77 21.60 17.90
C LEU A 583 -25.60 22.46 17.46
N VAL A 584 -25.90 23.69 17.05
CA VAL A 584 -24.86 24.66 16.74
C VAL A 584 -25.21 25.94 17.48
N VAL A 585 -24.31 26.37 18.37
CA VAL A 585 -24.54 27.55 19.19
C VAL A 585 -23.61 28.64 18.68
N ARG A 586 -24.15 29.83 18.48
CA ARG A 586 -23.33 31.00 18.27
C ARG A 586 -23.46 31.85 19.52
N TRP A 587 -22.46 31.74 20.40
CA TRP A 587 -22.39 32.54 21.60
C TRP A 587 -22.25 34.02 21.25
N ASP A 588 -21.46 34.31 20.28
CA ASP A 588 -21.43 35.64 19.70
C ASP A 588 -22.57 35.80 18.72
N PRO A 589 -23.20 36.96 18.67
CA PRO A 589 -23.91 37.36 17.48
C PRO A 589 -22.97 37.36 16.30
N PRO A 590 -23.41 36.88 15.14
CA PRO A 590 -22.51 36.74 14.00
C PRO A 590 -21.96 38.08 13.51
N THR A 591 -20.70 38.06 13.10
CA THR A 591 -20.07 39.26 12.58
C THR A 591 -20.68 39.66 11.25
N THR A 592 -20.79 38.71 10.33
CA THR A 592 -21.49 38.91 9.07
C THR A 592 -22.08 37.57 8.66
N TYR A 593 -22.60 37.51 7.44
CA TYR A 593 -23.23 36.28 6.99
C TYR A 593 -22.21 35.16 6.77
N ARG A 594 -20.95 35.50 6.53
CA ARG A 594 -19.91 34.49 6.30
C ARG A 594 -19.76 33.57 7.51
N SER A 595 -19.56 34.16 8.69
CA SER A 595 -19.46 33.39 9.91
C SER A 595 -20.78 32.70 10.23
N TYR A 596 -21.90 33.38 9.99
CA TYR A 596 -23.21 32.86 10.36
C TYR A 596 -23.57 31.62 9.58
N VAL A 597 -23.31 31.60 8.26
CA VAL A 597 -23.75 30.42 7.51
C VAL A 597 -22.65 29.36 7.54
N GLN A 598 -21.37 29.76 7.64
CA GLN A 598 -20.32 28.77 7.65
C GLN A 598 -20.24 28.08 9.01
N CYS A 599 -20.90 28.67 10.02
CA CYS A 599 -21.17 28.03 11.28
C CYS A 599 -22.52 27.33 11.34
N LYS A 600 -23.56 27.91 10.75
CA LYS A 600 -24.89 27.30 10.78
C LYS A 600 -24.98 26.15 9.79
N GLY A 601 -24.31 26.26 8.66
CA GLY A 601 -24.21 25.15 7.73
C GLY A 601 -23.25 24.06 8.17
N ARG A 602 -23.41 23.57 9.41
CA ARG A 602 -22.64 22.48 9.96
C ARG A 602 -23.49 21.43 10.66
N ALA A 603 -24.73 21.74 11.04
CA ALA A 603 -25.60 20.79 11.74
C ALA A 603 -26.59 20.22 10.73
N ARG A 604 -26.20 19.12 10.09
CA ARG A 604 -27.02 18.50 9.05
C ARG A 604 -27.33 17.06 9.43
N ALA A 605 -28.32 16.89 10.30
CA ALA A 605 -28.93 15.59 10.56
C ALA A 605 -30.44 15.63 10.72
N ALA A 606 -31.02 16.81 10.97
CA ALA A 606 -32.40 17.20 11.23
C ALA A 606 -33.12 16.57 12.43
N PRO A 607 -32.46 16.35 13.59
CA PRO A 607 -33.01 16.91 14.83
C PRO A 607 -32.31 18.22 15.13
N ALA A 608 -32.27 19.12 14.15
CA ALA A 608 -31.25 20.16 14.10
C ALA A 608 -31.71 21.45 14.76
N TYR A 609 -30.87 21.97 15.65
CA TYR A 609 -31.13 23.23 16.32
C TYR A 609 -29.89 24.11 16.22
N HIS A 610 -30.08 25.33 15.72
CA HIS A 610 -29.01 26.32 15.63
C HIS A 610 -29.46 27.51 16.48
N VAL A 611 -28.90 27.65 17.65
CA VAL A 611 -29.27 28.72 18.56
C VAL A 611 -28.24 29.83 18.45
N ILE A 612 -28.71 31.08 18.46
CA ILE A 612 -27.85 32.26 18.49
C ILE A 612 -28.20 33.04 19.74
N LEU A 613 -27.23 33.20 20.63
CA LEU A 613 -27.51 33.87 21.90
C LEU A 613 -27.35 35.37 21.70
N VAL A 614 -28.39 36.14 21.99
CA VAL A 614 -28.35 37.57 21.82
C VAL A 614 -28.40 38.21 23.19
N ALA A 615 -27.84 39.41 23.30
CA ALA A 615 -27.52 39.99 24.60
C ALA A 615 -27.43 41.50 24.44
N PRO A 616 -27.31 42.24 25.55
CA PRO A 616 -26.91 43.66 25.44
C PRO A 616 -25.59 43.82 24.70
N SER A 617 -25.53 44.87 23.88
CA SER A 617 -24.52 44.99 22.83
C SER A 617 -23.17 45.42 23.40
N TYR A 618 -22.26 45.79 22.50
CA TYR A 618 -20.88 46.11 22.87
C TYR A 618 -20.73 47.62 22.91
N LYS A 619 -20.43 48.14 24.10
CA LYS A 619 -20.13 49.54 24.31
C LYS A 619 -19.24 49.63 25.54
N SER A 620 -18.73 50.82 25.80
CA SER A 620 -17.83 51.00 26.94
C SER A 620 -18.62 51.02 28.24
N PRO A 621 -18.39 50.07 29.16
CA PRO A 621 -19.12 50.05 30.43
C PRO A 621 -18.42 50.78 31.57
N THR A 622 -17.37 51.54 31.28
CA THR A 622 -16.59 52.20 32.30
C THR A 622 -17.33 53.42 32.85
N VAL A 623 -16.83 53.93 33.97
CA VAL A 623 -17.38 55.12 34.61
C VAL A 623 -16.46 56.32 34.40
N GLY A 624 -15.22 56.24 34.87
CA GLY A 624 -14.31 57.35 34.72
C GLY A 624 -12.91 56.98 35.16
N SER A 625 -12.11 58.01 35.40
CA SER A 625 -10.73 57.85 35.85
C SER A 625 -10.60 57.87 37.36
N VAL A 626 -11.71 57.90 38.09
CA VAL A 626 -11.71 58.04 39.54
C VAL A 626 -11.24 56.75 40.21
N GLN A 627 -10.96 56.83 41.50
CA GLN A 627 -10.48 55.71 42.29
C GLN A 627 -11.69 54.92 42.83
N LEU A 628 -11.45 54.08 43.83
CA LEU A 628 -12.49 53.20 44.38
C LEU A 628 -13.63 54.02 44.99
N THR A 629 -14.85 53.52 44.82
CA THR A 629 -16.03 54.21 45.31
C THR A 629 -16.33 53.81 46.74
N ASP A 630 -17.32 54.51 47.32
CA ASP A 630 -17.77 54.21 48.67
C ASP A 630 -18.44 52.84 48.75
N ARG A 631 -19.21 52.47 47.73
CA ARG A 631 -19.81 51.14 47.68
C ARG A 631 -18.75 50.06 47.52
N SER A 632 -17.73 50.31 46.69
CA SER A 632 -16.66 49.35 46.49
C SER A 632 -15.87 49.14 47.77
N HIS A 633 -15.55 50.22 48.48
CA HIS A 633 -14.82 50.08 49.75
C HIS A 633 -15.70 49.43 50.81
N ARG A 634 -17.01 49.68 50.79
CA ARG A 634 -17.90 49.00 51.72
C ARG A 634 -17.94 47.50 51.46
N TYR A 635 -17.96 47.10 50.19
CA TYR A 635 -17.92 45.67 49.89
C TYR A 635 -16.57 45.06 50.25
N ILE A 636 -15.49 45.82 50.07
CA ILE A 636 -14.16 45.31 50.42
C ILE A 636 -14.04 45.10 51.93
N CYS A 637 -14.47 46.09 52.72
CA CYS A 637 -14.35 46.00 54.17
C CYS A 637 -15.35 45.01 54.76
N ALA A 638 -16.56 44.94 54.21
CA ALA A 638 -17.55 43.99 54.71
C ALA A 638 -17.22 42.57 54.28
N THR A 639 -16.79 42.39 53.04
CA THR A 639 -16.43 41.06 52.54
C THR A 639 -14.94 40.99 52.24
N SER A 759 -30.22 47.45 28.24
CA SER A 759 -31.14 47.78 27.17
C SER A 759 -31.20 46.65 26.14
N LEU A 760 -31.90 45.56 26.51
CA LEU A 760 -32.06 44.42 25.61
C LEU A 760 -32.88 44.79 24.38
N ALA A 761 -33.83 45.72 24.51
CA ALA A 761 -34.77 46.00 23.44
C ALA A 761 -34.09 46.65 22.23
N SER A 762 -33.22 47.62 22.48
CA SER A 762 -32.57 48.35 21.38
C SER A 762 -31.64 47.45 20.59
N THR A 763 -30.74 46.75 21.28
CA THR A 763 -29.80 45.86 20.62
C THR A 763 -30.50 44.67 19.98
N THR A 764 -31.62 44.23 20.55
CA THR A 764 -32.30 43.07 20.01
C THR A 764 -33.13 43.46 18.80
N LYS A 765 -33.67 44.69 18.77
CA LYS A 765 -34.26 45.21 17.55
C LYS A 765 -33.21 45.35 16.46
N ASP A 766 -32.03 45.87 16.81
CA ASP A 766 -30.95 46.02 15.82
C ASP A 766 -30.47 44.67 15.31
N LEU A 767 -30.39 43.68 16.18
CA LEU A 767 -29.89 42.38 15.77
C LEU A 767 -30.96 41.49 15.16
N VAL A 768 -32.24 41.70 15.45
CA VAL A 768 -33.26 41.03 14.67
C VAL A 768 -33.41 41.72 13.33
N HIS A 769 -33.04 43.00 13.22
CA HIS A 769 -32.90 43.63 11.91
C HIS A 769 -31.75 43.02 11.14
N GLN A 770 -30.62 42.77 11.82
CA GLN A 770 -29.52 42.04 11.20
C GLN A 770 -29.90 40.61 10.84
N MET A 771 -30.73 39.95 11.66
CA MET A 771 -31.18 38.59 11.39
C MET A 771 -32.17 38.52 10.24
N ALA A 772 -33.14 39.44 10.18
CA ALA A 772 -33.98 39.56 9.01
C ALA A 772 -33.16 39.92 7.77
N GLN A 773 -32.08 40.68 7.96
CA GLN A 773 -31.16 40.96 6.87
C GLN A 773 -30.43 39.69 6.44
N TYR A 774 -30.11 38.81 7.39
CA TYR A 774 -29.48 37.53 7.05
C TYR A 774 -30.44 36.61 6.30
N ARG A 775 -31.69 36.57 6.74
CA ARG A 775 -32.70 35.79 6.03
C ARG A 775 -32.98 36.38 4.65
N GLU A 776 -32.90 37.71 4.53
CA GLU A 776 -32.99 38.32 3.22
C GLU A 776 -31.77 38.00 2.37
N ILE A 777 -30.60 37.85 2.99
CA ILE A 777 -29.40 37.45 2.29
C ILE A 777 -29.57 36.05 1.71
N GLU A 778 -30.07 35.12 2.53
CA GLU A 778 -30.23 33.75 2.04
C GLU A 778 -31.36 33.64 1.04
N GLN A 779 -32.39 34.50 1.16
CA GLN A 779 -33.42 34.57 0.12
C GLN A 779 -32.84 35.09 -1.19
N MET A 780 -31.91 36.04 -1.10
CA MET A 780 -31.28 36.56 -2.31
C MET A 780 -30.40 35.50 -2.96
N LEU A 781 -29.64 34.77 -2.14
CA LEU A 781 -28.78 33.69 -2.67
C LEU A 781 -29.60 32.59 -3.33
N LEU A 782 -30.69 32.18 -2.69
CA LEU A 782 -31.56 31.17 -3.28
C LEU A 782 -32.31 31.72 -4.48
N SER A 783 -32.51 33.04 -4.53
CA SER A 783 -33.13 33.65 -5.70
C SER A 783 -32.21 33.63 -6.89
N LYS A 784 -30.90 33.73 -6.66
CA LYS A 784 -29.95 33.74 -7.78
C LYS A 784 -29.60 32.34 -8.26
N CYS A 785 -30.06 31.28 -7.58
CA CYS A 785 -29.74 29.92 -7.97
C CYS A 785 -30.38 29.54 -9.30
N ALA A 786 -29.70 28.67 -10.04
CA ALA A 786 -30.28 28.14 -11.27
C ALA A 786 -31.38 27.14 -10.95
N ASN A 787 -31.03 26.04 -10.31
CA ASN A 787 -32.02 25.01 -10.02
C ASN A 787 -32.90 25.41 -8.84
N THR A 788 -34.17 25.05 -8.93
CA THR A 788 -35.16 25.39 -7.92
C THR A 788 -35.70 24.10 -7.31
N GLU A 789 -35.92 24.13 -6.00
CA GLU A 789 -36.34 22.95 -5.27
C GLU A 789 -37.73 23.14 -4.68
N PRO A 790 -38.56 22.09 -4.74
CA PRO A 790 -39.85 22.14 -4.07
C PRO A 790 -39.67 22.18 -2.55
N PRO A 791 -40.61 22.78 -1.85
CA PRO A 791 -40.49 22.86 -0.38
C PRO A 791 -40.86 21.53 0.26
N GLU A 792 -40.73 21.48 1.59
CA GLU A 792 -41.01 20.26 2.34
C GLU A 792 -42.50 19.93 2.41
N GLN A 793 -43.36 20.93 2.18
CA GLN A 793 -44.79 20.68 2.11
C GLN A 793 -45.16 19.79 0.93
N GLU A 794 -44.44 19.94 -0.19
CA GLU A 794 -44.74 19.12 -1.36
C GLU A 794 -44.35 17.67 -1.13
N GLN A 795 -43.23 17.42 -0.46
CA GLN A 795 -42.85 16.04 -0.16
C GLN A 795 -43.75 15.44 0.93
N CYS A 796 -44.22 16.27 1.88
CA CYS A 796 -45.17 15.78 2.87
C CYS A 796 -46.50 15.37 2.23
N GLU A 797 -47.03 16.19 1.31
CA GLU A 797 -48.25 15.78 0.64
C GLU A 797 -47.99 14.70 -0.40
N ALA A 798 -46.74 14.53 -0.84
CA ALA A 798 -46.40 13.40 -1.69
C ALA A 798 -46.47 12.09 -0.92
N GLU A 799 -45.93 12.07 0.30
CA GLU A 799 -46.02 10.88 1.14
C GLU A 799 -47.45 10.61 1.58
N ARG A 800 -48.23 11.67 1.84
CA ARG A 800 -49.60 11.48 2.27
C ARG A 800 -50.50 11.02 1.12
N PHE A 801 -50.36 11.63 -0.05
CA PHE A 801 -51.37 11.47 -1.10
C PHE A 801 -51.17 10.18 -1.91
N SER A 802 -50.06 10.09 -2.64
CA SER A 802 -50.03 9.19 -3.79
C SER A 802 -49.01 8.08 -3.68
N ALA A 803 -48.97 7.40 -2.54
CA ALA A 803 -48.09 6.25 -2.34
C ALA A 803 -48.79 4.94 -2.63
N CYS A 804 -49.67 4.91 -3.64
CA CYS A 804 -50.51 3.74 -3.89
C CYS A 804 -50.32 3.24 -5.32
N LEU A 805 -49.08 3.05 -5.72
CA LEU A 805 -48.72 2.42 -6.98
C LEU A 805 -48.26 0.98 -6.70
N ALA A 806 -48.35 0.12 -7.71
CA ALA A 806 -47.89 -1.25 -7.60
C ALA A 806 -46.37 -1.25 -7.56
N ALA A 807 -45.80 -1.64 -6.41
CA ALA A 807 -44.35 -1.68 -6.25
C ALA A 807 -43.76 -2.80 -7.10
N TYR A 808 -42.58 -2.53 -7.66
CA TYR A 808 -41.91 -3.51 -8.51
C TYR A 808 -41.22 -4.53 -7.64
N ARG A 809 -41.86 -5.70 -7.49
CA ARG A 809 -41.28 -6.77 -6.68
C ARG A 809 -40.61 -7.77 -7.61
N PRO A 810 -39.28 -7.92 -7.56
CA PRO A 810 -38.63 -8.97 -8.35
C PRO A 810 -39.04 -10.37 -7.96
N LYS A 811 -39.29 -10.62 -6.68
CA LYS A 811 -39.63 -11.95 -6.17
C LYS A 811 -40.94 -11.80 -5.41
N PRO A 812 -42.07 -11.80 -6.12
CA PRO A 812 -43.34 -11.39 -5.50
C PRO A 812 -44.00 -12.42 -4.61
N HIS A 813 -43.53 -13.66 -4.58
CA HIS A 813 -44.26 -14.71 -3.86
C HIS A 813 -44.08 -14.62 -2.34
N LEU A 814 -42.93 -14.15 -1.88
CA LEU A 814 -42.60 -14.09 -0.45
C LEU A 814 -42.66 -12.63 -0.04
N LEU A 815 -43.68 -12.27 0.75
CA LEU A 815 -43.97 -10.87 1.02
C LEU A 815 -43.27 -10.34 2.27
N THR A 816 -41.98 -10.62 2.38
CA THR A 816 -41.06 -9.86 3.24
C THR A 816 -39.76 -9.56 2.50
N GLY A 817 -39.81 -9.57 1.16
CA GLY A 817 -38.60 -9.54 0.36
C GLY A 817 -38.20 -8.19 -0.19
N ALA A 818 -38.46 -7.97 -1.48
CA ALA A 818 -37.90 -6.84 -2.18
C ALA A 818 -38.99 -6.10 -2.96
N SER A 819 -38.96 -4.77 -2.89
CA SER A 819 -39.90 -3.93 -3.62
C SER A 819 -39.29 -2.54 -3.81
N VAL A 820 -39.81 -1.81 -4.79
CA VAL A 820 -39.43 -0.42 -5.03
C VAL A 820 -40.72 0.40 -4.97
N ASP A 821 -40.93 1.10 -3.86
CA ASP A 821 -42.07 1.96 -3.68
C ASP A 821 -41.70 3.36 -4.15
N LEU A 822 -42.48 4.37 -3.75
CA LEU A 822 -42.15 5.74 -4.09
C LEU A 822 -40.92 6.21 -3.30
N GLY A 823 -40.90 5.97 -1.99
CA GLY A 823 -39.82 6.51 -1.17
C GLY A 823 -38.54 5.70 -1.24
N SER A 824 -38.67 4.36 -1.30
CA SER A 824 -37.50 3.50 -1.37
C SER A 824 -36.72 3.73 -2.66
N ALA A 825 -37.40 4.18 -3.71
CA ALA A 825 -36.76 4.46 -4.98
C ALA A 825 -35.77 5.59 -4.88
N ILE A 826 -36.20 6.71 -4.31
CA ILE A 826 -35.31 7.85 -4.20
C ILE A 826 -34.25 7.60 -3.14
N ALA A 827 -34.52 6.74 -2.16
CA ALA A 827 -33.45 6.34 -1.25
C ALA A 827 -32.48 5.34 -1.88
N LEU A 828 -32.90 4.64 -2.93
CA LEU A 828 -32.09 3.56 -3.52
C LEU A 828 -31.22 4.00 -4.67
N VAL A 829 -31.64 4.98 -5.46
CA VAL A 829 -30.76 5.46 -6.54
C VAL A 829 -29.53 6.17 -5.97
N ASN A 830 -29.61 6.67 -4.73
CA ASN A 830 -28.43 7.13 -4.00
C ASN A 830 -27.96 6.15 -2.94
N LYS A 831 -28.48 4.93 -2.96
CA LYS A 831 -27.80 3.80 -2.36
C LYS A 831 -26.86 3.13 -3.35
N TYR A 832 -27.25 3.10 -4.61
CA TYR A 832 -26.51 2.39 -5.64
C TYR A 832 -25.32 3.16 -6.17
N CYS A 833 -25.53 4.44 -6.53
CA CYS A 833 -24.48 5.21 -7.18
C CYS A 833 -23.32 5.56 -6.25
N ALA A 834 -23.58 5.64 -4.94
CA ALA A 834 -22.49 5.85 -3.99
C ALA A 834 -21.74 4.58 -3.65
N ARG A 835 -22.28 3.40 -3.97
CA ARG A 835 -21.56 2.14 -3.85
C ARG A 835 -21.06 1.73 -5.24
N LEU A 836 -20.04 2.43 -5.69
CA LEU A 836 -19.43 2.21 -6.99
C LEU A 836 -17.92 2.37 -6.80
N PRO A 837 -17.09 1.87 -7.75
CA PRO A 837 -15.67 2.19 -7.66
C PRO A 837 -15.34 3.67 -7.88
N SER A 838 -14.77 4.27 -6.84
CA SER A 838 -14.45 5.69 -6.81
C SER A 838 -13.36 5.93 -5.78
N ASP A 839 -12.44 6.84 -6.09
CA ASP A 839 -11.38 7.22 -5.18
C ASP A 839 -11.81 8.41 -4.32
N THR A 840 -10.86 9.03 -3.64
CA THR A 840 -11.17 10.12 -2.72
C THR A 840 -11.64 11.37 -3.45
N PHE A 841 -11.02 11.68 -4.58
CA PHE A 841 -11.25 12.94 -5.28
C PHE A 841 -12.62 13.01 -5.96
N THR A 842 -13.33 11.90 -6.11
CA THR A 842 -14.53 11.84 -6.95
C THR A 842 -15.77 11.75 -6.08
N LYS A 843 -16.75 12.58 -6.38
CA LYS A 843 -18.11 12.45 -5.87
C LYS A 843 -18.94 11.92 -7.03
N LEU A 844 -19.34 10.66 -6.94
CA LEU A 844 -20.21 10.06 -7.95
C LEU A 844 -21.65 10.26 -7.54
N THR A 845 -22.48 10.66 -8.50
CA THR A 845 -23.82 11.14 -8.19
C THR A 845 -24.74 10.86 -9.36
N ALA A 846 -26.04 10.97 -9.10
CA ALA A 846 -27.05 10.86 -10.16
C ALA A 846 -27.42 12.26 -10.60
N LEU A 847 -27.22 12.55 -11.89
CA LEU A 847 -27.40 13.91 -12.40
C LEU A 847 -28.83 14.09 -12.85
N TRP A 848 -29.69 14.51 -11.94
CA TRP A 848 -31.11 14.64 -12.21
C TRP A 848 -31.40 15.88 -13.05
N ARG A 849 -32.63 15.95 -13.59
CA ARG A 849 -33.08 17.11 -14.34
C ARG A 849 -34.59 17.19 -14.25
N CYS A 850 -35.12 18.33 -13.83
CA CYS A 850 -36.56 18.53 -13.75
C CYS A 850 -37.10 19.11 -15.05
N THR A 851 -38.41 18.98 -15.24
CA THR A 851 -39.08 19.45 -16.45
C THR A 851 -40.57 19.61 -16.13
N ARG A 852 -41.20 20.65 -16.68
CA ARG A 852 -42.63 20.88 -16.52
C ARG A 852 -43.30 20.98 -17.87
N ASN A 853 -44.60 20.68 -17.89
CA ASN A 853 -45.48 20.95 -19.03
C ASN A 853 -46.91 21.03 -18.49
N GLU A 854 -47.87 21.19 -19.40
CA GLU A 854 -49.28 21.33 -19.04
C GLU A 854 -50.09 20.25 -19.74
N ARG A 855 -50.78 19.42 -18.97
CA ARG A 855 -51.69 18.42 -19.54
C ARG A 855 -52.97 18.40 -18.72
N ALA A 856 -54.11 18.42 -19.43
CA ALA A 856 -55.45 18.43 -18.87
C ALA A 856 -55.68 19.59 -17.91
N GLY A 857 -55.01 20.72 -18.16
CA GLY A 857 -55.11 21.86 -17.29
C GLY A 857 -54.27 21.79 -16.03
N VAL A 858 -53.49 20.72 -15.84
CA VAL A 858 -52.67 20.54 -14.66
C VAL A 858 -51.21 20.57 -15.08
N THR A 859 -50.37 21.26 -14.31
CA THR A 859 -48.95 21.27 -14.57
C THR A 859 -48.35 19.93 -14.16
N LEU A 860 -47.85 19.20 -15.14
CA LEU A 860 -47.24 17.89 -14.94
C LEU A 860 -45.73 18.04 -14.99
N PHE A 861 -45.03 17.19 -14.25
CA PHE A 861 -43.58 17.28 -14.09
C PHE A 861 -42.91 15.96 -14.44
N GLN A 862 -41.87 16.03 -15.26
CA GLN A 862 -41.02 14.91 -15.64
C GLN A 862 -39.98 14.68 -14.56
N TYR A 863 -38.99 13.84 -14.87
CA TYR A 863 -37.56 14.07 -14.70
C TYR A 863 -36.80 13.43 -15.85
N THR A 864 -35.49 13.55 -15.75
CA THR A 864 -34.53 12.69 -16.42
C THR A 864 -33.44 12.37 -15.43
N LEU A 865 -32.95 11.14 -15.44
CA LEU A 865 -31.92 10.74 -14.50
C LEU A 865 -30.71 10.27 -15.28
N ARG A 866 -29.55 10.36 -14.65
CA ARG A 866 -28.32 9.87 -15.27
C ARG A 866 -27.49 9.29 -14.14
N LEU A 867 -27.43 7.97 -14.08
CA LEU A 867 -26.53 7.30 -13.17
C LEU A 867 -25.10 7.52 -13.67
N PRO A 868 -24.09 7.42 -12.79
CA PRO A 868 -22.71 7.75 -13.19
C PRO A 868 -22.20 6.91 -14.36
N ILE A 869 -21.26 7.49 -15.11
CA ILE A 869 -20.68 6.78 -16.25
C ILE A 869 -19.80 5.62 -15.79
N ASN A 870 -19.39 5.65 -14.53
CA ASN A 870 -18.75 4.50 -13.91
C ASN A 870 -19.72 3.32 -13.81
N SER A 871 -21.00 3.58 -13.54
CA SER A 871 -22.04 2.56 -13.45
C SER A 871 -22.38 1.97 -14.82
N PRO A 872 -22.80 0.71 -14.86
CA PRO A 872 -23.19 0.09 -16.15
C PRO A 872 -24.62 0.37 -16.59
N LEU A 873 -25.32 1.30 -15.97
CA LEU A 873 -26.62 1.76 -16.49
C LEU A 873 -26.35 2.99 -17.36
N LYS A 874 -25.98 2.72 -18.61
CA LYS A 874 -25.42 3.74 -19.49
C LYS A 874 -26.47 4.52 -20.25
N HIS A 875 -27.72 4.49 -19.82
CA HIS A 875 -28.79 5.24 -20.46
C HIS A 875 -29.53 6.08 -19.44
N ASP A 876 -30.27 7.07 -19.93
CA ASP A 876 -31.01 7.96 -19.07
C ASP A 876 -32.42 7.45 -18.84
N ILE A 877 -32.89 7.62 -17.60
CA ILE A 877 -34.18 7.10 -17.19
C ILE A 877 -35.20 8.21 -17.44
N VAL A 878 -35.73 8.27 -18.65
CA VAL A 878 -36.66 9.35 -19.02
C VAL A 878 -37.99 9.10 -18.32
N GLY A 879 -38.42 10.04 -17.50
CA GLY A 879 -39.48 9.82 -16.54
C GLY A 879 -40.88 10.02 -17.12
N LEU A 880 -41.85 10.02 -16.20
CA LEU A 880 -43.26 10.11 -16.54
C LEU A 880 -43.95 11.26 -15.81
N PRO A 881 -44.81 12.00 -16.49
CA PRO A 881 -45.30 13.27 -15.95
C PRO A 881 -46.27 13.13 -14.79
N MET A 882 -45.84 13.61 -13.63
CA MET A 882 -46.60 13.58 -12.39
C MET A 882 -47.00 15.00 -12.00
N PRO A 883 -48.03 15.18 -11.15
CA PRO A 883 -48.52 16.55 -10.90
C PRO A 883 -47.63 17.42 -10.05
N THR A 884 -46.91 16.87 -9.07
CA THR A 884 -45.97 17.68 -8.31
C THR A 884 -44.57 17.45 -8.84
N GLN A 885 -43.57 18.11 -8.25
CA GLN A 885 -42.20 17.80 -8.62
C GLN A 885 -41.66 16.59 -7.87
N THR A 886 -42.01 16.44 -6.60
CA THR A 886 -41.42 15.36 -5.81
C THR A 886 -42.08 14.02 -6.05
N LEU A 887 -43.37 13.97 -6.40
CA LEU A 887 -43.95 12.70 -6.82
C LEU A 887 -43.34 12.25 -8.13
N ALA A 888 -43.04 13.20 -9.02
CA ALA A 888 -42.27 12.91 -10.22
C ALA A 888 -40.88 12.42 -9.89
N ARG A 889 -40.27 12.97 -8.83
CA ARG A 889 -38.96 12.53 -8.39
C ARG A 889 -38.97 11.08 -7.95
N ARG A 890 -39.93 10.73 -7.10
CA ARG A 890 -40.03 9.39 -6.57
C ARG A 890 -40.36 8.39 -7.68
N LEU A 891 -41.21 8.78 -8.61
CA LEU A 891 -41.55 7.87 -9.71
C LEU A 891 -40.40 7.72 -10.70
N ALA A 892 -39.63 8.79 -10.97
CA ALA A 892 -38.50 8.63 -11.88
C ALA A 892 -37.39 7.80 -11.26
N ALA A 893 -37.21 7.89 -9.94
CA ALA A 893 -36.31 6.97 -9.27
C ALA A 893 -36.87 5.54 -9.27
N LEU A 894 -38.20 5.39 -9.28
CA LEU A 894 -38.77 4.04 -9.37
C LEU A 894 -38.52 3.43 -10.73
N GLN A 895 -38.66 4.24 -11.78
CA GLN A 895 -38.32 3.78 -13.11
C GLN A 895 -36.84 3.43 -13.23
N ALA A 896 -35.98 4.20 -12.55
CA ALA A 896 -34.55 3.88 -12.53
C ALA A 896 -34.28 2.54 -11.83
N CYS A 897 -34.94 2.28 -10.70
CA CYS A 897 -34.71 1.01 -10.02
C CYS A 897 -35.28 -0.19 -10.79
N VAL A 898 -36.39 0.01 -11.52
CA VAL A 898 -36.94 -1.04 -12.41
C VAL A 898 -35.96 -1.38 -13.53
N GLU A 899 -35.46 -0.36 -14.24
CA GLU A 899 -34.50 -0.66 -15.31
C GLU A 899 -33.17 -1.15 -14.76
N LEU A 900 -32.82 -0.75 -13.53
CA LEU A 900 -31.61 -1.24 -12.89
C LEU A 900 -31.71 -2.73 -12.61
N HIS A 901 -32.80 -3.18 -11.99
CA HIS A 901 -32.94 -4.61 -11.69
C HIS A 901 -33.13 -5.43 -12.96
N ARG A 902 -33.81 -4.88 -13.97
CA ARG A 902 -33.95 -5.59 -15.24
C ARG A 902 -32.61 -5.77 -15.94
N ILE A 903 -31.76 -4.75 -15.91
CA ILE A 903 -30.47 -4.86 -16.60
C ILE A 903 -29.47 -5.70 -15.84
N GLY A 904 -29.73 -6.00 -14.57
CA GLY A 904 -28.89 -6.91 -13.81
C GLY A 904 -28.04 -6.29 -12.74
N GLU A 905 -28.07 -4.97 -12.55
CA GLU A 905 -27.26 -4.34 -11.51
C GLU A 905 -27.77 -4.67 -10.13
N LEU A 906 -29.04 -4.99 -10.00
CA LEU A 906 -29.63 -5.28 -8.70
C LEU A 906 -29.81 -6.77 -8.52
N ASP A 907 -29.65 -7.21 -7.28
CA ASP A 907 -29.83 -8.61 -6.94
C ASP A 907 -31.27 -8.84 -6.48
N ASP A 908 -31.53 -10.00 -5.88
CA ASP A 908 -32.85 -10.35 -5.41
C ASP A 908 -33.30 -9.55 -4.19
N GLN A 909 -32.41 -8.77 -3.57
CA GLN A 909 -32.78 -7.87 -2.49
C GLN A 909 -32.63 -6.40 -2.89
N LEU A 910 -32.53 -6.13 -4.20
CA LEU A 910 -32.52 -4.78 -4.77
C LEU A 910 -31.37 -3.93 -4.26
N GLN A 911 -30.22 -4.57 -4.04
CA GLN A 911 -28.95 -3.96 -3.72
C GLN A 911 -28.01 -4.07 -4.91
N PRO A 912 -26.99 -3.23 -5.03
CA PRO A 912 -25.95 -3.50 -6.03
C PRO A 912 -25.14 -4.72 -5.63
N ILE A 913 -24.57 -5.39 -6.63
CA ILE A 913 -24.18 -6.79 -6.47
C ILE A 913 -22.90 -7.01 -5.66
N GLY A 914 -22.33 -5.97 -5.05
CA GLY A 914 -21.31 -6.17 -4.04
C GLY A 914 -19.91 -6.25 -4.62
N LYS A 915 -19.09 -7.11 -4.02
CA LYS A 915 -17.76 -7.38 -4.56
C LYS A 915 -17.60 -8.85 -4.95
N GLU A 916 -17.91 -9.74 -4.01
CA GLU A 916 -17.77 -11.18 -4.20
C GLU A 916 -18.98 -11.79 -4.88
N GLY A 917 -20.00 -11.00 -5.16
CA GLY A 917 -21.25 -11.47 -5.72
C GLY A 917 -21.23 -11.69 -7.21
N PHE A 918 -20.08 -11.62 -7.86
CA PHE A 918 -20.00 -11.87 -9.29
C PHE A 918 -19.89 -13.36 -9.55
N ARG A 919 -20.81 -13.88 -10.36
CA ARG A 919 -20.83 -15.29 -10.75
C ARG A 919 -20.52 -15.37 -12.23
N ALA A 920 -19.46 -16.07 -12.57
CA ALA A 920 -19.07 -16.21 -13.97
C ALA A 920 -19.98 -17.19 -14.67
N LEU A 921 -20.46 -16.82 -15.85
CA LEU A 921 -21.37 -17.67 -16.61
C LEU A 921 -20.66 -18.73 -17.44
N GLU A 922 -19.34 -18.66 -17.57
CA GLU A 922 -18.62 -19.68 -18.32
C GLU A 922 -18.57 -20.99 -17.53
N PRO A 923 -18.66 -22.14 -18.20
CA PRO A 923 -18.83 -23.40 -17.46
C PRO A 923 -17.59 -23.89 -16.72
N ASP A 924 -16.39 -23.61 -17.23
CA ASP A 924 -15.18 -24.12 -16.56
C ASP A 924 -14.91 -23.38 -15.26
N TRP A 925 -15.42 -22.16 -15.12
CA TRP A 925 -15.22 -21.36 -13.91
C TRP A 925 -16.19 -21.82 -12.82
N GLU A 926 -16.35 -21.00 -11.77
CA GLU A 926 -17.15 -21.22 -10.56
C GLU A 926 -16.80 -22.55 -9.87
N CYS A 927 -17.62 -22.98 -8.91
CA CYS A 927 -17.50 -24.21 -8.12
C CYS A 927 -16.10 -24.43 -7.54
N PHE A 928 -15.18 -24.92 -8.38
CA PHE A 928 -13.79 -25.23 -8.01
C PHE A 928 -13.71 -26.19 -6.84
N GLU A 929 -14.52 -27.25 -6.90
CA GLU A 929 -14.55 -28.26 -5.85
C GLU A 929 -13.29 -29.11 -5.93
N LEU A 930 -12.79 -29.52 -4.77
CA LEU A 930 -11.44 -30.04 -4.65
C LEU A 930 -11.45 -31.56 -4.56
N GLU A 931 -10.26 -32.15 -4.64
CA GLU A 931 -10.11 -33.54 -4.23
C GLU A 931 -10.30 -33.60 -2.71
N PRO A 932 -10.91 -34.67 -2.18
CA PRO A 932 -11.29 -34.67 -0.76
C PRO A 932 -10.13 -34.57 0.21
N GLU A 933 -8.96 -35.08 -0.16
CA GLU A 933 -7.76 -34.87 0.65
C GLU A 933 -7.42 -33.39 0.74
N ASP A 934 -7.55 -32.67 -0.38
CA ASP A 934 -7.43 -31.22 -0.34
C ASP A 934 -8.69 -30.54 0.20
N GLU A 935 -9.87 -31.11 -0.07
CA GLU A 935 -11.11 -30.38 0.23
C GLU A 935 -11.38 -30.30 1.72
N GLN A 936 -11.17 -31.40 2.45
CA GLN A 936 -11.44 -31.38 3.89
C GLN A 936 -10.44 -30.50 4.63
N ILE A 937 -9.20 -30.43 4.16
CA ILE A 937 -8.22 -29.57 4.82
C ILE A 937 -8.35 -28.11 4.38
N VAL A 938 -9.03 -27.84 3.26
CA VAL A 938 -9.43 -26.47 2.98
C VAL A 938 -10.61 -26.06 3.85
N GLN A 939 -11.59 -26.95 4.00
CA GLN A 939 -12.79 -26.64 4.78
C GLN A 939 -12.48 -26.48 6.26
N LEU A 940 -11.62 -27.34 6.82
CA LEU A 940 -11.36 -27.33 8.25
C LEU A 940 -10.18 -26.45 8.62
N SER A 941 -9.10 -26.48 7.82
CA SER A 941 -7.93 -25.61 7.91
C SER A 941 -7.16 -25.77 9.22
N ASP A 942 -7.33 -26.91 9.91
CA ASP A 942 -6.50 -27.16 11.09
C ASP A 942 -5.07 -27.50 10.70
N GLU A 943 -4.91 -28.27 9.62
CA GLU A 943 -3.62 -28.47 8.99
C GLU A 943 -3.24 -27.22 8.19
N PRO A 944 -1.96 -27.07 7.83
CA PRO A 944 -1.58 -26.00 6.90
C PRO A 944 -2.26 -26.15 5.54
N ARG A 945 -2.60 -25.00 4.95
CA ARG A 945 -3.46 -24.96 3.78
C ARG A 945 -2.72 -25.45 2.53
N PRO A 946 -3.47 -25.91 1.51
CA PRO A 946 -2.86 -26.22 0.23
C PRO A 946 -2.32 -24.98 -0.47
N GLY A 947 -1.49 -25.21 -1.47
CA GLY A 947 -0.89 -24.13 -2.22
C GLY A 947 0.18 -23.36 -1.49
N THR A 948 0.64 -23.87 -0.35
CA THR A 948 1.61 -23.19 0.50
C THR A 948 2.79 -24.12 0.77
N THR A 949 3.97 -23.53 1.02
CA THR A 949 5.14 -24.31 1.42
C THR A 949 5.01 -24.87 2.83
N LYS A 950 4.05 -24.38 3.62
CA LYS A 950 3.87 -24.79 5.01
C LYS A 950 3.34 -26.22 5.15
N ARG A 951 2.75 -26.79 4.10
CA ARG A 951 2.28 -28.17 4.14
C ARG A 951 3.03 -28.99 3.10
N ARG A 952 3.59 -30.11 3.53
CA ARG A 952 4.32 -31.03 2.67
C ARG A 952 3.45 -32.21 2.30
N GLN A 953 3.78 -32.86 1.19
CA GLN A 953 3.15 -34.12 0.84
C GLN A 953 4.17 -34.97 0.11
N TYR A 954 4.12 -36.28 0.36
CA TYR A 954 5.13 -37.20 -0.14
C TYR A 954 4.63 -37.88 -1.41
N TYR A 955 5.48 -37.89 -2.42
CA TYR A 955 5.08 -38.39 -3.72
C TYR A 955 6.01 -39.51 -4.14
N TYR A 956 5.46 -40.45 -4.91
CA TYR A 956 6.23 -41.57 -5.43
C TYR A 956 7.18 -41.07 -6.49
N LYS A 957 8.46 -41.42 -6.37
CA LYS A 957 9.44 -41.03 -7.38
C LYS A 957 9.19 -41.82 -8.64
N ARG A 958 8.41 -41.26 -9.55
CA ARG A 958 8.01 -41.98 -10.75
C ARG A 958 9.20 -42.14 -11.68
N ILE A 959 9.55 -43.38 -12.00
CA ILE A 959 10.60 -43.70 -12.94
C ILE A 959 10.01 -43.70 -14.34
N ALA A 960 10.87 -43.69 -15.34
CA ALA A 960 10.41 -43.58 -16.72
C ALA A 960 9.68 -44.84 -17.15
N SER A 961 8.77 -44.66 -18.12
CA SER A 961 8.08 -45.82 -18.69
C SER A 961 9.01 -46.67 -19.54
N GLU A 962 10.06 -46.09 -20.09
CA GLU A 962 11.04 -46.89 -20.83
C GLU A 962 11.98 -47.65 -19.93
N PHE A 963 12.03 -47.32 -18.64
CA PHE A 963 12.95 -47.95 -17.69
C PHE A 963 12.25 -48.86 -16.70
N CYS A 964 10.97 -49.17 -16.92
CA CYS A 964 10.26 -50.13 -16.11
C CYS A 964 9.71 -51.23 -17.00
N ASP A 965 9.94 -52.48 -16.59
CA ASP A 965 9.55 -53.69 -17.31
C ASP A 965 10.10 -53.69 -18.74
N CYS A 966 11.43 -53.66 -18.83
CA CYS A 966 12.10 -53.65 -20.12
C CYS A 966 13.31 -54.57 -20.10
N ARG A 967 13.34 -55.51 -19.16
CA ARG A 967 14.40 -56.51 -19.04
C ARG A 967 14.38 -57.41 -20.27
N PRO A 968 15.48 -57.52 -21.01
CA PRO A 968 15.49 -58.36 -22.21
C PRO A 968 15.35 -59.83 -21.89
N VAL A 969 14.65 -60.54 -22.78
CA VAL A 969 14.38 -61.96 -22.60
C VAL A 969 15.14 -62.72 -23.67
N ALA A 970 15.24 -64.04 -23.45
CA ALA A 970 16.06 -64.91 -24.29
C ALA A 970 15.40 -65.08 -25.65
N GLY A 971 16.02 -64.52 -26.68
CA GLY A 971 15.56 -64.70 -28.04
C GLY A 971 15.00 -63.45 -28.69
N ALA A 972 14.21 -62.69 -27.94
CA ALA A 972 13.63 -61.46 -28.48
C ALA A 972 14.72 -60.41 -28.62
N PRO A 973 14.79 -59.70 -29.74
CA PRO A 973 15.86 -58.72 -29.94
C PRO A 973 15.71 -57.51 -29.01
N CYS A 974 16.81 -57.15 -28.37
CA CYS A 974 16.86 -56.02 -27.46
C CYS A 974 17.72 -54.92 -28.06
N TYR A 975 17.87 -53.84 -27.31
CA TYR A 975 18.45 -52.60 -27.78
C TYR A 975 19.72 -52.30 -27.00
N LEU A 976 20.78 -51.99 -27.74
CA LEU A 976 22.12 -51.77 -27.20
C LEU A 976 22.46 -50.31 -27.33
N TYR A 977 22.57 -49.62 -26.19
CA TYR A 977 22.86 -48.20 -26.13
C TYR A 977 24.23 -48.01 -25.48
N PHE A 978 25.21 -47.62 -26.29
CA PHE A 978 26.52 -47.27 -25.76
C PHE A 978 26.41 -45.97 -24.96
N ILE A 979 26.92 -46.00 -23.73
CA ILE A 979 27.00 -44.81 -22.89
C ILE A 979 28.32 -44.13 -23.24
N GLN A 980 28.25 -43.10 -24.07
CA GLN A 980 29.44 -42.48 -24.62
C GLN A 980 29.81 -41.25 -23.81
N LEU A 981 31.11 -41.10 -23.55
CA LEU A 981 31.63 -39.96 -22.81
C LEU A 981 32.74 -39.28 -23.61
N THR A 982 32.76 -37.95 -23.59
CA THR A 982 33.81 -37.20 -24.27
C THR A 982 34.20 -36.02 -23.41
N LEU A 983 35.49 -35.93 -23.06
CA LEU A 983 35.98 -34.84 -22.22
C LEU A 983 36.03 -33.55 -23.04
N GLN A 984 35.50 -32.46 -22.47
CA GLN A 984 35.44 -31.17 -23.14
C GLN A 984 36.39 -30.16 -22.51
N CYS A 985 36.25 -29.90 -21.22
CA CYS A 985 37.12 -28.95 -20.52
C CYS A 985 37.96 -29.71 -19.51
N PRO A 986 39.24 -29.96 -19.80
CA PRO A 986 40.11 -30.60 -18.80
C PRO A 986 40.32 -29.69 -17.61
N ILE A 987 40.58 -30.31 -16.46
CA ILE A 987 40.62 -29.57 -15.21
C ILE A 987 41.88 -28.70 -15.18
N PRO A 988 41.77 -27.42 -14.83
CA PRO A 988 42.97 -26.57 -14.74
C PRO A 988 43.90 -27.00 -13.63
N GLU A 989 45.19 -26.79 -13.85
CA GLU A 989 46.21 -27.30 -12.94
C GLU A 989 46.28 -26.53 -11.62
N GLU A 990 45.53 -25.43 -11.49
CA GLU A 990 45.43 -24.75 -10.21
C GLU A 990 44.74 -25.63 -9.16
N GLN A 991 43.82 -26.49 -9.59
CA GLN A 991 43.22 -27.45 -8.68
C GLN A 991 43.91 -28.82 -8.71
N ASN A 992 44.77 -29.08 -9.69
CA ASN A 992 45.47 -30.36 -9.74
C ASN A 992 46.53 -30.43 -8.66
N THR A 993 46.08 -30.63 -7.41
CA THR A 993 46.97 -30.53 -6.26
C THR A 993 47.87 -31.75 -6.14
N ARG A 994 47.32 -32.94 -6.39
CA ARG A 994 48.12 -34.15 -6.39
C ARG A 994 49.01 -34.24 -7.62
N GLY A 995 48.72 -33.46 -8.66
CA GLY A 995 49.52 -33.44 -9.87
C GLY A 995 49.46 -34.71 -10.68
N ARG A 996 48.30 -35.34 -10.74
CA ARG A 996 48.14 -36.59 -11.47
C ARG A 996 47.78 -36.31 -12.93
N LYS A 997 48.06 -37.29 -13.78
CA LYS A 997 47.76 -37.20 -15.20
C LYS A 997 46.25 -37.16 -15.41
N ILE A 998 45.84 -36.52 -16.51
CA ILE A 998 44.44 -36.38 -16.85
C ILE A 998 44.11 -37.34 -17.99
N TYR A 999 43.22 -38.29 -17.72
CA TYR A 999 42.87 -39.33 -18.68
C TYR A 999 41.51 -39.01 -19.27
N PRO A 1000 41.42 -38.70 -20.55
CA PRO A 1000 40.11 -38.55 -21.18
C PRO A 1000 39.43 -39.90 -21.34
N PRO A 1001 38.15 -40.00 -21.00
CA PRO A 1001 37.45 -41.28 -21.18
C PRO A 1001 37.10 -41.59 -22.63
N GLU A 1002 37.32 -40.67 -23.57
CA GLU A 1002 37.13 -40.99 -24.98
C GLU A 1002 38.12 -42.02 -25.47
N ASP A 1003 39.38 -41.92 -25.03
CA ASP A 1003 40.42 -42.81 -25.53
C ASP A 1003 40.39 -44.19 -24.91
N ALA A 1004 39.61 -44.39 -23.86
CA ALA A 1004 39.54 -45.69 -23.20
C ALA A 1004 38.83 -46.71 -24.09
N GLN A 1005 39.40 -47.92 -24.16
CA GLN A 1005 38.83 -48.97 -24.98
C GLN A 1005 37.59 -49.58 -24.35
N GLN A 1006 37.58 -49.75 -23.03
CA GLN A 1006 36.50 -50.43 -22.34
C GLN A 1006 35.48 -49.40 -21.84
N GLY A 1007 34.31 -49.36 -22.49
CA GLY A 1007 33.22 -48.48 -22.10
C GLY A 1007 32.07 -49.21 -21.44
N PHE A 1008 30.83 -48.75 -21.68
CA PHE A 1008 29.66 -49.33 -21.06
C PHE A 1008 28.47 -49.25 -22.00
N GLY A 1009 27.49 -50.13 -21.78
CA GLY A 1009 26.28 -50.11 -22.59
C GLY A 1009 25.07 -50.49 -21.78
N ILE A 1010 23.90 -50.23 -22.36
CA ILE A 1010 22.61 -50.54 -21.76
C ILE A 1010 21.83 -51.43 -22.71
N LEU A 1011 21.33 -52.54 -22.20
CA LEU A 1011 20.45 -53.42 -22.96
C LEU A 1011 19.02 -53.23 -22.47
N THR A 1012 18.14 -52.84 -23.39
CA THR A 1012 16.75 -52.53 -23.06
C THR A 1012 15.89 -52.73 -24.31
N THR A 1013 14.70 -53.30 -24.12
CA THR A 1013 13.84 -53.73 -25.22
C THR A 1013 13.05 -52.61 -25.85
N LYS A 1014 12.98 -51.43 -25.25
CA LYS A 1014 12.20 -50.32 -25.76
C LYS A 1014 13.12 -49.23 -26.30
N ARG A 1015 12.82 -48.76 -27.51
CA ARG A 1015 13.66 -47.77 -28.18
C ARG A 1015 13.63 -46.44 -27.47
N ILE A 1016 14.75 -46.05 -26.87
CA ILE A 1016 14.88 -44.83 -26.06
C ILE A 1016 14.72 -43.61 -26.97
N PRO A 1017 13.88 -42.65 -26.60
CA PRO A 1017 13.70 -41.46 -27.44
C PRO A 1017 14.93 -40.56 -27.36
N LYS A 1018 14.98 -39.58 -28.25
CA LYS A 1018 16.13 -38.71 -28.32
C LYS A 1018 16.20 -37.82 -27.08
N LEU A 1019 17.39 -37.70 -26.50
CA LEU A 1019 17.60 -37.02 -25.24
C LEU A 1019 18.73 -36.03 -25.34
N SER A 1020 18.70 -35.02 -24.47
CA SER A 1020 19.69 -33.95 -24.50
C SER A 1020 21.01 -34.41 -23.87
N ALA A 1021 22.11 -34.15 -24.57
CA ALA A 1021 23.41 -34.61 -24.12
C ALA A 1021 23.92 -33.80 -22.94
N PHE A 1022 23.57 -34.21 -21.73
CA PHE A 1022 24.02 -33.51 -20.54
C PHE A 1022 25.50 -33.77 -20.28
N SER A 1023 26.06 -33.00 -19.35
CA SER A 1023 27.48 -33.09 -19.03
C SER A 1023 27.66 -33.15 -17.52
N ILE A 1024 28.72 -33.84 -17.11
CA ILE A 1024 29.05 -34.04 -15.70
C ILE A 1024 30.48 -33.59 -15.45
N PHE A 1025 30.80 -33.43 -14.17
CA PHE A 1025 32.05 -32.80 -13.75
C PHE A 1025 32.74 -33.70 -12.73
N THR A 1026 33.75 -34.42 -13.20
CA THR A 1026 34.46 -35.46 -12.47
C THR A 1026 35.90 -35.03 -12.22
N ARG A 1027 36.71 -35.97 -11.70
CA ARG A 1027 38.10 -35.71 -11.37
C ARG A 1027 38.96 -35.39 -12.59
N SER A 1028 38.50 -35.71 -13.80
CA SER A 1028 39.19 -35.33 -15.01
C SER A 1028 38.60 -34.09 -15.67
N GLY A 1029 37.57 -33.48 -15.06
CA GLY A 1029 37.01 -32.25 -15.61
C GLY A 1029 35.60 -32.39 -16.11
N GLU A 1030 35.23 -31.58 -17.11
CA GLU A 1030 33.90 -31.62 -17.69
C GLU A 1030 33.86 -32.65 -18.80
N VAL A 1031 32.97 -33.64 -18.67
CA VAL A 1031 32.81 -34.68 -19.67
C VAL A 1031 31.34 -34.77 -20.08
N LYS A 1032 31.11 -34.79 -21.39
CA LYS A 1032 29.77 -34.81 -21.95
C LYS A 1032 29.31 -36.25 -22.15
N VAL A 1033 28.07 -36.52 -21.73
CA VAL A 1033 27.49 -37.86 -21.68
C VAL A 1033 26.38 -37.96 -22.71
N SER A 1034 26.47 -38.96 -23.59
CA SER A 1034 25.42 -39.26 -24.55
C SER A 1034 25.11 -40.75 -24.50
N LEU A 1035 24.04 -41.14 -25.19
CA LEU A 1035 23.68 -42.52 -25.41
C LEU A 1035 23.47 -42.71 -26.91
N GLU A 1036 24.00 -43.80 -27.46
CA GLU A 1036 23.83 -44.06 -28.89
C GLU A 1036 23.41 -45.51 -29.11
N LEU A 1037 22.79 -45.76 -30.27
CA LEU A 1037 22.29 -47.08 -30.61
C LEU A 1037 23.12 -47.69 -31.74
N ALA A 1038 23.36 -48.99 -31.64
CA ALA A 1038 24.11 -49.71 -32.65
C ALA A 1038 23.28 -49.91 -33.92
N LYS A 1039 23.96 -49.92 -35.06
CA LYS A 1039 23.29 -50.14 -36.33
C LYS A 1039 22.75 -51.55 -36.47
N GLU A 1040 23.31 -52.51 -35.74
CA GLU A 1040 22.77 -53.86 -35.65
C GLU A 1040 22.12 -54.03 -34.28
N ARG A 1041 21.27 -55.03 -34.17
CA ARG A 1041 20.57 -55.26 -32.92
C ARG A 1041 21.26 -56.38 -32.15
N VAL A 1042 20.78 -56.62 -30.93
CA VAL A 1042 21.31 -57.70 -30.10
C VAL A 1042 20.27 -58.80 -30.03
N ILE A 1043 20.64 -59.98 -30.51
CA ILE A 1043 19.86 -61.20 -30.33
C ILE A 1043 20.46 -61.91 -29.13
N LEU A 1044 19.84 -61.76 -27.96
CA LEU A 1044 20.40 -62.36 -26.76
C LEU A 1044 20.23 -63.87 -26.80
N THR A 1045 21.24 -64.58 -26.29
CA THR A 1045 21.33 -66.02 -26.34
C THR A 1045 20.87 -66.54 -24.97
N SER A 1046 20.92 -67.85 -24.74
CA SER A 1046 20.24 -68.45 -23.59
C SER A 1046 20.96 -68.17 -22.28
N GLU A 1047 22.24 -68.51 -22.19
CA GLU A 1047 22.94 -68.47 -20.91
C GLU A 1047 23.47 -67.10 -20.55
N GLN A 1048 23.34 -66.11 -21.43
CA GLN A 1048 23.81 -64.77 -21.13
C GLN A 1048 22.93 -64.05 -20.13
N ILE A 1049 21.72 -64.55 -19.88
CA ILE A 1049 20.80 -63.88 -18.95
C ILE A 1049 21.35 -63.94 -17.53
N VAL A 1050 21.88 -65.10 -17.11
CA VAL A 1050 22.48 -65.20 -15.80
C VAL A 1050 23.88 -64.59 -15.78
N CYS A 1051 24.50 -64.47 -16.95
CA CYS A 1051 25.79 -63.79 -17.04
C CYS A 1051 25.66 -62.30 -16.75
N ILE A 1052 24.72 -61.62 -17.41
CA ILE A 1052 24.54 -60.20 -17.15
C ILE A 1052 23.85 -59.99 -15.81
N ASN A 1053 23.05 -60.96 -15.34
CA ASN A 1053 22.49 -60.87 -13.99
C ASN A 1053 23.59 -60.94 -12.92
N GLY A 1054 24.60 -61.77 -13.12
CA GLY A 1054 25.74 -61.76 -12.21
C GLY A 1054 26.56 -60.49 -12.32
N PHE A 1055 26.78 -60.02 -13.56
CA PHE A 1055 27.64 -58.86 -13.78
C PHE A 1055 27.05 -57.59 -13.19
N LEU A 1056 25.73 -57.43 -13.28
CA LEU A 1056 25.13 -56.20 -12.80
C LEU A 1056 25.15 -56.14 -11.28
N ASN A 1057 24.95 -57.30 -10.64
CA ASN A 1057 25.11 -57.39 -9.19
C ASN A 1057 26.56 -57.08 -8.81
N TYR A 1058 27.52 -57.54 -9.62
CA TYR A 1058 28.93 -57.25 -9.33
C TYR A 1058 29.25 -55.77 -9.44
N THR A 1059 28.77 -55.13 -10.51
CA THR A 1059 29.08 -53.72 -10.74
C THR A 1059 28.41 -52.82 -9.71
N PHE A 1060 27.14 -53.05 -9.41
CA PHE A 1060 26.44 -52.15 -8.52
C PHE A 1060 26.42 -52.61 -7.06
N THR A 1061 27.08 -53.73 -6.73
CA THR A 1061 27.11 -54.20 -5.36
C THR A 1061 28.51 -54.22 -4.77
N ASN A 1062 29.47 -54.81 -5.46
CA ASN A 1062 30.82 -54.94 -4.93
C ASN A 1062 31.75 -53.83 -5.37
N VAL A 1063 31.42 -53.12 -6.44
CA VAL A 1063 32.33 -52.12 -6.99
C VAL A 1063 31.92 -50.72 -6.54
N LEU A 1064 30.70 -50.31 -6.80
CA LEU A 1064 30.24 -49.00 -6.37
C LEU A 1064 29.54 -49.01 -5.02
N ARG A 1065 29.31 -50.20 -4.45
CA ARG A 1065 28.72 -50.36 -3.10
C ARG A 1065 27.33 -49.73 -3.00
N LEU A 1066 26.53 -49.85 -4.06
CA LEU A 1066 25.27 -49.14 -4.14
C LEU A 1066 24.09 -49.89 -3.52
N GLN A 1067 24.28 -51.13 -3.11
CA GLN A 1067 23.19 -51.97 -2.65
C GLN A 1067 22.98 -51.77 -1.15
N LYS A 1068 21.76 -51.42 -0.77
CA LYS A 1068 21.37 -51.30 0.62
C LYS A 1068 20.87 -52.66 1.13
N PHE A 1069 20.46 -52.70 2.39
CA PHE A 1069 19.95 -53.97 2.91
C PHE A 1069 18.44 -54.09 2.76
N LEU A 1070 17.74 -52.96 2.65
CA LEU A 1070 16.34 -52.96 2.22
C LEU A 1070 16.25 -52.92 0.69
N MET A 1071 17.05 -53.78 0.07
CA MET A 1071 17.40 -53.58 -1.31
C MET A 1071 18.06 -54.87 -1.77
N LEU A 1072 17.52 -55.55 -2.77
CA LEU A 1072 18.11 -56.81 -3.17
C LEU A 1072 17.90 -57.03 -4.65
N PHE A 1073 18.76 -57.85 -5.23
CA PHE A 1073 18.74 -58.06 -6.66
C PHE A 1073 17.55 -58.92 -7.05
N ASP A 1074 16.65 -58.34 -7.83
CA ASP A 1074 15.46 -59.04 -8.31
C ASP A 1074 15.46 -59.00 -9.83
N PRO A 1075 15.92 -60.06 -10.50
CA PRO A 1075 16.06 -60.01 -11.96
C PRO A 1075 14.75 -59.97 -12.72
N ASP A 1076 13.61 -60.31 -12.10
CA ASP A 1076 12.31 -60.17 -12.73
C ASP A 1076 11.44 -59.20 -11.93
N SER A 1077 11.66 -57.91 -12.18
CA SER A 1077 11.12 -56.84 -11.36
C SER A 1077 10.22 -55.93 -12.18
N THR A 1078 9.50 -55.07 -11.46
CA THR A 1078 8.59 -54.12 -12.10
C THR A 1078 9.24 -52.75 -12.27
N GLU A 1079 10.06 -52.32 -11.32
CA GLU A 1079 10.65 -50.99 -11.35
C GLU A 1079 12.17 -51.07 -11.50
N ASN A 1080 12.70 -50.16 -12.32
CA ASN A 1080 14.13 -50.02 -12.62
C ASN A 1080 14.71 -51.32 -13.19
N CYS A 1081 14.27 -51.66 -14.38
CA CYS A 1081 14.45 -53.03 -14.88
C CYS A 1081 15.11 -53.06 -16.26
N VAL A 1082 16.25 -52.39 -16.42
CA VAL A 1082 17.04 -52.48 -17.64
C VAL A 1082 18.40 -53.10 -17.32
N PHE A 1083 19.10 -53.51 -18.38
CA PHE A 1083 20.39 -54.18 -18.25
C PHE A 1083 21.53 -53.23 -18.56
N ILE A 1084 22.69 -53.51 -17.96
CA ILE A 1084 23.93 -52.78 -18.24
C ILE A 1084 25.04 -53.79 -18.50
N VAL A 1085 25.73 -53.63 -19.62
CA VAL A 1085 26.73 -54.58 -20.09
C VAL A 1085 28.10 -53.90 -20.20
N PRO A 1086 29.21 -54.64 -19.98
CA PRO A 1086 30.53 -54.04 -20.21
C PRO A 1086 30.94 -54.14 -21.66
N THR A 1087 31.13 -53.00 -22.30
CA THR A 1087 31.31 -52.94 -23.73
C THR A 1087 32.78 -52.62 -24.02
N VAL A 1088 33.29 -53.13 -25.13
CA VAL A 1088 34.69 -52.90 -25.49
C VAL A 1088 34.74 -52.35 -26.90
N LYS A 1089 35.67 -51.42 -27.14
CA LYS A 1089 35.98 -51.03 -28.50
C LYS A 1089 36.65 -52.19 -29.22
N ALA A 1090 36.22 -52.46 -30.43
CA ALA A 1090 36.89 -53.45 -31.25
C ALA A 1090 38.28 -52.93 -31.64
N PRO A 1091 39.28 -53.80 -31.70
CA PRO A 1091 40.62 -53.36 -32.14
C PRO A 1091 40.65 -52.82 -33.55
N ALA A 1092 39.81 -53.32 -34.44
CA ALA A 1092 39.73 -52.81 -35.80
C ALA A 1092 38.76 -51.65 -35.94
N GLY A 1093 38.07 -51.26 -34.88
CA GLY A 1093 37.12 -50.17 -34.95
C GLY A 1093 35.71 -50.58 -34.62
N GLY A 1094 34.95 -49.69 -33.99
CA GLY A 1094 33.61 -50.01 -33.53
C GLY A 1094 33.61 -50.58 -32.13
N LYS A 1095 32.40 -50.79 -31.62
CA LYS A 1095 32.22 -51.23 -30.24
C LYS A 1095 31.28 -52.43 -30.22
N HIS A 1096 31.50 -53.33 -29.28
CA HIS A 1096 30.62 -54.48 -29.10
C HIS A 1096 30.79 -54.99 -27.68
N ILE A 1097 29.84 -55.84 -27.24
CA ILE A 1097 29.80 -56.30 -25.86
C ILE A 1097 31.01 -57.19 -25.59
N ASP A 1098 31.69 -56.97 -24.47
CA ASP A 1098 32.90 -57.71 -24.14
C ASP A 1098 32.47 -59.02 -23.48
N TRP A 1099 32.35 -60.07 -24.31
CA TRP A 1099 31.92 -61.36 -23.79
C TRP A 1099 33.02 -62.05 -23.00
N GLN A 1100 34.28 -61.90 -23.45
CA GLN A 1100 35.40 -62.49 -22.73
C GLN A 1100 35.58 -61.83 -21.36
N PHE A 1101 35.36 -60.53 -21.29
CA PHE A 1101 35.38 -59.85 -19.99
C PHE A 1101 34.20 -60.27 -19.13
N LEU A 1102 33.06 -60.55 -19.73
CA LEU A 1102 31.92 -61.08 -18.98
C LEU A 1102 32.23 -62.45 -18.42
N GLU A 1103 32.92 -63.29 -19.19
CA GLU A 1103 33.36 -64.59 -18.70
C GLU A 1103 34.36 -64.45 -17.56
N LEU A 1104 35.28 -63.48 -17.68
CA LEU A 1104 36.24 -63.20 -16.63
C LEU A 1104 35.55 -62.73 -15.34
N ILE A 1105 34.54 -61.87 -15.48
CA ILE A 1105 33.80 -61.37 -14.33
C ILE A 1105 33.01 -62.48 -13.67
N GLN A 1106 32.31 -63.30 -14.45
CA GLN A 1106 31.52 -64.39 -13.88
C GLN A 1106 32.39 -65.55 -13.39
N ALA A 1107 33.68 -65.59 -13.76
CA ALA A 1107 34.55 -66.67 -13.31
C ALA A 1107 34.82 -66.60 -11.82
N ASN A 1108 34.87 -65.39 -11.26
CA ASN A 1108 35.08 -65.20 -9.83
C ASN A 1108 33.89 -64.48 -9.20
N GLY A 1109 33.39 -65.04 -8.10
CA GLY A 1109 32.25 -64.46 -7.44
C GLY A 1109 32.64 -63.38 -6.48
N ASN A 1110 32.21 -63.51 -5.22
CA ASN A 1110 32.62 -62.60 -4.15
C ASN A 1110 33.96 -63.08 -3.59
N THR A 1111 34.98 -62.97 -4.42
CA THR A 1111 36.30 -63.51 -4.11
C THR A 1111 37.04 -62.54 -3.22
N MET A 1112 37.29 -62.95 -1.99
CA MET A 1112 38.08 -62.14 -1.07
C MET A 1112 39.53 -62.13 -1.55
N PRO A 1113 40.17 -60.95 -1.65
CA PRO A 1113 41.54 -60.89 -2.19
C PRO A 1113 42.55 -61.55 -1.26
N ARG A 1114 43.06 -62.70 -1.68
CA ARG A 1114 43.73 -63.62 -0.77
C ARG A 1114 45.10 -63.10 -0.34
N ALA A 1115 45.42 -63.36 0.93
CA ALA A 1115 46.73 -63.06 1.49
C ALA A 1115 47.69 -64.15 1.04
N VAL A 1116 48.64 -63.80 0.19
CA VAL A 1116 49.46 -64.78 -0.50
C VAL A 1116 50.71 -65.09 0.33
N PRO A 1117 51.30 -66.29 0.17
CA PRO A 1117 52.59 -66.55 0.84
C PRO A 1117 53.77 -65.97 0.08
N ASP A 1118 54.98 -66.20 0.58
CA ASP A 1118 56.16 -65.52 0.06
C ASP A 1118 56.69 -66.15 -1.22
N GLU A 1119 56.22 -67.35 -1.57
CA GLU A 1119 56.92 -68.17 -2.58
C GLU A 1119 56.77 -67.60 -3.98
N GLU A 1120 55.55 -67.20 -4.37
CA GLU A 1120 55.34 -66.76 -5.74
C GLU A 1120 55.88 -65.35 -5.97
N ARG A 1121 55.76 -64.45 -4.98
CA ARG A 1121 56.39 -63.15 -5.13
C ARG A 1121 57.91 -63.24 -5.04
N GLN A 1122 58.43 -64.28 -4.39
CA GLN A 1122 59.84 -64.61 -4.55
C GLN A 1122 60.11 -65.07 -5.99
N ALA A 1123 59.19 -65.82 -6.58
CA ALA A 1123 59.44 -66.46 -7.87
C ALA A 1123 59.34 -65.47 -9.03
N GLN A 1124 58.15 -64.92 -9.28
CA GLN A 1124 57.99 -64.16 -10.50
C GLN A 1124 58.44 -62.70 -10.31
N PRO A 1125 58.95 -62.06 -11.36
CA PRO A 1125 59.35 -60.66 -11.26
C PRO A 1125 58.19 -59.72 -11.56
N PHE A 1126 58.46 -58.43 -11.36
CA PHE A 1126 57.47 -57.39 -11.64
C PHE A 1126 57.21 -57.26 -13.13
N ASP A 1127 55.94 -57.11 -13.49
CA ASP A 1127 55.54 -56.88 -14.87
C ASP A 1127 55.13 -55.42 -15.02
N PRO A 1128 55.79 -54.65 -15.89
CA PRO A 1128 55.32 -53.27 -16.13
C PRO A 1128 53.97 -53.20 -16.80
N GLN A 1129 53.61 -54.20 -17.61
CA GLN A 1129 52.34 -54.15 -18.33
C GLN A 1129 51.15 -54.53 -17.45
N ARG A 1130 51.37 -55.21 -16.33
CA ARG A 1130 50.24 -55.61 -15.50
C ARG A 1130 49.67 -54.44 -14.72
N PHE A 1131 50.50 -53.45 -14.37
CA PHE A 1131 50.04 -52.32 -13.56
C PHE A 1131 49.84 -51.06 -14.39
N GLN A 1132 49.57 -51.22 -15.69
CA GLN A 1132 49.07 -50.15 -16.53
C GLN A 1132 47.54 -50.24 -16.52
N ASP A 1133 46.90 -49.16 -16.05
CA ASP A 1133 45.45 -49.09 -15.80
C ASP A 1133 45.02 -50.21 -14.84
N ALA A 1134 45.52 -50.13 -13.62
CA ALA A 1134 45.27 -51.15 -12.61
C ALA A 1134 44.59 -50.54 -11.40
N VAL A 1135 43.97 -51.40 -10.60
CA VAL A 1135 43.38 -51.01 -9.33
C VAL A 1135 43.89 -51.97 -8.26
N VAL A 1136 44.55 -51.41 -7.24
CA VAL A 1136 45.62 -52.05 -6.45
C VAL A 1136 45.38 -52.17 -4.94
N MET A 1137 44.19 -52.68 -4.55
CA MET A 1137 43.77 -52.70 -3.15
C MET A 1137 44.80 -53.44 -2.28
N PRO A 1138 45.05 -52.98 -1.07
CA PRO A 1138 46.01 -53.69 -0.20
C PRO A 1138 45.33 -54.88 0.46
N TRP A 1139 45.89 -56.07 0.24
CA TRP A 1139 45.29 -57.28 0.79
C TRP A 1139 45.84 -57.64 2.16
N TYR A 1140 46.75 -56.84 2.71
CA TYR A 1140 47.27 -57.06 4.05
C TYR A 1140 46.47 -56.36 5.13
N ARG A 1141 45.43 -55.64 4.75
CA ARG A 1141 44.49 -55.05 5.69
C ARG A 1141 43.15 -54.89 5.00
N ASN A 1142 42.09 -54.79 5.80
CA ASN A 1142 40.72 -54.53 5.36
C ASN A 1142 40.25 -55.60 4.36
N GLN A 1143 40.14 -56.83 4.89
CA GLN A 1143 39.96 -57.99 4.03
C GLN A 1143 38.56 -58.05 3.42
N ASP A 1144 37.52 -57.75 4.23
CA ASP A 1144 36.15 -57.98 3.77
C ASP A 1144 35.72 -56.97 2.72
N GLN A 1145 36.21 -55.74 2.80
CA GLN A 1145 35.74 -54.66 1.93
C GLN A 1145 36.90 -53.70 1.73
N PRO A 1146 37.84 -54.02 0.86
CA PRO A 1146 39.04 -53.21 0.72
C PRO A 1146 38.76 -51.89 0.04
N GLN A 1147 39.58 -50.90 0.37
CA GLN A 1147 39.56 -49.63 -0.35
C GLN A 1147 40.39 -49.79 -1.60
N TYR A 1148 39.86 -49.35 -2.73
CA TYR A 1148 40.48 -49.56 -4.01
C TYR A 1148 41.25 -48.31 -4.40
N PHE A 1149 42.54 -48.49 -4.69
CA PHE A 1149 43.38 -47.38 -5.10
C PHE A 1149 43.59 -47.40 -6.62
N TYR A 1150 43.76 -46.21 -7.19
CA TYR A 1150 44.09 -46.08 -8.60
C TYR A 1150 45.57 -46.41 -8.81
N VAL A 1151 46.06 -46.22 -10.02
CA VAL A 1151 47.50 -46.12 -10.30
C VAL A 1151 47.70 -44.89 -11.15
N ALA A 1152 48.35 -43.87 -10.57
CA ALA A 1152 48.63 -42.67 -11.34
C ALA A 1152 49.96 -42.80 -12.08
N GLU A 1153 51.01 -43.22 -11.38
CA GLU A 1153 52.31 -43.38 -12.02
C GLU A 1153 53.02 -44.58 -11.43
N ILE A 1154 53.99 -45.09 -12.17
CA ILE A 1154 54.93 -46.07 -11.65
C ILE A 1154 56.22 -45.35 -11.31
N CYS A 1155 56.93 -45.83 -10.28
CA CYS A 1155 58.09 -45.16 -9.73
C CYS A 1155 59.28 -46.10 -9.83
N PRO A 1156 60.00 -46.10 -10.96
CA PRO A 1156 61.25 -46.87 -11.02
C PRO A 1156 62.37 -46.24 -10.23
N HIS A 1157 62.29 -44.94 -9.95
CA HIS A 1157 63.33 -44.26 -9.19
C HIS A 1157 63.29 -44.58 -7.71
N LEU A 1158 62.26 -45.28 -7.23
CA LEU A 1158 62.18 -45.70 -5.85
C LEU A 1158 62.30 -47.22 -5.77
N SER A 1159 62.32 -47.73 -4.55
CA SER A 1159 62.58 -49.13 -4.27
C SER A 1159 62.01 -49.45 -2.90
N PRO A 1160 61.81 -50.73 -2.57
CA PRO A 1160 61.51 -51.08 -1.18
C PRO A 1160 62.64 -50.78 -0.21
N LEU A 1161 63.86 -50.57 -0.71
CA LEU A 1161 64.97 -50.08 0.10
C LEU A 1161 65.22 -48.59 -0.08
N SER A 1162 64.33 -47.87 -0.77
CA SER A 1162 64.51 -46.44 -0.95
C SER A 1162 64.15 -45.70 0.33
N CYS A 1163 64.45 -44.40 0.33
CA CYS A 1163 64.40 -43.61 1.55
C CYS A 1163 62.96 -43.42 2.04
N PHE A 1164 62.73 -43.69 3.31
CA PHE A 1164 61.40 -43.60 3.88
C PHE A 1164 60.97 -42.15 4.04
N PRO A 1165 59.73 -41.82 3.70
CA PRO A 1165 59.22 -40.46 3.97
C PRO A 1165 59.22 -40.06 5.43
N GLY A 1166 58.90 -40.98 6.32
CA GLY A 1166 58.73 -40.67 7.72
C GLY A 1166 60.04 -40.71 8.49
N ASP A 1167 59.91 -40.86 9.80
CA ASP A 1167 61.06 -40.95 10.69
C ASP A 1167 61.01 -42.17 11.60
N ASN A 1168 59.81 -42.58 12.03
CA ASN A 1168 59.69 -43.68 12.98
C ASN A 1168 59.98 -45.04 12.34
N TYR A 1169 60.09 -45.12 11.03
CA TYR A 1169 60.43 -46.36 10.35
C TYR A 1169 61.56 -46.10 9.37
N ARG A 1170 62.29 -47.18 9.06
CA ARG A 1170 63.28 -47.19 7.99
C ARG A 1170 62.59 -47.44 6.65
N THR A 1171 63.36 -47.84 5.64
CA THR A 1171 62.91 -48.07 4.26
C THR A 1171 61.71 -49.01 4.14
N PHE A 1172 61.08 -49.00 2.95
CA PHE A 1172 59.78 -49.65 2.73
C PHE A 1172 59.83 -51.15 3.05
N LYS A 1173 60.97 -51.80 2.77
CA LYS A 1173 61.16 -53.18 3.16
C LYS A 1173 61.12 -53.34 4.68
N HIS A 1174 61.80 -52.45 5.40
CA HIS A 1174 61.74 -52.49 6.86
C HIS A 1174 60.37 -52.12 7.38
N TYR A 1175 59.69 -51.18 6.72
CA TYR A 1175 58.36 -50.75 7.14
C TYR A 1175 57.35 -51.88 7.03
N TYR A 1176 57.35 -52.58 5.90
CA TYR A 1176 56.46 -53.73 5.75
C TYR A 1176 56.95 -54.95 6.52
N LEU A 1177 58.22 -55.00 6.90
CA LEU A 1177 58.69 -56.10 7.73
C LEU A 1177 58.22 -55.94 9.17
N VAL A 1178 58.28 -54.73 9.72
CA VAL A 1178 57.94 -54.56 11.12
C VAL A 1178 56.49 -54.13 11.35
N LYS A 1179 55.80 -53.66 10.31
CA LYS A 1179 54.39 -53.33 10.49
C LYS A 1179 53.54 -54.58 10.51
N TYR A 1180 53.71 -55.46 9.51
CA TYR A 1180 52.96 -56.69 9.40
C TYR A 1180 53.82 -57.93 9.46
N GLY A 1181 54.86 -58.01 8.63
CA GLY A 1181 55.63 -59.23 8.50
C GLY A 1181 55.71 -59.62 7.05
N LEU A 1182 55.18 -58.77 6.17
CA LEU A 1182 55.26 -59.01 4.74
C LEU A 1182 56.67 -58.73 4.27
N THR A 1183 57.50 -59.77 4.24
CA THR A 1183 58.88 -59.62 3.77
C THR A 1183 58.87 -59.53 2.25
N ILE A 1184 59.27 -58.38 1.72
CA ILE A 1184 59.29 -58.16 0.28
C ILE A 1184 60.50 -58.89 -0.29
N GLN A 1185 60.27 -59.98 -1.01
CA GLN A 1185 61.38 -60.74 -1.56
C GLN A 1185 61.98 -60.05 -2.78
N ASN A 1186 61.16 -59.36 -3.56
CA ASN A 1186 61.64 -58.62 -4.72
C ASN A 1186 62.05 -57.23 -4.27
N THR A 1187 63.36 -56.98 -4.23
CA THR A 1187 63.88 -55.68 -3.84
C THR A 1187 64.08 -54.75 -5.03
N SER A 1188 64.26 -55.30 -6.23
CA SER A 1188 64.41 -54.49 -7.44
C SER A 1188 63.09 -54.02 -8.02
N GLN A 1189 61.98 -54.16 -7.28
CA GLN A 1189 60.68 -53.76 -7.79
C GLN A 1189 60.51 -52.24 -7.72
N PRO A 1190 59.73 -51.66 -8.63
CA PRO A 1190 59.40 -50.23 -8.52
C PRO A 1190 58.38 -49.94 -7.42
N LEU A 1191 57.89 -48.72 -7.38
CA LEU A 1191 56.76 -48.36 -6.54
C LEU A 1191 55.60 -47.89 -7.39
N LEU A 1192 54.48 -47.55 -6.74
CA LEU A 1192 53.25 -47.19 -7.41
C LEU A 1192 52.70 -45.93 -6.78
N ASP A 1193 52.78 -44.82 -7.50
CA ASP A 1193 52.17 -43.56 -7.08
C ASP A 1193 50.68 -43.66 -7.35
N VAL A 1194 49.91 -43.82 -6.27
CA VAL A 1194 48.51 -44.17 -6.31
C VAL A 1194 47.71 -43.09 -5.58
N ASP A 1195 46.38 -43.23 -5.65
CA ASP A 1195 45.46 -42.36 -4.95
C ASP A 1195 44.14 -43.11 -4.81
N HIS A 1196 43.26 -42.60 -3.97
CA HIS A 1196 41.97 -43.24 -3.76
C HIS A 1196 41.09 -43.11 -5.00
N THR A 1197 40.00 -43.87 -5.00
CA THR A 1197 38.96 -43.74 -5.99
C THR A 1197 37.77 -43.00 -5.39
N SER A 1198 36.83 -42.60 -6.24
CA SER A 1198 35.81 -41.63 -5.86
C SER A 1198 34.80 -42.23 -4.89
N ALA A 1199 34.54 -41.51 -3.81
CA ALA A 1199 33.58 -41.94 -2.79
C ALA A 1199 32.35 -41.05 -2.72
N ARG A 1200 32.33 -39.97 -3.50
CA ARG A 1200 31.15 -39.12 -3.66
C ARG A 1200 30.78 -39.17 -5.14
N LEU A 1201 29.76 -39.96 -5.45
CA LEU A 1201 29.46 -40.41 -6.80
C LEU A 1201 28.72 -39.38 -7.64
N ASN A 1202 28.24 -38.30 -7.02
CA ASN A 1202 27.46 -37.28 -7.71
C ASN A 1202 28.39 -36.31 -8.41
N PHE A 1203 28.48 -36.43 -9.72
CA PHE A 1203 29.35 -35.57 -10.51
C PHE A 1203 28.58 -34.54 -11.32
N LEU A 1204 27.39 -34.17 -10.87
CA LEU A 1204 26.54 -33.29 -11.65
C LEU A 1204 26.98 -31.83 -11.54
N THR A 1205 27.41 -31.41 -10.37
CA THR A 1205 27.83 -30.03 -10.15
C THR A 1205 29.30 -29.84 -10.53
N PRO A 1206 29.69 -28.67 -11.04
CA PRO A 1206 31.11 -28.36 -11.16
C PRO A 1206 31.71 -28.16 -9.79
N ARG A 1207 32.96 -28.59 -9.64
CA ARG A 1207 33.64 -28.49 -8.35
C ARG A 1207 34.40 -27.18 -8.18
N TYR A 1208 34.53 -26.38 -9.24
CA TYR A 1208 35.36 -25.18 -9.22
C TYR A 1208 34.61 -23.94 -9.71
N VAL A 1209 33.28 -23.97 -9.71
CA VAL A 1209 32.45 -22.84 -10.13
C VAL A 1209 31.35 -22.69 -9.09
N ASN A 1210 30.91 -21.45 -8.87
CA ASN A 1210 29.69 -21.17 -8.12
C ASN A 1210 28.46 -21.35 -9.00
N ARG A 1211 27.29 -21.07 -8.43
CA ARG A 1211 26.10 -20.98 -9.26
C ARG A 1211 26.08 -19.67 -10.05
N LYS A 1212 26.84 -18.67 -9.63
CA LYS A 1212 26.87 -17.39 -10.29
C LYS A 1212 28.03 -17.26 -11.27
N GLY A 1213 28.80 -18.32 -11.48
CA GLY A 1213 29.94 -18.28 -12.37
C GLY A 1213 31.25 -17.91 -11.73
N VAL A 1214 31.24 -17.51 -10.45
CA VAL A 1214 32.45 -17.06 -9.77
C VAL A 1214 33.29 -18.27 -9.40
N ALA A 1215 34.51 -18.33 -9.92
CA ALA A 1215 35.38 -19.48 -9.69
C ALA A 1215 35.85 -19.51 -8.24
N LEU A 1216 35.93 -20.72 -7.69
CA LEU A 1216 36.23 -20.90 -6.28
C LEU A 1216 37.75 -20.92 -6.06
N PRO A 1217 38.20 -20.64 -4.84
CA PRO A 1217 39.65 -20.61 -4.58
C PRO A 1217 40.29 -21.98 -4.70
N THR A 1218 41.27 -22.08 -5.60
CA THR A 1218 42.03 -23.30 -5.77
C THR A 1218 43.11 -23.38 -4.70
N SER A 1219 43.94 -24.42 -4.78
CA SER A 1219 44.90 -24.68 -3.72
C SER A 1219 46.10 -23.73 -3.79
N SER A 1220 46.68 -23.46 -2.63
CA SER A 1220 47.88 -22.63 -2.57
C SER A 1220 49.07 -23.38 -3.14
N GLU A 1221 50.03 -22.61 -3.69
CA GLU A 1221 51.19 -23.20 -4.34
C GLU A 1221 52.10 -23.91 -3.35
N GLU A 1222 52.14 -23.42 -2.11
CA GLU A 1222 52.94 -24.08 -1.06
C GLU A 1222 52.38 -25.46 -0.74
N THR A 1223 51.07 -25.56 -0.51
CA THR A 1223 50.48 -26.86 -0.21
C THR A 1223 50.45 -27.76 -1.44
N LYS A 1224 50.32 -27.18 -2.64
CA LYS A 1224 50.41 -27.96 -3.87
C LYS A 1224 51.78 -28.60 -4.03
N ARG A 1225 52.85 -27.83 -3.86
CA ARG A 1225 54.18 -28.40 -3.97
C ARG A 1225 54.54 -29.28 -2.79
N ALA A 1226 53.92 -29.07 -1.62
CA ALA A 1226 54.17 -29.93 -0.48
C ALA A 1226 53.53 -31.30 -0.68
N LYS A 1227 52.29 -31.33 -1.17
CA LYS A 1227 51.64 -32.61 -1.41
C LYS A 1227 52.24 -33.31 -2.63
N ARG A 1228 52.71 -32.55 -3.61
CA ARG A 1228 53.21 -33.17 -4.83
C ARG A 1228 54.66 -33.63 -4.70
N GLU A 1229 55.50 -32.89 -3.98
CA GLU A 1229 56.92 -33.21 -3.92
C GLU A 1229 57.30 -33.94 -2.63
N ASN A 1230 56.96 -33.38 -1.48
CA ASN A 1230 57.29 -34.01 -0.20
C ASN A 1230 56.46 -35.28 -0.04
N LEU A 1231 57.11 -36.34 0.40
CA LEU A 1231 56.50 -37.67 0.46
C LEU A 1231 55.85 -37.96 1.82
N GLU A 1232 55.87 -37.01 2.76
CA GLU A 1232 55.10 -37.18 3.99
C GLU A 1232 53.61 -37.22 3.70
N GLN A 1233 53.18 -36.51 2.66
CA GLN A 1233 51.87 -36.64 2.03
C GLN A 1233 51.89 -37.84 1.11
N LYS A 1234 50.97 -37.89 0.14
CA LYS A 1234 51.01 -38.79 -1.00
C LYS A 1234 50.74 -40.25 -0.64
N GLN A 1235 50.62 -41.10 -1.65
CA GLN A 1235 50.27 -42.51 -1.47
C GLN A 1235 51.14 -43.32 -2.40
N ILE A 1236 52.10 -44.05 -1.84
CA ILE A 1236 53.06 -44.82 -2.61
C ILE A 1236 52.97 -46.26 -2.13
N LEU A 1237 52.86 -47.21 -3.06
CA LEU A 1237 52.56 -48.58 -2.70
C LEU A 1237 53.37 -49.56 -3.53
N VAL A 1238 53.83 -50.62 -2.88
CA VAL A 1238 54.62 -51.69 -3.51
C VAL A 1238 53.73 -52.53 -4.43
N PRO A 1239 54.24 -53.04 -5.55
CA PRO A 1239 53.36 -53.71 -6.50
C PRO A 1239 53.01 -55.15 -6.13
N GLU A 1240 53.97 -55.90 -5.60
CA GLU A 1240 53.71 -57.31 -5.34
C GLU A 1240 52.86 -57.54 -4.10
N LEU A 1241 52.58 -56.50 -3.33
CA LEU A 1241 51.69 -56.61 -2.19
C LEU A 1241 50.35 -55.93 -2.45
N CYS A 1242 49.89 -55.96 -3.71
CA CYS A 1242 48.60 -55.44 -4.11
C CYS A 1242 48.04 -56.33 -5.21
N THR A 1243 46.72 -56.52 -5.21
CA THR A 1243 46.04 -57.34 -6.20
C THR A 1243 45.31 -56.47 -7.21
N VAL A 1244 45.48 -56.78 -8.48
CA VAL A 1244 44.82 -56.04 -9.55
C VAL A 1244 43.34 -56.44 -9.57
N HIS A 1245 42.46 -55.43 -9.56
CA HIS A 1245 41.04 -55.66 -9.74
C HIS A 1245 40.76 -56.07 -11.18
N PRO A 1246 39.72 -56.89 -11.41
CA PRO A 1246 39.32 -57.19 -12.79
C PRO A 1246 38.89 -55.97 -13.59
N PHE A 1247 38.24 -54.99 -12.97
CA PHE A 1247 38.06 -53.69 -13.62
C PHE A 1247 39.40 -52.98 -13.76
N PRO A 1248 39.71 -52.44 -14.94
CA PRO A 1248 40.84 -51.51 -15.05
C PRO A 1248 40.53 -50.15 -14.40
N ALA A 1249 41.44 -49.19 -14.55
CA ALA A 1249 41.14 -47.86 -14.03
C ALA A 1249 40.14 -47.13 -14.91
N SER A 1250 40.19 -47.36 -16.22
CA SER A 1250 39.28 -46.67 -17.13
C SER A 1250 37.84 -47.15 -16.94
N LEU A 1251 37.66 -48.47 -16.83
CA LEU A 1251 36.34 -48.99 -16.51
C LEU A 1251 35.91 -48.57 -15.12
N TRP A 1252 36.86 -48.32 -14.21
CA TRP A 1252 36.47 -47.85 -12.89
C TRP A 1252 35.98 -46.42 -12.92
N ARG A 1253 36.60 -45.55 -13.73
CA ARG A 1253 36.10 -44.18 -13.76
C ARG A 1253 34.75 -44.09 -14.48
N THR A 1254 34.55 -44.89 -15.52
CA THR A 1254 33.22 -44.92 -16.13
C THR A 1254 32.18 -45.57 -15.21
N ALA A 1255 32.56 -46.60 -14.45
CA ALA A 1255 31.63 -47.23 -13.53
C ALA A 1255 31.24 -46.30 -12.39
N VAL A 1256 32.18 -45.50 -11.91
CA VAL A 1256 31.86 -44.49 -10.90
C VAL A 1256 30.99 -43.37 -11.49
N CYS A 1257 31.19 -43.00 -12.74
CA CYS A 1257 30.32 -41.96 -13.28
C CYS A 1257 29.00 -42.48 -13.81
N LEU A 1258 28.74 -43.79 -13.77
CA LEU A 1258 27.43 -44.32 -14.19
C LEU A 1258 26.22 -43.83 -13.39
N PRO A 1259 26.19 -43.79 -12.04
CA PRO A 1259 24.93 -43.42 -11.35
C PRO A 1259 24.36 -42.04 -11.70
N CYS A 1260 25.21 -41.03 -11.87
CA CYS A 1260 24.71 -39.74 -12.31
C CYS A 1260 24.24 -39.78 -13.76
N ILE A 1261 24.87 -40.62 -14.59
CA ILE A 1261 24.43 -40.77 -15.97
C ILE A 1261 23.03 -41.35 -16.02
N LEU A 1262 22.78 -42.40 -15.24
CA LEU A 1262 21.47 -43.04 -15.26
C LEU A 1262 20.41 -42.16 -14.61
N TYR A 1263 20.77 -41.41 -13.56
CA TYR A 1263 19.82 -40.50 -12.94
C TYR A 1263 19.41 -39.38 -13.89
N ARG A 1264 20.37 -38.80 -14.61
CA ARG A 1264 19.98 -37.74 -15.53
C ARG A 1264 19.25 -38.30 -16.75
N ILE A 1265 19.55 -39.52 -17.18
CA ILE A 1265 18.78 -40.13 -18.25
C ILE A 1265 17.35 -40.36 -17.80
N ASN A 1266 17.16 -40.79 -16.56
CA ASN A 1266 15.83 -40.94 -15.98
C ASN A 1266 15.08 -39.60 -15.92
N GLY A 1267 15.76 -38.54 -15.48
CA GLY A 1267 15.11 -37.25 -15.37
C GLY A 1267 14.70 -36.66 -16.70
N LEU A 1268 15.59 -36.73 -17.69
CA LEU A 1268 15.23 -36.36 -19.05
C LEU A 1268 14.10 -37.22 -19.61
N LEU A 1269 14.00 -38.48 -19.21
CA LEU A 1269 12.91 -39.31 -19.72
C LEU A 1269 11.58 -38.95 -19.09
N LEU A 1270 11.56 -38.59 -17.80
CA LEU A 1270 10.34 -38.02 -17.22
C LEU A 1270 9.91 -36.73 -17.88
N ALA A 1271 10.87 -35.85 -18.20
CA ALA A 1271 10.50 -34.62 -18.87
C ALA A 1271 9.99 -34.87 -20.29
N ASP A 1272 10.60 -35.82 -20.99
CA ASP A 1272 10.08 -36.23 -22.30
C ASP A 1272 8.71 -36.90 -22.17
N ASP A 1273 8.46 -37.57 -21.05
CA ASP A 1273 7.15 -38.17 -20.80
C ASP A 1273 6.08 -37.10 -20.59
N ILE A 1274 6.41 -36.02 -19.88
CA ILE A 1274 5.47 -34.89 -19.77
C ILE A 1274 5.20 -34.27 -21.14
N ARG A 1275 6.25 -34.12 -21.96
CA ARG A 1275 6.06 -33.59 -23.30
C ARG A 1275 5.14 -34.50 -24.13
N LYS A 1276 5.35 -35.82 -24.05
CA LYS A 1276 4.52 -36.75 -24.80
C LYS A 1276 3.10 -36.79 -24.27
N GLN A 1277 2.93 -36.64 -22.95
CA GLN A 1277 1.61 -36.66 -22.35
C GLN A 1277 0.79 -35.46 -22.81
N VAL A 1278 1.40 -34.28 -22.86
CA VAL A 1278 0.67 -33.12 -23.32
C VAL A 1278 0.59 -33.11 -24.86
N SER A 1279 1.48 -33.86 -25.54
CA SER A 1279 1.34 -34.00 -26.98
C SER A 1279 0.26 -34.99 -27.37
N ALA A 1280 -0.12 -35.89 -26.47
CA ALA A 1280 -1.21 -36.82 -26.71
C ALA A 1280 -2.55 -36.31 -26.21
N ASP A 1281 -2.55 -35.59 -25.09
CA ASP A 1281 -3.81 -35.09 -24.54
C ASP A 1281 -4.38 -33.96 -25.40
N LEU A 1282 -3.52 -33.13 -25.98
CA LEU A 1282 -3.99 -31.88 -26.56
C LEU A 1282 -3.29 -31.54 -27.86
N GLY A 1283 -2.43 -32.42 -28.38
CA GLY A 1283 -1.74 -32.11 -29.61
C GLY A 1283 -0.67 -31.06 -29.46
N LEU A 1284 -0.11 -30.92 -28.26
CA LEU A 1284 0.90 -29.90 -27.97
C LEU A 1284 2.27 -30.56 -27.96
N GLY A 1285 2.84 -30.69 -29.14
CA GLY A 1285 4.12 -31.35 -29.34
C GLY A 1285 3.99 -32.57 -30.23
N ARG A 1286 5.15 -33.12 -30.58
CA ARG A 1286 5.22 -34.36 -31.32
C ARG A 1286 5.11 -35.55 -30.38
N GLN A 1287 4.67 -36.68 -30.94
CA GLN A 1287 4.40 -37.85 -30.12
C GLN A 1287 5.65 -38.70 -29.91
N GLN A 1288 6.20 -39.27 -30.97
CA GLN A 1288 7.33 -40.17 -30.85
C GLN A 1288 8.41 -39.77 -31.85
N ILE A 1289 9.62 -39.54 -31.33
CA ILE A 1289 10.77 -39.15 -32.13
C ILE A 1289 11.98 -39.98 -31.74
N PHE A 1294 17.83 -35.85 -35.41
CA PHE A 1294 17.23 -34.94 -34.44
C PHE A 1294 17.67 -35.25 -33.02
N GLU A 1295 18.13 -34.23 -32.31
CA GLU A 1295 18.45 -34.36 -30.90
C GLU A 1295 18.30 -33.00 -30.24
N TRP A 1296 18.25 -33.01 -28.92
CA TRP A 1296 17.90 -31.80 -28.19
C TRP A 1296 19.10 -30.90 -27.96
N PRO A 1297 18.86 -29.61 -27.74
CA PRO A 1297 19.91 -28.74 -27.19
C PRO A 1297 20.38 -29.25 -25.84
N MET A 1298 21.69 -29.15 -25.61
CA MET A 1298 22.34 -29.82 -24.51
C MET A 1298 21.94 -29.20 -23.17
N LEU A 1299 21.89 -30.05 -22.14
CA LEU A 1299 21.65 -29.54 -20.81
C LEU A 1299 22.91 -28.87 -20.29
N ASP A 1300 22.76 -27.65 -19.77
CA ASP A 1300 23.85 -26.91 -19.17
C ASP A 1300 23.31 -26.20 -17.94
N PHE A 1301 24.15 -25.36 -17.34
CA PHE A 1301 23.74 -24.62 -16.15
C PHE A 1301 23.65 -23.13 -16.39
N GLY A 1302 23.80 -22.67 -17.64
CA GLY A 1302 23.74 -21.27 -17.94
C GLY A 1302 25.10 -20.63 -18.09
N TRP A 1303 26.03 -21.01 -17.22
CA TRP A 1303 27.38 -20.44 -17.25
C TRP A 1303 28.32 -21.29 -18.08
N ARG A 1525 20.84 26.54 -4.01
CA ARG A 1525 20.06 27.18 -5.06
C ARG A 1525 18.70 26.51 -5.14
N GLN A 1526 18.71 25.23 -5.51
CA GLN A 1526 17.49 24.51 -5.88
C GLN A 1526 16.49 24.42 -4.74
N LYS A 1527 16.99 24.13 -3.52
CA LYS A 1527 16.12 23.90 -2.37
C LYS A 1527 15.30 25.15 -2.04
N GLN A 1528 15.94 26.33 -2.12
CA GLN A 1528 15.22 27.59 -1.98
C GLN A 1528 14.09 27.71 -3.00
N LEU A 1529 14.37 27.38 -4.25
CA LEU A 1529 13.34 27.36 -5.28
C LEU A 1529 12.24 26.37 -4.94
N SER A 1530 12.61 25.25 -4.31
CA SER A 1530 11.61 24.27 -3.89
C SER A 1530 10.67 24.86 -2.84
N ILE A 1531 11.21 25.74 -1.98
CA ILE A 1531 10.39 26.44 -1.00
C ILE A 1531 9.36 27.31 -1.70
N ILE A 1532 9.76 27.91 -2.83
CA ILE A 1532 8.82 28.69 -3.65
C ILE A 1532 7.67 27.81 -4.11
N GLN A 1533 7.98 26.61 -4.59
CA GLN A 1533 6.93 25.74 -5.11
C GLN A 1533 6.21 25.02 -3.99
N ALA A 1534 6.61 25.27 -2.74
CA ALA A 1534 5.83 24.75 -1.63
C ALA A 1534 5.03 25.85 -0.96
N THR A 1535 5.09 27.08 -1.49
CA THR A 1535 4.36 28.16 -0.84
C THR A 1535 3.44 28.88 -1.83
N ASN A 1536 3.77 28.82 -3.13
CA ASN A 1536 3.01 29.56 -4.13
C ASN A 1536 1.58 29.06 -4.24
N ALA A 1537 1.39 27.74 -4.15
CA ALA A 1537 0.05 27.16 -4.04
C ALA A 1537 -0.66 27.70 -2.82
N ASN A 1538 0.02 27.70 -1.67
CA ASN A 1538 -0.55 28.26 -0.47
C ASN A 1538 -0.71 29.78 -0.54
N GLU A 1539 -0.10 30.41 -1.55
CA GLU A 1539 -0.40 31.81 -1.87
C GLU A 1539 -1.90 32.01 -2.06
N ARG A 1540 -2.53 31.19 -2.90
CA ARG A 1540 -3.98 31.27 -3.07
C ARG A 1540 -4.73 30.87 -1.81
N GLN A 1541 -4.07 30.13 -0.91
CA GLN A 1541 -4.60 29.98 0.43
C GLN A 1541 -4.44 31.27 1.22
N TYR A 1542 -3.19 31.75 1.34
CA TYR A 1542 -2.79 32.63 2.45
C TYR A 1542 -3.60 33.90 2.50
N GLN A 1543 -3.49 34.72 1.43
CA GLN A 1543 -4.19 36.00 1.36
C GLN A 1543 -5.69 35.80 1.50
N GLN A 1544 -6.21 34.71 0.91
CA GLN A 1544 -7.63 34.42 0.91
C GLN A 1544 -8.19 34.36 2.32
N THR A 1545 -7.41 33.76 3.24
CA THR A 1545 -7.86 33.63 4.62
C THR A 1545 -8.14 35.00 5.23
N LYS A 1546 -7.15 35.90 5.15
CA LYS A 1546 -7.38 37.25 5.65
C LYS A 1546 -8.43 37.96 4.80
N ASN A 1547 -8.39 37.71 3.47
CA ASN A 1547 -9.33 38.33 2.55
C ASN A 1547 -10.76 37.92 2.82
N LEU A 1548 -10.97 36.83 3.54
CA LEU A 1548 -12.34 36.41 3.81
C LEU A 1548 -12.73 36.51 5.27
N LEU A 1549 -11.95 37.17 6.12
CA LEU A 1549 -12.40 37.27 7.51
C LEU A 1549 -12.57 38.69 8.02
N ILE A 1550 -11.97 39.70 7.39
CA ILE A 1550 -11.99 41.06 7.91
C ILE A 1550 -12.59 42.06 6.94
N GLY A 1551 -12.20 42.03 5.66
CA GLY A 1551 -12.50 43.14 4.78
C GLY A 1551 -13.95 43.32 4.34
N PHE A 1552 -14.41 42.46 3.43
CA PHE A 1552 -15.76 42.41 2.86
C PHE A 1552 -16.29 43.78 2.37
N ASN A 1553 -15.41 44.73 2.08
CA ASN A 1553 -15.74 46.15 2.07
C ASN A 1553 -16.08 46.60 0.64
N PHE A 1554 -16.07 47.93 0.43
CA PHE A 1554 -16.02 48.60 -0.86
C PHE A 1554 -17.22 48.41 -1.80
N LYS A 1555 -18.34 49.06 -1.50
CA LYS A 1555 -19.51 49.13 -2.39
C LYS A 1555 -19.17 49.74 -3.73
N HIS A 1556 -20.10 49.60 -4.68
CA HIS A 1556 -19.80 49.95 -6.07
C HIS A 1556 -19.83 51.45 -6.29
N GLU A 1557 -20.96 52.10 -6.07
CA GLU A 1557 -21.07 53.54 -6.24
C GLU A 1557 -21.80 54.18 -5.07
N ARG A 1566 -38.93 49.20 -0.87
CA ARG A 1566 -39.42 47.84 -0.95
C ARG A 1566 -38.69 46.94 0.04
N TYR A 1567 -37.41 47.26 0.26
CA TYR A 1567 -36.58 46.47 1.16
C TYR A 1567 -37.04 46.58 2.61
N GLU A 1568 -37.49 47.77 3.02
CA GLU A 1568 -37.96 47.96 4.39
C GLU A 1568 -39.23 47.15 4.64
N GLU A 1569 -40.08 47.02 3.63
CA GLU A 1569 -41.27 46.17 3.75
C GLU A 1569 -40.90 44.71 3.91
N SER A 1570 -39.89 44.24 3.16
CA SER A 1570 -39.45 42.86 3.28
C SER A 1570 -38.80 42.59 4.64
N ILE A 1571 -38.00 43.53 5.13
CA ILE A 1571 -37.40 43.36 6.46
C ILE A 1571 -38.46 43.41 7.54
N ALA A 1572 -39.49 44.26 7.37
CA ALA A 1572 -40.58 44.29 8.35
C ALA A 1572 -41.38 42.99 8.33
N LYS A 1573 -41.61 42.42 7.15
CA LYS A 1573 -42.29 41.13 7.03
C LYS A 1573 -41.48 40.02 7.68
N LEU A 1574 -40.16 39.98 7.41
CA LEU A 1574 -39.31 38.99 8.02
C LEU A 1574 -39.20 39.18 9.53
N LYS A 1575 -39.19 40.43 10.00
CA LYS A 1575 -39.13 40.69 11.43
C LYS A 1575 -40.42 40.25 12.13
N THR A 1576 -41.57 40.50 11.52
CA THR A 1576 -42.83 40.02 12.08
C THR A 1576 -42.90 38.51 12.03
N GLU A 1577 -42.32 37.88 11.00
CA GLU A 1577 -42.28 36.43 10.93
C GLU A 1577 -41.37 35.84 12.01
N ILE A 1578 -40.23 36.49 12.27
CA ILE A 1578 -39.29 36.01 13.28
C ILE A 1578 -39.87 36.19 14.68
N GLU A 1579 -40.46 37.36 14.95
CA GLU A 1579 -41.06 37.63 16.25
C GLU A 1579 -42.35 36.83 16.47
N SER A 1580 -43.04 36.46 15.41
CA SER A 1580 -44.31 35.77 15.51
C SER A 1580 -44.19 34.25 15.35
N GLY A 1581 -43.30 33.78 14.51
CA GLY A 1581 -43.20 32.37 14.22
C GLY A 1581 -42.44 31.53 15.23
N GLY A 1582 -42.09 32.11 16.38
CA GLY A 1582 -41.34 31.38 17.39
C GLY A 1582 -39.85 31.37 17.18
N MET A 1583 -39.34 31.97 16.09
CA MET A 1583 -37.90 32.02 15.87
C MET A 1583 -37.24 32.97 16.85
N LEU A 1584 -37.79 34.17 17.01
CA LEU A 1584 -37.35 35.05 18.10
C LEU A 1584 -37.91 34.51 19.39
N VAL A 1585 -37.09 33.79 20.14
CA VAL A 1585 -37.51 33.29 21.44
C VAL A 1585 -37.54 34.47 22.40
N PRO A 1586 -38.66 34.76 23.04
CA PRO A 1586 -38.67 35.79 24.08
C PRO A 1586 -37.90 35.33 25.30
N HIS A 1587 -37.40 36.31 26.05
CA HIS A 1587 -36.44 36.03 27.12
C HIS A 1587 -37.06 35.44 28.37
N ASP A 1588 -38.36 35.15 28.38
CA ASP A 1588 -38.99 34.41 29.47
C ASP A 1588 -39.52 33.06 29.02
N GLN A 1589 -39.57 32.81 27.71
CA GLN A 1589 -40.09 31.57 27.15
C GLN A 1589 -38.95 30.58 26.95
N GLN A 1590 -39.08 29.39 27.51
CA GLN A 1590 -38.06 28.36 27.35
C GLN A 1590 -38.14 27.76 25.95
N LEU A 1591 -37.01 27.21 25.50
CA LEU A 1591 -36.96 26.57 24.20
C LEU A 1591 -37.74 25.25 24.22
N VAL A 1592 -38.32 24.92 23.07
CA VAL A 1592 -39.08 23.69 22.93
C VAL A 1592 -38.50 22.85 21.79
N VAL A 1606 -59.83 8.72 0.40
CA VAL A 1606 -60.04 9.01 -1.01
C VAL A 1606 -60.08 7.69 -1.78
N SER A 1607 -61.10 7.52 -2.62
CA SER A 1607 -61.24 6.32 -3.42
C SER A 1607 -60.17 6.28 -4.51
N MET A 1608 -60.03 5.10 -5.10
CA MET A 1608 -58.91 4.84 -6.01
C MET A 1608 -59.11 5.61 -7.31
N MET A 1609 -60.35 5.70 -7.79
CA MET A 1609 -60.61 6.38 -9.06
C MET A 1609 -60.40 7.89 -8.95
N GLU A 1610 -60.79 8.49 -7.82
CA GLU A 1610 -60.60 9.93 -7.65
C GLU A 1610 -59.13 10.29 -7.48
N LEU A 1611 -58.39 9.49 -6.71
CA LEU A 1611 -56.95 9.68 -6.56
C LEU A 1611 -56.23 9.45 -7.89
N LEU A 1612 -56.71 8.48 -8.66
CA LEU A 1612 -56.18 8.23 -9.99
C LEU A 1612 -56.44 9.40 -10.93
N LYS A 1613 -57.64 10.00 -10.84
CA LYS A 1613 -57.97 11.10 -11.73
C LYS A 1613 -57.18 12.35 -11.38
N GLN A 1614 -57.01 12.64 -10.08
CA GLN A 1614 -56.19 13.79 -9.70
C GLN A 1614 -54.71 13.52 -9.89
N LEU A 1615 -54.30 12.25 -9.95
CA LEU A 1615 -52.91 11.91 -10.18
C LEU A 1615 -52.60 11.69 -11.65
N LEU A 1616 -53.57 11.25 -12.44
CA LEU A 1616 -53.38 11.01 -13.86
C LEU A 1616 -54.49 11.73 -14.63
N PRO A 1617 -54.41 13.06 -14.74
CA PRO A 1617 -55.53 13.80 -15.32
C PRO A 1617 -55.53 13.77 -16.85
N TYR A 1618 -54.36 13.52 -17.44
CA TYR A 1618 -54.21 13.50 -18.89
C TYR A 1618 -54.89 12.29 -19.52
N VAL A 1623 -61.24 5.26 -20.23
CA VAL A 1623 -59.85 5.01 -20.58
C VAL A 1623 -59.07 4.60 -19.34
N LEU A 1624 -59.23 5.36 -18.26
CA LEU A 1624 -58.52 5.08 -17.02
C LEU A 1624 -59.08 3.82 -16.35
N ALA A 1625 -60.38 3.62 -16.41
CA ALA A 1625 -60.99 2.42 -15.83
C ALA A 1625 -60.71 1.17 -16.65
N LYS A 1626 -60.34 1.33 -17.93
CA LYS A 1626 -59.89 0.19 -18.72
C LYS A 1626 -58.55 -0.32 -18.23
N LYS A 1627 -57.63 0.58 -17.90
CA LYS A 1627 -56.33 0.18 -17.39
C LYS A 1627 -56.37 -0.23 -15.93
N LEU A 1628 -57.24 0.40 -15.12
CA LEU A 1628 -57.41 -0.05 -13.74
C LEU A 1628 -57.99 -1.45 -13.68
N GLY A 1629 -59.09 -1.67 -14.39
CA GLY A 1629 -59.76 -2.96 -14.33
C GLY A 1629 -60.38 -3.19 -12.95
N ASP A 1630 -60.39 -4.45 -12.54
CA ASP A 1630 -60.95 -4.80 -11.24
C ASP A 1630 -59.88 -4.89 -10.14
N ARG A 1631 -58.60 -4.78 -10.49
CA ARG A 1631 -57.56 -4.87 -9.50
C ARG A 1631 -57.39 -3.53 -8.79
N ARG A 1632 -56.50 -3.50 -7.79
CA ARG A 1632 -56.42 -2.37 -6.89
C ARG A 1632 -55.62 -1.21 -7.48
N GLU A 1633 -54.33 -1.42 -7.73
CA GLU A 1633 -53.42 -0.37 -8.11
C GLU A 1633 -53.26 -0.33 -9.64
N LEU A 1634 -52.29 0.43 -10.10
CA LEU A 1634 -51.98 0.52 -11.51
C LEU A 1634 -50.56 0.05 -11.76
N LEU A 1635 -50.30 -0.37 -13.00
CA LEU A 1635 -49.02 -0.94 -13.38
C LEU A 1635 -48.16 0.10 -14.09
N LEU A 1636 -46.84 0.04 -13.86
CA LEU A 1636 -45.93 0.98 -14.50
C LEU A 1636 -45.86 0.76 -16.00
N SER A 1637 -45.96 -0.49 -16.45
CA SER A 1637 -46.07 -0.77 -17.87
C SER A 1637 -47.38 -0.22 -18.43
N ASP A 1638 -48.44 -0.26 -17.62
CA ASP A 1638 -49.68 0.42 -18.00
C ASP A 1638 -49.47 1.93 -18.01
N LEU A 1639 -48.64 2.47 -17.11
CA LEU A 1639 -48.38 3.90 -17.08
C LEU A 1639 -47.68 4.38 -18.34
N VAL A 1640 -46.64 3.64 -18.77
CA VAL A 1640 -46.00 4.00 -20.03
C VAL A 1640 -46.91 3.71 -21.21
N GLU A 1641 -47.88 2.80 -21.06
CA GLU A 1641 -48.83 2.58 -22.14
C GLU A 1641 -49.82 3.74 -22.27
N LEU A 1642 -50.27 4.32 -21.14
CA LEU A 1642 -51.09 5.53 -21.26
C LEU A 1642 -50.31 6.67 -21.87
N ASN A 1643 -49.02 6.81 -21.52
CA ASN A 1643 -48.23 7.87 -22.13
C ASN A 1643 -48.05 7.63 -23.63
N ALA A 1644 -47.82 6.38 -24.03
CA ALA A 1644 -47.62 6.06 -25.44
C ALA A 1644 -48.89 6.26 -26.25
N ASP A 1645 -50.04 5.88 -25.69
CA ASP A 1645 -51.32 6.11 -26.35
C ASP A 1645 -51.60 7.60 -26.47
N TRP A 1646 -51.29 8.38 -25.42
CA TRP A 1646 -51.57 9.80 -25.48
C TRP A 1646 -50.64 10.52 -26.46
N VAL A 1647 -49.37 10.09 -26.55
CA VAL A 1647 -48.50 10.76 -27.52
C VAL A 1647 -48.79 10.28 -28.93
N ALA A 1648 -49.37 9.08 -29.09
CA ALA A 1648 -49.77 8.64 -30.43
C ALA A 1648 -51.03 9.37 -30.90
N ARG A 1649 -51.98 9.60 -30.00
CA ARG A 1649 -53.20 10.29 -30.40
C ARG A 1649 -53.06 11.80 -30.43
N HIS A 1650 -52.12 12.37 -29.67
CA HIS A 1650 -51.95 13.81 -29.54
C HIS A 1650 -50.50 14.15 -29.87
N GLU A 1651 -50.31 15.01 -30.87
CA GLU A 1651 -48.98 15.25 -31.41
C GLU A 1651 -48.14 16.11 -30.47
N GLN A 1652 -46.95 15.58 -30.13
CA GLN A 1652 -45.88 16.23 -29.38
C GLN A 1652 -46.22 16.54 -27.93
N GLU A 1653 -45.18 16.64 -27.10
CA GLU A 1653 -45.29 16.90 -25.67
C GLU A 1653 -44.28 17.95 -25.26
N THR A 1654 -44.26 19.09 -25.99
CA THR A 1654 -43.22 20.11 -25.95
C THR A 1654 -42.92 20.63 -24.55
N TYR A 1655 -41.71 20.39 -24.09
CA TYR A 1655 -41.35 20.43 -22.68
C TYR A 1655 -40.53 21.66 -22.37
N ASN A 1656 -40.79 22.24 -21.20
CA ASN A 1656 -40.02 23.39 -20.72
C ASN A 1656 -39.09 22.90 -19.61
N VAL A 1657 -37.81 23.19 -19.75
CA VAL A 1657 -36.80 22.67 -18.84
C VAL A 1657 -36.81 23.57 -17.60
N MET A 1658 -37.46 23.10 -16.54
CA MET A 1658 -37.39 23.76 -15.26
C MET A 1658 -35.97 23.63 -14.71
N GLY A 1659 -35.57 24.59 -13.88
CA GLY A 1659 -34.27 24.54 -13.25
C GLY A 1659 -34.09 23.36 -12.33
N ASP A 1662 -30.05 20.91 -17.79
CA ASP A 1662 -28.59 20.95 -17.84
C ASP A 1662 -28.14 20.86 -19.27
N SER A 1663 -27.33 21.83 -19.69
CA SER A 1663 -26.71 21.82 -21.01
C SER A 1663 -25.28 21.32 -20.96
N PHE A 1664 -24.87 20.73 -19.84
CA PHE A 1664 -23.47 20.44 -19.58
C PHE A 1664 -22.98 19.27 -20.43
N ASP A 1665 -23.77 18.22 -20.59
CA ASP A 1665 -23.33 17.08 -21.40
C ASP A 1665 -24.13 16.89 -22.69
N ASN A 1666 -25.45 17.08 -22.64
CA ASN A 1666 -26.38 16.98 -23.76
C ASN A 1666 -26.33 15.63 -24.47
N TYR A 1667 -26.97 15.56 -25.64
CA TYR A 1667 -26.94 14.47 -26.61
C TYR A 1667 -27.58 13.16 -26.14
N ASN A 1668 -27.96 13.08 -24.87
CA ASN A 1668 -28.79 11.98 -24.38
C ASN A 1668 -30.11 12.50 -23.85
N ASP A 1669 -30.07 13.39 -22.87
CA ASP A 1669 -31.22 14.05 -22.31
C ASP A 1669 -31.65 15.26 -23.14
N HIS A 1670 -30.88 15.61 -24.16
CA HIS A 1670 -31.08 16.84 -24.92
C HIS A 1670 -30.87 16.50 -26.39
N HIS A 1671 -30.67 17.52 -27.21
CA HIS A 1671 -30.71 17.47 -28.67
C HIS A 1671 -32.03 16.88 -29.15
N ALA A 1705 13.88 -8.87 -35.61
CA ALA A 1705 13.38 -9.48 -34.38
C ALA A 1705 14.29 -9.15 -33.20
N GLY A 1706 14.12 -7.96 -32.63
CA GLY A 1706 14.85 -7.57 -31.45
C GLY A 1706 14.13 -7.95 -30.18
N PHE A 1707 13.97 -9.27 -29.97
CA PHE A 1707 13.24 -9.86 -28.85
C PHE A 1707 11.79 -9.37 -28.81
N SER A 1708 11.03 -9.83 -29.80
CA SER A 1708 9.58 -9.68 -29.75
C SER A 1708 9.01 -10.44 -28.55
N PHE A 1709 7.98 -9.86 -27.94
CA PHE A 1709 7.38 -10.46 -26.75
C PHE A 1709 6.22 -11.38 -27.06
N ASP A 1710 5.65 -11.27 -28.26
CA ASP A 1710 4.53 -12.11 -28.71
C ASP A 1710 4.95 -12.97 -29.89
N ARG A 1711 6.15 -13.54 -29.79
CA ARG A 1711 6.68 -14.39 -30.86
C ARG A 1711 6.10 -15.79 -30.73
N GLN A 1712 5.48 -16.28 -31.79
CA GLN A 1712 4.81 -17.57 -31.79
C GLN A 1712 5.45 -18.50 -32.80
N PRO A 1713 5.99 -19.64 -32.38
CA PRO A 1713 6.40 -20.66 -33.34
C PRO A 1713 5.19 -21.36 -33.94
N ASP A 1714 5.43 -22.02 -35.08
CA ASP A 1714 4.39 -22.84 -35.70
C ASP A 1714 4.14 -24.06 -34.82
N LEU A 1715 3.00 -24.08 -34.13
CA LEU A 1715 2.71 -25.19 -33.23
C LEU A 1715 2.31 -26.47 -33.97
N VAL A 1716 1.92 -26.36 -35.25
CA VAL A 1716 1.72 -27.55 -36.06
C VAL A 1716 3.07 -28.07 -36.53
N GLY A 1717 3.28 -29.37 -36.38
CA GLY A 1717 4.58 -29.95 -36.65
C GLY A 1717 5.68 -29.47 -35.73
N HIS A 1718 5.36 -29.29 -34.45
CA HIS A 1718 6.33 -28.75 -33.51
C HIS A 1718 6.72 -29.80 -32.49
N PRO A 1719 8.02 -29.92 -32.17
CA PRO A 1719 8.46 -30.90 -31.18
C PRO A 1719 8.16 -30.52 -29.74
N GLY A 1720 7.52 -29.38 -29.51
CA GLY A 1720 7.25 -28.94 -28.17
C GLY A 1720 8.50 -28.44 -27.49
N PRO A 1721 8.45 -28.31 -26.17
CA PRO A 1721 9.64 -27.96 -25.41
C PRO A 1721 10.65 -29.09 -25.36
N SER A 1722 11.91 -28.73 -25.18
CA SER A 1722 12.93 -29.71 -24.92
C SER A 1722 12.79 -30.26 -23.51
N PRO A 1723 13.16 -31.53 -23.28
CA PRO A 1723 13.15 -32.07 -21.91
C PRO A 1723 14.19 -31.47 -21.00
N SER A 1724 15.16 -30.73 -21.52
CA SER A 1724 16.06 -29.97 -20.67
C SER A 1724 15.32 -28.86 -19.93
N ILE A 1725 14.50 -28.09 -20.65
CA ILE A 1725 13.76 -27.00 -20.04
C ILE A 1725 12.61 -27.52 -19.20
N ILE A 1726 11.98 -28.63 -19.62
CA ILE A 1726 10.96 -29.25 -18.79
C ILE A 1726 11.57 -29.84 -17.53
N LEU A 1727 12.79 -30.38 -17.62
CA LEU A 1727 13.51 -30.83 -16.44
C LEU A 1727 13.84 -29.67 -15.52
N GLN A 1728 14.29 -28.55 -16.09
CA GLN A 1728 14.59 -27.35 -15.31
C GLN A 1728 13.34 -26.82 -14.61
N ALA A 1729 12.20 -26.88 -15.29
CA ALA A 1729 10.93 -26.53 -14.66
C ALA A 1729 10.57 -27.52 -13.56
N LEU A 1730 10.89 -28.80 -13.74
CA LEU A 1730 10.66 -29.78 -12.69
C LEU A 1730 11.68 -29.66 -11.57
N THR A 1731 12.86 -29.13 -11.84
CA THR A 1731 13.96 -29.14 -10.87
C THR A 1731 13.72 -28.06 -9.83
N MET A 1732 13.42 -28.46 -8.59
CA MET A 1732 13.26 -27.50 -7.53
C MET A 1732 14.62 -26.92 -7.14
N SER A 1733 14.58 -25.78 -6.44
CA SER A 1733 15.81 -25.14 -5.99
C SER A 1733 16.52 -25.94 -4.90
N ASN A 1734 15.80 -26.84 -4.22
CA ASN A 1734 16.42 -27.70 -3.22
C ASN A 1734 17.30 -28.78 -3.84
N ALA A 1735 17.30 -28.91 -5.17
CA ALA A 1735 18.09 -29.94 -5.82
C ALA A 1735 19.59 -29.75 -5.65
N ASN A 1736 20.03 -28.52 -5.34
CA ASN A 1736 21.44 -28.12 -5.34
C ASN A 1736 22.12 -28.49 -6.65
N ASP A 1737 21.41 -28.22 -7.74
CA ASP A 1737 21.92 -28.40 -9.08
C ASP A 1737 22.06 -27.05 -9.74
N GLY A 1738 22.73 -27.03 -10.89
CA GLY A 1738 22.91 -25.79 -11.60
C GLY A 1738 21.65 -25.28 -12.27
N ILE A 1739 20.69 -26.17 -12.53
CA ILE A 1739 19.39 -25.79 -13.05
C ILE A 1739 18.39 -25.83 -11.90
N ASN A 1740 17.51 -24.84 -11.86
CA ASN A 1740 16.33 -24.91 -11.00
C ASN A 1740 15.24 -24.06 -11.63
N LEU A 1741 14.04 -24.18 -11.08
CA LEU A 1741 12.86 -23.55 -11.65
C LEU A 1741 12.70 -22.08 -11.31
N GLU A 1742 13.49 -21.53 -10.37
CA GLU A 1742 13.11 -20.30 -9.68
C GLU A 1742 13.09 -19.10 -10.60
N ARG A 1743 14.07 -18.99 -11.48
CA ARG A 1743 14.08 -17.88 -12.43
C ARG A 1743 13.00 -18.07 -13.49
N LEU A 1744 12.52 -19.29 -13.67
CA LEU A 1744 11.52 -19.62 -14.68
C LEU A 1744 10.09 -19.42 -14.18
N GLU A 1745 9.86 -19.56 -12.87
CA GLU A 1745 8.55 -19.30 -12.32
C GLU A 1745 8.19 -17.82 -12.33
N THR A 1746 9.17 -16.92 -12.36
CA THR A 1746 8.86 -15.50 -12.39
C THR A 1746 8.32 -15.06 -13.74
N ILE A 1747 8.72 -15.70 -14.83
CA ILE A 1747 8.10 -15.43 -16.11
C ILE A 1747 6.83 -16.26 -16.33
N GLY A 1748 6.75 -17.47 -15.79
CA GLY A 1748 5.52 -18.23 -15.88
C GLY A 1748 4.36 -17.61 -15.12
N ASP A 1749 4.64 -17.15 -13.90
CA ASP A 1749 3.65 -16.43 -13.12
C ASP A 1749 3.16 -15.15 -13.76
N SER A 1750 4.09 -14.36 -14.30
CA SER A 1750 3.69 -13.12 -14.93
C SER A 1750 2.86 -13.37 -16.18
N PHE A 1751 3.17 -14.41 -16.96
CA PHE A 1751 2.31 -14.70 -18.10
C PHE A 1751 0.97 -15.26 -17.69
N LEU A 1752 0.92 -16.06 -16.62
CA LEU A 1752 -0.36 -16.56 -16.12
C LEU A 1752 -1.26 -15.42 -15.68
N LYS A 1753 -0.73 -14.47 -14.90
CA LYS A 1753 -1.51 -13.32 -14.43
C LYS A 1753 -1.94 -12.45 -15.60
N TYR A 1754 -1.05 -12.23 -16.56
CA TYR A 1754 -1.36 -11.56 -17.81
C TYR A 1754 -2.55 -12.15 -18.56
N ALA A 1755 -2.52 -13.46 -18.80
CA ALA A 1755 -3.53 -14.07 -19.65
C ALA A 1755 -4.86 -14.19 -18.94
N ILE A 1756 -4.84 -14.45 -17.63
CA ILE A 1756 -6.06 -14.42 -16.83
C ILE A 1756 -6.69 -13.03 -16.88
N THR A 1757 -5.88 -11.98 -16.78
CA THR A 1757 -6.40 -10.61 -16.82
C THR A 1757 -6.99 -10.27 -18.18
N THR A 1758 -6.34 -10.67 -19.27
CA THR A 1758 -6.88 -10.35 -20.59
C THR A 1758 -8.19 -11.11 -20.88
N TYR A 1759 -8.24 -12.40 -20.53
CA TYR A 1759 -9.48 -13.16 -20.68
C TYR A 1759 -10.61 -12.60 -19.81
N LEU A 1760 -10.30 -12.23 -18.56
CA LEU A 1760 -11.29 -11.64 -17.69
C LEU A 1760 -11.77 -10.29 -18.18
N TYR A 1761 -10.92 -9.55 -18.89
CA TYR A 1761 -11.42 -8.36 -19.55
C TYR A 1761 -12.37 -8.73 -20.67
N ILE A 1762 -12.04 -9.73 -21.47
CA ILE A 1762 -12.76 -9.88 -22.73
C ILE A 1762 -14.13 -10.54 -22.53
N THR A 1763 -14.21 -11.54 -21.66
CA THR A 1763 -15.49 -12.21 -21.52
C THR A 1763 -16.52 -11.35 -20.80
N TYR A 1764 -16.13 -10.73 -19.69
CA TYR A 1764 -17.11 -10.14 -18.79
C TYR A 1764 -17.06 -8.62 -18.97
N GLU A 1765 -17.88 -8.14 -19.90
CA GLU A 1765 -17.70 -6.85 -20.54
C GLU A 1765 -18.53 -5.72 -19.94
N ASN A 1766 -19.48 -6.02 -19.06
CA ASN A 1766 -20.21 -4.96 -18.37
C ASN A 1766 -19.73 -4.74 -16.94
N VAL A 1767 -19.16 -5.76 -16.33
CA VAL A 1767 -18.79 -5.72 -14.93
C VAL A 1767 -17.57 -4.81 -14.76
N HIS A 1768 -17.58 -4.00 -13.72
CA HIS A 1768 -16.37 -3.25 -13.43
C HIS A 1768 -15.35 -4.18 -12.79
N GLU A 1769 -14.08 -3.81 -12.96
CA GLU A 1769 -12.94 -4.65 -12.66
C GLU A 1769 -12.69 -4.92 -11.18
N GLY A 1770 -13.44 -4.30 -10.27
CA GLY A 1770 -13.30 -4.61 -8.86
C GLY A 1770 -13.72 -6.03 -8.51
N LYS A 1771 -14.51 -6.67 -9.36
CA LYS A 1771 -14.86 -8.08 -9.24
C LYS A 1771 -14.10 -8.95 -10.22
N LEU A 1772 -13.61 -8.39 -11.32
CA LEU A 1772 -12.65 -9.11 -12.15
C LEU A 1772 -11.36 -9.37 -11.40
N SER A 1773 -10.98 -8.48 -10.50
CA SER A 1773 -9.88 -8.74 -9.59
C SER A 1773 -10.19 -9.94 -8.69
N HIS A 1774 -11.43 -10.08 -8.26
CA HIS A 1774 -11.81 -11.22 -7.41
C HIS A 1774 -11.79 -12.52 -8.19
N LEU A 1775 -12.23 -12.48 -9.45
CA LEU A 1775 -12.17 -13.67 -10.30
C LEU A 1775 -10.73 -14.07 -10.58
N ARG A 1776 -9.86 -13.09 -10.84
CA ARG A 1776 -8.44 -13.39 -11.05
C ARG A 1776 -7.80 -13.94 -9.78
N SER A 1777 -8.07 -13.32 -8.64
CA SER A 1777 -7.57 -13.81 -7.35
C SER A 1777 -8.09 -15.19 -7.01
N LYS A 1778 -9.26 -15.57 -7.54
CA LYS A 1778 -9.67 -16.96 -7.46
C LYS A 1778 -8.84 -17.84 -8.38
N GLN A 1779 -8.60 -17.38 -9.62
CA GLN A 1779 -8.04 -18.25 -10.65
C GLN A 1779 -6.52 -18.40 -10.56
N VAL A 1780 -5.80 -17.35 -10.16
CA VAL A 1780 -4.33 -17.35 -10.23
C VAL A 1780 -3.70 -17.78 -8.89
N ALA A 1781 -4.51 -17.93 -7.84
CA ALA A 1781 -3.99 -18.21 -6.51
C ALA A 1781 -3.34 -19.59 -6.45
N ASN A 1782 -2.32 -19.71 -5.58
CA ASN A 1782 -1.47 -20.89 -5.59
C ASN A 1782 -2.17 -22.13 -5.05
N LEU A 1783 -3.27 -21.97 -4.31
CA LEU A 1783 -4.12 -23.12 -4.00
C LEU A 1783 -4.70 -23.72 -5.27
N ASN A 1784 -5.16 -22.88 -6.18
CA ASN A 1784 -5.74 -23.36 -7.43
C ASN A 1784 -4.68 -24.01 -8.30
N LEU A 1785 -3.49 -23.43 -8.36
CA LEU A 1785 -2.45 -23.97 -9.22
C LEU A 1785 -1.87 -25.26 -8.64
N TYR A 1786 -1.81 -25.35 -7.31
CA TYR A 1786 -1.58 -26.63 -6.63
C TYR A 1786 -2.56 -27.71 -7.02
N ARG A 1787 -3.85 -27.43 -6.90
CA ARG A 1787 -4.80 -28.52 -7.08
C ARG A 1787 -4.87 -28.92 -8.55
N LEU A 1788 -4.61 -27.96 -9.45
CA LEU A 1788 -4.45 -28.27 -10.87
C LEU A 1788 -3.23 -29.15 -11.11
N GLY A 1789 -2.12 -28.87 -10.43
CA GLY A 1789 -0.92 -29.69 -10.62
C GLY A 1789 -1.09 -31.10 -10.09
N ARG A 1790 -1.66 -31.24 -8.89
CA ARG A 1790 -1.86 -32.55 -8.30
C ARG A 1790 -2.93 -33.34 -9.03
N ARG A 1791 -3.90 -32.66 -9.64
CA ARG A 1791 -4.81 -33.33 -10.58
C ARG A 1791 -4.05 -33.92 -11.76
N LYS A 1792 -3.09 -33.16 -12.30
CA LYS A 1792 -2.38 -33.55 -13.50
C LYS A 1792 -1.05 -34.24 -13.21
N ARG A 1793 -0.94 -34.89 -12.04
CA ARG A 1793 0.18 -35.75 -11.60
C ARG A 1793 1.57 -35.14 -11.87
N LEU A 1794 1.86 -34.02 -11.18
CA LEU A 1794 3.17 -33.39 -11.27
C LEU A 1794 4.02 -33.57 -10.03
N GLY A 1795 3.41 -33.77 -8.86
CA GLY A 1795 4.18 -33.92 -7.64
C GLY A 1795 5.05 -35.16 -7.62
N GLU A 1796 4.69 -36.19 -8.38
CA GLU A 1796 5.43 -37.42 -8.53
C GLU A 1796 6.51 -37.33 -9.60
N TYR A 1797 6.70 -36.16 -10.20
CA TYR A 1797 7.64 -35.98 -11.28
C TYR A 1797 8.80 -35.06 -10.96
N MET A 1798 8.94 -34.62 -9.71
CA MET A 1798 9.91 -33.60 -9.38
C MET A 1798 11.04 -34.06 -8.48
N ILE A 1799 12.10 -33.24 -8.51
CA ILE A 1799 13.33 -33.41 -7.78
C ILE A 1799 13.35 -32.40 -6.66
N ALA A 1800 13.43 -32.87 -5.42
CA ALA A 1800 13.50 -31.98 -4.27
C ALA A 1800 14.69 -32.27 -3.39
N THR A 1801 15.50 -33.26 -3.76
CA THR A 1801 16.59 -33.68 -2.88
C THR A 1801 17.89 -33.60 -3.66
N LYS A 1802 18.98 -33.42 -2.92
CA LYS A 1802 20.30 -33.50 -3.53
C LYS A 1802 20.59 -34.95 -3.90
N PHE A 1803 21.04 -35.15 -5.14
CA PHE A 1803 21.23 -36.49 -5.68
C PHE A 1803 22.46 -37.13 -5.03
N GLU A 1804 22.23 -37.94 -4.02
CA GLU A 1804 23.31 -38.67 -3.36
C GLU A 1804 23.15 -40.15 -3.72
N PRO A 1805 23.91 -40.66 -4.69
CA PRO A 1805 23.63 -41.99 -5.24
C PRO A 1805 23.75 -43.14 -4.27
N HIS A 1806 24.44 -42.95 -3.16
CA HIS A 1806 24.42 -43.98 -2.13
C HIS A 1806 23.12 -43.97 -1.33
N ASP A 1807 22.30 -42.93 -1.44
CA ASP A 1807 21.10 -42.85 -0.62
C ASP A 1807 19.88 -42.28 -1.34
N ASN A 1808 19.96 -41.97 -2.61
CA ASN A 1808 18.91 -41.26 -3.32
C ASN A 1808 18.63 -41.90 -4.67
N TRP A 1809 18.76 -43.22 -4.75
CA TRP A 1809 18.82 -43.87 -6.04
C TRP A 1809 18.53 -45.35 -5.91
N LEU A 1810 17.69 -45.86 -6.80
CA LEU A 1810 17.42 -47.29 -6.94
C LEU A 1810 18.07 -47.77 -8.23
N PRO A 1811 19.17 -48.51 -8.17
CA PRO A 1811 19.91 -48.90 -9.40
C PRO A 1811 19.08 -49.81 -10.29
N PRO A 1812 19.47 -49.94 -11.57
CA PRO A 1812 18.73 -50.84 -12.48
C PRO A 1812 18.76 -52.28 -12.01
N CYS A 1813 17.70 -53.02 -12.35
CA CYS A 1813 17.48 -54.43 -12.00
C CYS A 1813 17.52 -54.69 -10.50
N TYR A 1814 17.34 -53.66 -9.68
CA TYR A 1814 17.16 -53.78 -8.26
C TYR A 1814 15.71 -53.43 -7.95
N TYR A 1815 15.24 -53.89 -6.79
CA TYR A 1815 13.85 -53.65 -6.41
C TYR A 1815 13.78 -53.47 -4.90
N VAL A 1816 13.54 -52.25 -4.46
CA VAL A 1816 13.21 -52.00 -3.05
C VAL A 1816 11.86 -52.63 -2.75
N PRO A 1817 11.67 -53.27 -1.59
CA PRO A 1817 10.36 -53.87 -1.29
C PRO A 1817 9.26 -52.86 -1.04
N LYS A 1818 9.60 -51.58 -0.78
CA LYS A 1818 8.71 -50.52 -0.27
C LYS A 1818 7.83 -51.00 0.89
N GLU A 1819 8.40 -51.86 1.74
CA GLU A 1819 7.72 -52.38 2.92
C GLU A 1819 8.43 -52.08 4.22
N LEU A 1820 9.75 -51.88 4.20
CA LEU A 1820 10.49 -51.68 5.44
C LEU A 1820 10.21 -50.33 6.06
N GLU A 1821 9.91 -49.31 5.24
CA GLU A 1821 9.70 -47.96 5.75
C GLU A 1821 8.44 -47.83 6.59
N LYS A 1822 7.49 -48.75 6.44
CA LYS A 1822 6.34 -48.80 7.32
C LYS A 1822 6.40 -49.96 8.32
N ALA A 1823 7.16 -51.02 8.00
CA ALA A 1823 7.38 -52.07 8.99
C ALA A 1823 8.39 -51.63 10.05
N LEU A 1824 9.47 -50.97 9.63
CA LEU A 1824 10.50 -50.54 10.56
C LEU A 1824 10.69 -49.02 10.49
N LYS A 1835 16.29 -66.33 4.86
CA LYS A 1835 15.76 -64.98 4.99
C LYS A 1835 15.79 -64.25 3.65
N LEU A 1836 16.93 -64.36 2.95
CA LEU A 1836 17.11 -63.61 1.71
C LEU A 1836 16.25 -64.16 0.59
N ALA A 1837 16.19 -65.49 0.45
CA ALA A 1837 15.22 -66.08 -0.47
C ALA A 1837 13.80 -65.87 0.04
N ASP A 1838 13.62 -65.89 1.37
CA ASP A 1838 12.34 -65.54 1.96
C ASP A 1838 11.98 -64.09 1.65
N LEU A 1839 12.94 -63.17 1.76
CA LEU A 1839 12.65 -61.78 1.41
C LEU A 1839 12.34 -61.63 -0.07
N LEU A 1840 12.98 -62.43 -0.92
CA LEU A 1840 12.70 -62.45 -2.35
C LEU A 1840 11.26 -62.85 -2.64
N ASP A 1841 10.88 -64.08 -2.29
CA ASP A 1841 9.54 -64.53 -2.67
C ASP A 1841 8.43 -63.89 -1.85
N ILE A 1842 8.73 -63.34 -0.68
CA ILE A 1842 7.69 -62.65 0.08
C ILE A 1842 7.52 -61.20 -0.37
N LYS A 1843 8.58 -60.49 -0.77
CA LYS A 1843 8.35 -59.23 -1.47
C LYS A 1843 7.74 -59.46 -2.84
N ASN A 1844 7.85 -60.67 -3.39
CA ASN A 1844 7.03 -61.03 -4.54
C ASN A 1844 5.55 -61.15 -4.17
N LEU A 1845 5.22 -61.91 -3.13
CA LEU A 1845 3.80 -62.16 -2.80
C LEU A 1845 3.11 -61.10 -1.95
N SER A 1846 3.53 -60.94 -0.68
CA SER A 1846 2.69 -60.18 0.24
C SER A 1846 3.55 -59.47 1.29
N SER A 1847 2.96 -58.44 1.89
CA SER A 1847 3.73 -57.48 2.68
C SER A 1847 3.60 -57.67 4.20
N VAL A 1848 2.38 -57.60 4.73
CA VAL A 1848 2.21 -57.24 6.14
C VAL A 1848 2.13 -58.47 7.05
N GLN A 1849 1.19 -59.37 6.75
CA GLN A 1849 0.89 -60.50 7.63
C GLN A 1849 2.08 -61.45 7.73
N ILE A 1850 2.70 -61.75 6.60
CA ILE A 1850 3.89 -62.58 6.55
C ILE A 1850 5.09 -61.95 7.24
N CYS A 1851 5.25 -60.62 7.16
CA CYS A 1851 6.33 -59.96 7.89
C CYS A 1851 6.08 -60.00 9.38
N GLU A 1852 4.83 -59.82 9.81
CA GLU A 1852 4.55 -59.80 11.24
C GLU A 1852 4.45 -61.20 11.84
N MET A 1853 4.45 -62.25 11.02
CA MET A 1853 4.58 -63.59 11.62
C MET A 1853 6.03 -64.05 11.60
N VAL A 1854 6.81 -63.61 10.62
CA VAL A 1854 8.25 -63.89 10.61
C VAL A 1854 8.94 -63.08 11.70
N ASP A 1883 16.10 -36.70 16.87
CA ASP A 1883 15.80 -38.12 17.04
C ASP A 1883 14.37 -38.41 17.50
N PHE A 1884 13.40 -37.84 16.77
CA PHE A 1884 12.00 -38.00 17.12
C PHE A 1884 11.24 -38.57 15.92
N SER A 1885 10.09 -39.19 16.24
CA SER A 1885 9.22 -39.90 15.30
C SER A 1885 10.00 -41.02 14.61
N CYS A 1886 10.35 -42.03 15.43
CA CYS A 1886 11.15 -43.16 14.95
C CYS A 1886 10.44 -43.96 13.86
N PHE A 1887 9.10 -43.99 13.88
CA PHE A 1887 8.32 -44.47 12.74
C PHE A 1887 8.14 -43.31 11.77
N ILE A 1888 9.26 -42.95 11.14
CA ILE A 1888 9.45 -41.76 10.33
C ILE A 1888 8.76 -41.98 8.99
N PRO A 1889 8.48 -40.92 8.20
CA PRO A 1889 7.99 -41.13 6.83
C PRO A 1889 9.00 -41.71 5.86
N TYR A 1890 8.66 -41.57 4.58
CA TYR A 1890 9.18 -42.21 3.38
C TYR A 1890 10.67 -42.55 3.36
N ASN A 1891 11.02 -43.72 2.84
CA ASN A 1891 12.40 -43.98 2.46
C ASN A 1891 12.78 -43.11 1.27
N LEU A 1892 14.03 -42.66 1.25
CA LEU A 1892 14.44 -41.74 0.20
C LEU A 1892 14.64 -42.44 -1.14
N VAL A 1893 14.72 -43.77 -1.15
CA VAL A 1893 14.97 -44.50 -2.38
C VAL A 1893 13.78 -44.41 -3.33
N SER A 1894 12.55 -44.29 -2.79
CA SER A 1894 11.36 -44.38 -3.61
C SER A 1894 10.38 -43.22 -3.52
N GLN A 1895 10.47 -42.35 -2.51
CA GLN A 1895 9.53 -41.23 -2.39
C GLN A 1895 10.27 -39.98 -1.96
N HIS A 1896 9.67 -38.83 -2.25
CA HIS A 1896 10.22 -37.56 -1.76
C HIS A 1896 9.13 -36.63 -1.25
N SER A 1897 9.48 -35.83 -0.24
CA SER A 1897 8.58 -34.83 0.31
C SER A 1897 8.66 -33.57 -0.51
N ILE A 1898 7.50 -33.03 -0.88
CA ILE A 1898 7.46 -31.80 -1.66
C ILE A 1898 6.34 -30.92 -1.11
N PRO A 1899 6.60 -29.66 -0.83
CA PRO A 1899 5.53 -28.77 -0.37
C PRO A 1899 4.62 -28.35 -1.52
N ASP A 1900 3.45 -27.84 -1.14
CA ASP A 1900 2.39 -27.61 -2.12
C ASP A 1900 2.71 -26.45 -3.06
N LYS A 1901 3.20 -25.34 -2.50
CA LYS A 1901 3.51 -24.17 -3.30
C LYS A 1901 4.58 -24.48 -4.33
N SER A 1902 5.47 -25.43 -4.04
CA SER A 1902 6.45 -25.85 -5.04
C SER A 1902 5.83 -26.58 -6.22
N ILE A 1903 4.67 -27.24 -6.04
CA ILE A 1903 4.01 -27.81 -7.20
C ILE A 1903 3.24 -26.74 -7.95
N ALA A 1904 2.75 -25.72 -7.24
CA ALA A 1904 2.24 -24.53 -7.95
C ALA A 1904 3.36 -23.86 -8.74
N ASP A 1905 4.55 -23.80 -8.15
CA ASP A 1905 5.75 -23.29 -8.80
C ASP A 1905 6.12 -24.11 -10.00
N CYS A 1906 5.98 -25.44 -9.91
CA CYS A 1906 6.25 -26.28 -11.07
C CYS A 1906 5.25 -26.05 -12.17
N VAL A 1907 3.98 -25.84 -11.82
CA VAL A 1907 2.97 -25.57 -12.84
C VAL A 1907 3.31 -24.27 -13.55
N GLU A 1908 3.66 -23.24 -12.78
CA GLU A 1908 4.05 -21.95 -13.36
C GLU A 1908 5.36 -22.05 -14.12
N ALA A 1909 6.28 -22.88 -13.64
CA ALA A 1909 7.56 -23.08 -14.30
C ALA A 1909 7.37 -23.78 -15.63
N LEU A 1910 6.45 -24.74 -15.68
CA LEU A 1910 6.15 -25.40 -16.94
C LEU A 1910 5.39 -24.49 -17.88
N ILE A 1911 4.57 -23.58 -17.33
CA ILE A 1911 3.99 -22.51 -18.15
C ILE A 1911 5.09 -21.64 -18.72
N GLY A 1912 6.14 -21.38 -17.93
CA GLY A 1912 7.27 -20.62 -18.42
C GLY A 1912 8.06 -21.36 -19.48
N ALA A 1913 8.27 -22.66 -19.29
CA ALA A 1913 9.00 -23.47 -20.26
C ALA A 1913 8.25 -23.55 -21.57
N TYR A 1914 6.94 -23.80 -21.49
CA TYR A 1914 6.09 -23.81 -22.68
C TYR A 1914 6.00 -22.43 -23.30
N LEU A 1915 6.06 -21.39 -22.48
CA LEU A 1915 6.03 -20.02 -22.98
C LEU A 1915 7.25 -19.73 -23.83
N ILE A 1916 8.44 -19.96 -23.26
CA ILE A 1916 9.71 -19.68 -23.93
C ILE A 1916 9.87 -20.54 -25.18
N GLU A 1917 9.51 -21.82 -25.09
CA GLU A 1917 9.68 -22.68 -26.26
C GLU A 1917 8.57 -22.48 -27.29
N CYS A 1918 7.32 -22.77 -26.91
CA CYS A 1918 6.21 -22.82 -27.85
C CYS A 1918 5.38 -21.55 -27.85
N GLY A 1919 5.94 -20.42 -27.47
CA GLY A 1919 5.20 -19.18 -27.59
C GLY A 1919 4.18 -18.97 -26.49
N PRO A 1920 3.65 -17.75 -26.45
CA PRO A 1920 2.53 -17.47 -25.54
C PRO A 1920 1.31 -18.33 -25.80
N ARG A 1921 1.02 -18.66 -27.06
CA ARG A 1921 -0.13 -19.52 -27.36
C ARG A 1921 0.09 -20.93 -26.84
N GLY A 1922 1.33 -21.43 -26.93
CA GLY A 1922 1.65 -22.71 -26.33
C GLY A 1922 1.49 -22.70 -24.82
N ALA A 1923 1.87 -21.60 -24.18
CA ALA A 1923 1.62 -21.50 -22.74
C ALA A 1923 0.13 -21.38 -22.44
N LEU A 1924 -0.63 -20.75 -23.33
CA LEU A 1924 -2.08 -20.66 -23.16
C LEU A 1924 -2.75 -22.03 -23.22
N LEU A 1925 -2.35 -22.83 -24.20
CA LEU A 1925 -2.87 -24.20 -24.33
C LEU A 1925 -2.44 -25.08 -23.17
N PHE A 1926 -1.20 -24.91 -22.67
CA PHE A 1926 -0.78 -25.66 -21.50
C PHE A 1926 -1.55 -25.23 -20.26
N MET A 1927 -1.89 -23.94 -20.17
CA MET A 1927 -2.73 -23.45 -19.08
C MET A 1927 -4.12 -24.05 -19.16
N ALA A 1928 -4.65 -24.22 -20.37
CA ALA A 1928 -5.88 -24.97 -20.55
C ALA A 1928 -5.70 -26.42 -20.11
N TRP A 1929 -4.54 -27.02 -20.43
CA TRP A 1929 -4.30 -28.43 -20.13
C TRP A 1929 -4.27 -28.69 -18.63
N LEU A 1930 -3.81 -27.74 -17.82
CA LEU A 1930 -3.95 -27.92 -16.39
C LEU A 1930 -5.42 -27.86 -15.96
N GLY A 1931 -6.14 -26.84 -16.41
CA GLY A 1931 -7.53 -26.71 -15.99
C GLY A 1931 -8.02 -25.29 -15.79
N VAL A 1932 -7.11 -24.32 -15.80
CA VAL A 1932 -7.52 -22.93 -15.94
C VAL A 1932 -7.73 -22.66 -17.43
N ARG A 1933 -8.96 -22.82 -17.89
CA ARG A 1933 -9.24 -22.62 -19.30
C ARG A 1933 -9.37 -21.14 -19.57
N VAL A 1934 -8.42 -20.58 -20.29
CA VAL A 1934 -8.29 -19.16 -20.49
C VAL A 1934 -8.42 -18.99 -22.00
N LEU A 1935 -9.22 -19.87 -22.61
CA LEU A 1935 -9.50 -19.79 -24.04
C LEU A 1935 -10.92 -20.24 -24.33
N PRO A 1936 -11.52 -19.77 -25.43
CA PRO A 1936 -12.88 -20.21 -25.78
C PRO A 1936 -12.90 -21.50 -26.59
N ILE A 1937 -14.00 -22.23 -26.49
CA ILE A 1937 -14.16 -23.56 -27.08
C ILE A 1937 -15.04 -23.46 -28.31
N THR A 1938 -14.63 -24.10 -29.40
CA THR A 1938 -15.45 -24.20 -30.62
C THR A 1938 -15.56 -25.68 -30.95
N ARG A 1939 -16.53 -26.37 -30.35
CA ARG A 1939 -16.67 -27.81 -30.54
C ARG A 1939 -17.13 -28.10 -31.97
N GLN A 1940 -16.23 -28.63 -32.78
CA GLN A 1940 -16.53 -28.95 -34.17
C GLN A 1940 -16.37 -30.45 -34.39
N LEU A 1941 -17.06 -30.95 -35.41
CA LEU A 1941 -17.03 -32.38 -35.69
C LEU A 1941 -15.65 -32.80 -36.17
N ASP A 1942 -15.26 -34.02 -35.84
CA ASP A 1942 -13.90 -34.49 -36.04
C ASP A 1942 -13.58 -34.64 -37.52
N GLY A 1943 -12.31 -34.45 -37.85
CA GLY A 1943 -11.87 -34.45 -39.23
C GLY A 1943 -11.66 -35.81 -39.87
N GLY A 1944 -12.30 -36.85 -39.31
CA GLY A 1944 -12.19 -38.18 -39.87
C GLY A 1944 -10.80 -38.75 -39.73
N ASN A 1945 -10.42 -39.12 -38.49
CA ASN A 1945 -9.04 -39.44 -38.10
C ASN A 1945 -8.13 -38.25 -38.42
N GLN A 1946 -8.35 -37.20 -37.62
CA GLN A 1946 -8.05 -35.79 -37.89
C GLN A 1946 -6.70 -35.48 -38.54
N GLU A 1947 -5.68 -36.32 -38.30
CA GLU A 1947 -4.42 -36.34 -39.04
C GLU A 1947 -3.62 -35.04 -38.95
N GLN A 1948 -4.20 -33.95 -39.46
CA GLN A 1948 -3.57 -32.64 -39.36
C GLN A 1948 -3.45 -32.20 -37.91
N ARG A 1949 -4.45 -32.54 -37.09
CA ARG A 1949 -4.43 -32.37 -35.63
C ARG A 1949 -4.23 -30.91 -35.24
N ILE A 1950 -5.29 -30.13 -35.48
CA ILE A 1950 -5.41 -28.75 -35.00
C ILE A 1950 -5.07 -28.71 -33.52
N PRO A 1951 -3.95 -28.10 -33.14
CA PRO A 1951 -3.49 -28.19 -31.74
C PRO A 1951 -4.40 -27.42 -30.80
N GLY A 1952 -4.43 -27.85 -29.55
CA GLY A 1952 -5.45 -27.38 -28.65
C GLY A 1952 -6.80 -27.97 -29.00
N SER A 1953 -6.88 -29.29 -29.07
CA SER A 1953 -8.12 -29.98 -29.38
C SER A 1953 -8.01 -31.39 -28.84
N THR A 1954 -8.79 -31.71 -27.82
CA THR A 1954 -8.64 -32.94 -27.06
C THR A 1954 -9.00 -34.16 -27.91
N LYS A 1955 -8.64 -35.33 -27.39
CA LYS A 1955 -8.98 -36.58 -28.05
C LYS A 1955 -10.49 -36.77 -28.05
N PRO A 1956 -11.06 -37.33 -29.12
CA PRO A 1956 -12.52 -37.37 -29.25
C PRO A 1956 -13.20 -38.22 -28.19
N ASN A 1957 -14.39 -37.79 -27.82
CA ASN A 1957 -15.25 -38.47 -26.86
C ASN A 1957 -15.99 -39.62 -27.53
N ALA A 1958 -17.11 -40.04 -26.91
CA ALA A 1958 -17.89 -41.18 -27.41
C ALA A 1958 -18.33 -41.03 -28.86
N GLU A 1959 -18.51 -39.81 -29.34
CA GLU A 1959 -18.68 -39.55 -30.76
C GLU A 1959 -17.49 -38.74 -31.28
N ASN A 1960 -17.47 -38.52 -32.60
CA ASN A 1960 -16.32 -37.89 -33.27
C ASN A 1960 -16.52 -36.37 -33.29
N VAL A 1961 -16.25 -35.75 -32.14
CA VAL A 1961 -16.31 -34.30 -32.03
C VAL A 1961 -15.12 -33.82 -31.20
N VAL A 1962 -14.49 -32.73 -31.64
CA VAL A 1962 -13.32 -32.17 -30.99
C VAL A 1962 -13.67 -30.79 -30.45
N THR A 1963 -12.82 -30.28 -29.57
CA THR A 1963 -13.09 -29.09 -28.76
C THR A 1963 -12.00 -28.06 -28.98
N VAL A 1964 -11.76 -27.73 -30.26
CA VAL A 1964 -10.75 -26.78 -30.72
C VAL A 1964 -10.81 -25.44 -29.98
N TYR A 1965 -9.72 -25.08 -29.31
CA TYR A 1965 -9.65 -23.82 -28.59
C TYR A 1965 -9.35 -22.68 -29.55
N GLY A 1966 -10.30 -21.76 -29.68
CA GLY A 1966 -10.10 -20.61 -30.53
C GLY A 1966 -9.29 -19.53 -29.85
N ALA A 1967 -8.92 -18.52 -30.63
CA ALA A 1967 -8.14 -17.42 -30.12
C ALA A 1967 -9.01 -16.50 -29.25
N TRP A 1968 -8.35 -15.52 -28.65
CA TRP A 1968 -9.04 -14.54 -27.82
C TRP A 1968 -9.97 -13.68 -28.67
N PRO A 1969 -11.16 -13.36 -28.19
CA PRO A 1969 -12.10 -12.57 -28.98
C PRO A 1969 -11.69 -11.11 -29.05
N THR A 1970 -11.84 -10.52 -30.24
CA THR A 1970 -11.62 -9.09 -30.41
C THR A 1970 -12.69 -8.34 -29.64
N PRO A 1971 -12.33 -7.42 -28.74
CA PRO A 1971 -13.26 -6.96 -27.71
C PRO A 1971 -14.33 -6.04 -28.23
N ARG A 1972 -15.30 -5.75 -27.35
CA ARG A 1972 -16.33 -4.77 -27.65
C ARG A 1972 -15.75 -3.38 -27.43
N SER A 1973 -15.83 -2.54 -28.45
CA SER A 1973 -15.35 -1.17 -28.33
C SER A 1973 -16.27 -0.40 -27.39
N PRO A 1974 -15.74 0.32 -26.42
CA PRO A 1974 -16.61 0.92 -25.40
C PRO A 1974 -17.23 2.25 -25.83
N LEU A 1975 -17.69 2.34 -27.07
CA LEU A 1975 -18.32 3.54 -27.59
C LEU A 1975 -19.82 3.33 -27.44
N LEU A 1976 -20.37 3.85 -26.36
CA LEU A 1976 -21.76 3.64 -26.00
C LEU A 1976 -22.64 4.45 -26.93
N HIS A 1977 -23.31 3.79 -27.87
CA HIS A 1977 -24.11 4.48 -28.88
C HIS A 1977 -25.52 4.78 -28.36
N PHE A 1978 -25.56 5.57 -27.28
CA PHE A 1978 -26.81 6.09 -26.75
C PHE A 1978 -27.08 7.53 -27.18
N ALA A 1979 -26.18 8.11 -27.98
CA ALA A 1979 -26.36 9.40 -28.60
C ALA A 1979 -26.33 9.25 -30.11
N PRO A 1980 -27.14 10.02 -30.84
CA PRO A 1980 -27.27 9.78 -32.29
C PRO A 1980 -26.05 10.21 -33.12
N ASN A 1981 -25.07 10.89 -32.54
CA ASN A 1981 -23.87 11.31 -33.27
C ASN A 1981 -22.63 11.02 -32.45
N ALA A 1982 -22.50 9.79 -31.97
CA ALA A 1982 -21.49 9.45 -30.96
C ALA A 1982 -20.07 9.50 -31.50
N THR A 1983 -19.86 9.29 -32.80
CA THR A 1983 -18.51 9.44 -33.34
C THR A 1983 -18.10 10.92 -33.39
N GLU A 1984 -19.04 11.81 -33.72
CA GLU A 1984 -18.73 13.22 -33.76
C GLU A 1984 -18.57 13.79 -32.35
N GLU A 1985 -19.38 13.31 -31.41
CA GLU A 1985 -19.21 13.76 -30.03
C GLU A 1985 -17.96 13.19 -29.39
N LEU A 1986 -17.55 11.98 -29.79
CA LEU A 1986 -16.29 11.43 -29.33
C LEU A 1986 -15.10 12.25 -29.84
N ASP A 1987 -15.13 12.65 -31.11
CA ASP A 1987 -14.05 13.49 -31.61
C ASP A 1987 -14.11 14.90 -31.00
N GLN A 1988 -15.31 15.42 -30.74
CA GLN A 1988 -15.44 16.72 -30.11
C GLN A 1988 -14.88 16.73 -28.68
N LEU A 1989 -15.13 15.66 -27.92
CA LEU A 1989 -14.67 15.62 -26.55
C LEU A 1989 -13.20 15.23 -26.44
N LEU A 1990 -12.58 14.85 -27.56
CA LEU A 1990 -11.18 14.44 -27.62
C LEU A 1990 -10.38 15.39 -28.50
N SER A 1991 -10.62 16.69 -28.36
CA SER A 1991 -9.97 17.69 -29.18
C SER A 1991 -8.66 18.12 -28.52
N GLY A 1992 -7.58 18.10 -29.30
CA GLY A 1992 -6.29 18.52 -28.82
C GLY A 1992 -5.40 17.44 -28.28
N PHE A 1993 -5.73 16.16 -28.50
CA PHE A 1993 -4.89 15.06 -28.06
C PHE A 1993 -3.86 14.68 -29.09
N GLU A 1994 -3.74 15.42 -30.19
CA GLU A 1994 -2.74 15.09 -31.20
C GLU A 1994 -1.34 15.42 -30.73
N GLU A 1995 -1.20 16.37 -29.80
CA GLU A 1995 0.09 16.57 -29.14
C GLU A 1995 0.46 15.35 -28.31
N PHE A 1996 -0.52 14.74 -27.65
CA PHE A 1996 -0.28 13.52 -26.90
C PHE A 1996 0.13 12.35 -27.80
N GLU A 1997 -0.54 12.21 -28.93
CA GLU A 1997 -0.23 11.09 -29.82
C GLU A 1997 1.06 11.32 -30.60
N GLU A 1998 1.42 12.57 -30.86
CA GLU A 1998 2.75 12.85 -31.37
C GLU A 1998 3.81 12.69 -30.29
N SER A 1999 3.43 12.81 -29.02
CA SER A 1999 4.36 12.50 -27.94
C SER A 1999 4.62 11.00 -27.86
N LEU A 2000 3.58 10.20 -27.99
CA LEU A 2000 3.74 8.76 -27.74
C LEU A 2000 4.20 7.98 -28.96
N GLY A 2001 3.78 8.39 -30.15
CA GLY A 2001 4.17 7.73 -31.37
C GLY A 2001 3.14 6.75 -31.91
N TYR A 2002 2.21 6.30 -31.08
CA TYR A 2002 1.16 5.37 -31.51
C TYR A 2002 -0.13 6.14 -31.69
N LYS A 2003 -0.59 6.23 -32.94
CA LYS A 2003 -1.87 6.85 -33.24
C LYS A 2003 -2.97 5.82 -33.03
N PHE A 2004 -3.89 6.10 -32.10
CA PHE A 2004 -4.99 5.18 -31.80
C PHE A 2004 -5.94 5.07 -32.99
N ARG A 2005 -6.40 3.85 -33.26
CA ARG A 2005 -7.37 3.62 -34.32
C ARG A 2005 -8.80 3.65 -33.80
N ASP A 2006 -9.02 3.17 -32.58
CA ASP A 2006 -10.29 3.30 -31.88
C ASP A 2006 -10.03 4.27 -30.73
N ARG A 2007 -10.20 5.57 -31.00
CA ARG A 2007 -9.82 6.60 -30.05
C ARG A 2007 -10.70 6.63 -28.81
N SER A 2008 -11.84 5.92 -28.85
CA SER A 2008 -12.64 5.72 -27.65
C SER A 2008 -11.90 4.96 -26.58
N TYR A 2009 -10.94 4.12 -26.97
CA TYR A 2009 -10.05 3.49 -26.00
C TYR A 2009 -9.18 4.52 -25.31
N LEU A 2010 -8.65 5.48 -26.07
CA LEU A 2010 -7.83 6.54 -25.50
C LEU A 2010 -8.64 7.40 -24.54
N LEU A 2011 -9.85 7.77 -24.94
CA LEU A 2011 -10.71 8.56 -24.08
C LEU A 2011 -11.11 7.79 -22.82
N GLN A 2012 -11.39 6.50 -22.96
CA GLN A 2012 -11.71 5.69 -21.78
C GLN A 2012 -10.52 5.59 -20.85
N ALA A 2013 -9.30 5.52 -21.41
CA ALA A 2013 -8.10 5.49 -20.60
C ALA A 2013 -7.85 6.82 -19.91
N MET A 2014 -8.30 7.93 -20.50
CA MET A 2014 -8.14 9.25 -19.91
C MET A 2014 -9.28 9.66 -18.98
N THR A 2015 -10.50 9.20 -19.24
CA THR A 2015 -11.67 9.69 -18.52
C THR A 2015 -11.63 9.27 -17.07
N HIS A 2016 -11.61 10.25 -16.18
CA HIS A 2016 -11.68 9.97 -14.77
C HIS A 2016 -13.07 9.49 -14.40
N ALA A 2017 -13.19 8.98 -13.18
CA ALA A 2017 -14.49 8.53 -12.68
C ALA A 2017 -15.48 9.68 -12.55
N SER A 2018 -14.99 10.90 -12.32
CA SER A 2018 -15.84 12.07 -12.16
C SER A 2018 -15.82 13.00 -13.34
N TYR A 2019 -15.38 12.55 -14.51
CA TYR A 2019 -15.57 13.38 -15.70
C TYR A 2019 -16.98 13.13 -16.21
N THR A 2020 -17.94 13.76 -15.56
CA THR A 2020 -19.36 13.61 -15.87
C THR A 2020 -19.84 13.99 -17.27
N PRO A 2021 -19.26 14.93 -18.02
CA PRO A 2021 -19.74 15.14 -19.39
C PRO A 2021 -19.32 14.09 -20.41
N ASN A 2022 -18.75 12.96 -20.00
CA ASN A 2022 -18.37 11.91 -20.93
C ASN A 2022 -19.46 10.85 -20.97
N ARG A 2023 -20.48 11.10 -21.80
CA ARG A 2023 -21.56 10.14 -22.04
C ARG A 2023 -21.24 9.18 -23.16
N LEU A 2024 -19.95 8.93 -23.42
CA LEU A 2024 -19.51 8.15 -24.56
C LEU A 2024 -18.88 6.83 -24.17
N THR A 2025 -18.09 6.79 -23.11
CA THR A 2025 -17.35 5.59 -22.69
C THR A 2025 -17.50 5.40 -21.20
N ASP A 2026 -16.66 4.54 -20.64
CA ASP A 2026 -16.59 4.25 -19.22
C ASP A 2026 -15.37 5.00 -18.65
N CYS A 2027 -15.11 4.85 -17.35
CA CYS A 2027 -13.91 5.39 -16.74
C CYS A 2027 -12.71 4.48 -17.05
N TYR A 2028 -11.55 4.79 -16.48
CA TYR A 2028 -10.33 4.09 -16.87
C TYR A 2028 -10.03 2.85 -16.06
N GLN A 2029 -10.77 2.58 -14.99
CA GLN A 2029 -10.34 1.57 -14.01
C GLN A 2029 -10.30 0.18 -14.63
N ARG A 2030 -11.23 -0.11 -15.53
CA ARG A 2030 -11.21 -1.32 -16.33
C ARG A 2030 -9.98 -1.42 -17.23
N LEU A 2031 -9.44 -0.29 -17.67
CA LEU A 2031 -8.23 -0.31 -18.47
C LEU A 2031 -6.96 -0.28 -17.64
N GLU A 2032 -7.00 0.32 -16.45
CA GLU A 2032 -5.87 0.20 -15.52
C GLU A 2032 -5.68 -1.26 -15.09
N PHE A 2033 -6.79 -1.96 -14.84
CA PHE A 2033 -6.76 -3.37 -14.46
C PHE A 2033 -6.07 -4.24 -15.50
N LEU A 2034 -6.15 -3.87 -16.76
CA LEU A 2034 -5.44 -4.61 -17.79
C LEU A 2034 -4.02 -4.10 -17.99
N GLY A 2035 -3.85 -2.77 -17.95
CA GLY A 2035 -2.54 -2.20 -18.26
C GLY A 2035 -1.48 -2.54 -17.24
N ASP A 2036 -1.85 -2.66 -15.97
CA ASP A 2036 -0.83 -2.97 -14.98
C ASP A 2036 -0.31 -4.39 -15.11
N ALA A 2037 -1.17 -5.34 -15.49
CA ALA A 2037 -0.73 -6.71 -15.72
C ALA A 2037 0.07 -6.83 -17.01
N VAL A 2038 -0.31 -6.06 -18.04
CA VAL A 2038 0.49 -6.02 -19.26
C VAL A 2038 1.89 -5.48 -18.98
N LEU A 2039 1.99 -4.39 -18.23
CA LEU A 2039 3.29 -3.82 -17.90
C LEU A 2039 4.08 -4.72 -16.95
N ASP A 2040 3.39 -5.40 -16.03
CA ASP A 2040 4.03 -6.38 -15.15
C ASP A 2040 4.73 -7.49 -15.94
N TYR A 2041 4.01 -8.07 -16.91
CA TYR A 2041 4.64 -9.10 -17.75
C TYR A 2041 5.73 -8.52 -18.63
N LEU A 2042 5.54 -7.30 -19.15
CA LEU A 2042 6.54 -6.70 -20.04
C LEU A 2042 7.85 -6.46 -19.30
N ILE A 2043 7.78 -5.94 -18.08
CA ILE A 2043 8.97 -5.72 -17.26
C ILE A 2043 9.63 -7.06 -16.91
N THR A 2044 8.83 -8.06 -16.54
CA THR A 2044 9.41 -9.35 -16.14
C THR A 2044 10.09 -10.06 -17.32
N ARG A 2045 9.50 -10.02 -18.50
CA ARG A 2045 10.16 -10.62 -19.66
C ARG A 2045 11.28 -9.75 -20.21
N HIS A 2046 11.33 -8.46 -19.88
CA HIS A 2046 12.53 -7.71 -20.22
C HIS A 2046 13.69 -8.10 -19.30
N LEU A 2047 13.44 -8.19 -18.00
CA LEU A 2047 14.51 -8.54 -17.08
C LEU A 2047 14.90 -10.02 -17.13
N TYR A 2048 14.04 -10.87 -17.70
CA TYR A 2048 14.43 -12.25 -17.93
C TYR A 2048 15.39 -12.37 -19.11
N GLU A 2049 15.33 -11.44 -20.04
CA GLU A 2049 16.14 -11.47 -21.25
C GLU A 2049 17.53 -10.88 -21.04
N ASP A 2050 17.81 -10.31 -19.86
CA ASP A 2050 19.11 -9.71 -19.59
C ASP A 2050 20.20 -10.78 -19.53
N PRO A 2051 21.38 -10.52 -20.11
CA PRO A 2051 22.51 -11.44 -19.93
C PRO A 2051 23.09 -11.41 -18.53
N ARG A 2052 22.69 -10.46 -17.68
CA ARG A 2052 23.16 -10.43 -16.30
C ARG A 2052 22.59 -11.56 -15.47
N GLN A 2053 21.51 -12.21 -15.95
CA GLN A 2053 20.90 -13.40 -15.35
C GLN A 2053 20.48 -13.15 -13.91
N HIS A 2054 19.48 -12.28 -13.78
CA HIS A 2054 18.98 -11.89 -12.47
C HIS A 2054 18.37 -13.08 -11.74
N SER A 2055 18.48 -13.08 -10.43
CA SER A 2055 17.90 -14.04 -9.52
C SER A 2055 16.37 -13.86 -9.47
N PRO A 2056 15.62 -14.66 -8.70
CA PRO A 2056 14.24 -14.22 -8.39
C PRO A 2056 14.21 -12.89 -7.67
N GLY A 2057 15.16 -12.65 -6.77
CA GLY A 2057 15.17 -11.39 -6.04
C GLY A 2057 15.52 -10.19 -6.90
N ALA A 2058 16.53 -10.32 -7.75
CA ALA A 2058 16.97 -9.17 -8.54
C ALA A 2058 15.95 -8.83 -9.62
N LEU A 2059 15.41 -9.84 -10.29
CA LEU A 2059 14.38 -9.61 -11.30
C LEU A 2059 13.05 -9.22 -10.68
N THR A 2060 12.82 -9.59 -9.42
CA THR A 2060 11.67 -9.07 -8.69
C THR A 2060 11.84 -7.60 -8.37
N ASP A 2061 13.01 -7.21 -7.85
CA ASP A 2061 13.21 -5.88 -7.31
C ASP A 2061 13.69 -4.87 -8.33
N LEU A 2062 14.02 -5.30 -9.54
CA LEU A 2062 14.10 -4.39 -10.68
C LEU A 2062 12.76 -4.22 -11.36
N ARG A 2063 11.70 -4.75 -10.75
CA ARG A 2063 10.31 -4.55 -11.14
C ARG A 2063 9.55 -3.81 -10.04
N SER A 2064 9.64 -4.31 -8.81
CA SER A 2064 8.98 -3.70 -7.65
C SER A 2064 9.40 -2.26 -7.45
N ALA A 2065 10.68 -1.97 -7.65
CA ALA A 2065 11.17 -0.60 -7.65
C ALA A 2065 11.22 -0.02 -9.06
N LEU A 2066 10.50 -0.63 -9.99
CA LEU A 2066 10.38 -0.07 -11.33
C LEU A 2066 8.98 -0.12 -11.90
N VAL A 2067 8.04 -0.89 -11.35
CA VAL A 2067 6.62 -0.63 -11.56
C VAL A 2067 6.06 -0.14 -10.22
N ASN A 2068 5.94 1.18 -10.12
CA ASN A 2068 5.56 1.83 -8.87
C ASN A 2068 4.74 3.05 -9.21
N ASN A 2069 3.92 3.50 -8.25
CA ASN A 2069 3.05 4.64 -8.51
C ASN A 2069 3.87 5.93 -8.68
N THR A 2070 5.00 6.02 -7.98
CA THR A 2070 5.83 7.21 -8.06
C THR A 2070 6.57 7.30 -9.39
N ILE A 2071 7.15 6.19 -9.85
CA ILE A 2071 7.83 6.17 -11.15
C ILE A 2071 6.82 6.29 -12.28
N PHE A 2072 5.65 5.68 -12.14
CA PHE A 2072 4.62 5.82 -13.16
C PHE A 2072 4.13 7.26 -13.22
N ALA A 2073 3.94 7.91 -12.07
CA ALA A 2073 3.50 9.29 -12.04
C ALA A 2073 4.58 10.25 -12.55
N SER A 2074 5.86 9.95 -12.29
CA SER A 2074 6.91 10.84 -12.75
C SER A 2074 7.16 10.70 -14.24
N LEU A 2075 7.04 9.49 -14.79
CA LEU A 2075 7.10 9.34 -16.24
C LEU A 2075 5.84 9.85 -16.91
N ALA A 2076 4.73 9.89 -16.16
CA ALA A 2076 3.51 10.49 -16.66
C ALA A 2076 3.63 12.01 -16.75
N VAL A 2077 4.13 12.63 -15.68
CA VAL A 2077 4.34 14.07 -15.65
C VAL A 2077 5.41 14.50 -16.64
N ARG A 2078 6.49 13.71 -16.74
CA ARG A 2078 7.61 14.05 -17.61
C ARG A 2078 7.22 14.04 -19.08
N HIS A 2079 6.34 13.14 -19.48
CA HIS A 2079 5.90 13.06 -20.87
C HIS A 2079 4.53 13.69 -21.09
N GLY A 2080 4.04 14.44 -20.12
CA GLY A 2080 2.83 15.21 -20.31
C GLY A 2080 1.55 14.43 -20.22
N PHE A 2081 1.45 13.50 -19.28
CA PHE A 2081 0.19 12.81 -19.06
C PHE A 2081 -0.70 13.60 -18.10
N HIS A 2082 -0.15 14.55 -17.36
CA HIS A 2082 -0.97 15.47 -16.58
C HIS A 2082 -1.72 16.44 -17.48
N LYS A 2083 -1.14 16.76 -18.63
CA LYS A 2083 -1.68 17.75 -19.55
C LYS A 2083 -2.85 17.21 -20.36
N PHE A 2084 -3.11 15.91 -20.30
CA PHE A 2084 -4.11 15.31 -21.15
C PHE A 2084 -4.96 14.32 -20.39
N PHE A 2085 -5.20 14.61 -19.12
CA PHE A 2085 -5.98 13.76 -18.23
C PHE A 2085 -7.21 14.57 -17.84
N ARG A 2086 -8.38 14.08 -18.26
CA ARG A 2086 -9.62 14.83 -18.09
C ARG A 2086 -10.30 14.43 -16.79
N HIS A 2087 -10.49 15.39 -15.90
CA HIS A 2087 -11.17 15.16 -14.64
C HIS A 2087 -11.82 16.46 -14.21
N LEU A 2088 -12.80 16.35 -13.33
CA LEU A 2088 -13.52 17.50 -12.79
C LEU A 2088 -13.55 17.42 -11.28
N SER A 2089 -12.39 17.19 -10.69
CA SER A 2089 -12.27 17.05 -9.26
C SER A 2089 -11.34 18.13 -8.70
N PRO A 2090 -11.74 18.86 -7.66
CA PRO A 2090 -10.84 19.89 -7.12
C PRO A 2090 -9.59 19.36 -6.45
N GLY A 2091 -9.73 18.39 -5.54
CA GLY A 2091 -8.60 17.94 -4.75
C GLY A 2091 -7.52 17.27 -5.61
N LEU A 2092 -7.95 16.52 -6.62
CA LEU A 2092 -7.00 15.94 -7.56
C LEU A 2092 -6.30 17.02 -8.36
N ASN A 2093 -7.00 18.10 -8.70
CA ASN A 2093 -6.35 19.18 -9.44
C ASN A 2093 -5.30 19.90 -8.59
N ASP A 2094 -5.56 20.06 -7.29
CA ASP A 2094 -4.56 20.68 -6.43
C ASP A 2094 -3.35 19.77 -6.21
N VAL A 2095 -3.59 18.46 -6.05
CA VAL A 2095 -2.47 17.51 -5.90
C VAL A 2095 -1.64 17.46 -7.18
N ILE A 2096 -2.30 17.46 -8.33
CA ILE A 2096 -1.60 17.50 -9.62
C ILE A 2096 -0.83 18.80 -9.76
N ASP A 2097 -1.38 19.91 -9.26
CA ASP A 2097 -0.69 21.20 -9.25
C ASP A 2097 0.64 21.15 -8.50
N ARG A 2098 0.58 20.73 -7.24
CA ARG A 2098 1.78 20.72 -6.41
C ARG A 2098 2.83 19.75 -6.97
N PHE A 2099 2.39 18.58 -7.44
CA PHE A 2099 3.36 17.62 -7.96
C PHE A 2099 3.97 18.06 -9.28
N VAL A 2100 3.16 18.57 -10.21
CA VAL A 2100 3.71 18.97 -11.51
C VAL A 2100 4.64 20.17 -11.35
N ARG A 2101 4.31 21.09 -10.43
CA ARG A 2101 5.21 22.22 -10.22
C ARG A 2101 6.52 21.79 -9.58
N ILE A 2102 6.46 20.93 -8.55
CA ILE A 2102 7.69 20.50 -7.88
C ILE A 2102 8.52 19.60 -8.81
N GLN A 2103 7.90 18.99 -9.83
CA GLN A 2103 8.66 18.20 -10.77
C GLN A 2103 9.26 19.06 -11.88
N GLN A 2104 8.50 20.05 -12.38
CA GLN A 2104 8.98 20.92 -13.44
C GLN A 2104 10.12 21.81 -12.94
N GLU A 2105 10.16 22.09 -11.64
CA GLU A 2105 11.36 22.66 -11.04
C GLU A 2105 12.54 21.68 -11.15
N ASN A 2106 12.30 20.41 -10.79
CA ASN A 2106 13.37 19.41 -10.67
C ASN A 2106 13.91 18.94 -12.02
N GLY A 2107 13.37 19.41 -13.14
CA GLY A 2107 13.75 18.86 -14.42
C GLY A 2107 13.15 17.49 -14.66
N HIS A 2108 12.12 17.14 -13.90
CA HIS A 2108 11.43 15.84 -13.94
C HIS A 2108 12.39 14.68 -13.65
N CYS A 2109 12.93 14.71 -12.43
CA CYS A 2109 13.75 13.65 -11.89
C CYS A 2109 12.95 12.92 -10.82
N ILE A 2110 13.36 11.69 -10.53
CA ILE A 2110 12.64 10.85 -9.59
C ILE A 2110 12.96 11.28 -8.16
N ASP A 2123 9.59 19.91 13.11
CA ASP A 2123 8.64 20.24 12.05
C ASP A 2123 8.42 19.05 11.13
N ASP A 2124 7.16 18.79 10.81
CA ASP A 2124 6.81 17.65 9.99
C ASP A 2124 7.25 17.87 8.55
N ALA A 2125 7.95 16.90 7.99
CA ALA A 2125 8.46 17.02 6.63
C ALA A 2125 7.31 16.81 5.65
N GLU A 2126 6.73 17.91 5.19
CA GLU A 2126 5.70 17.85 4.16
C GLU A 2126 6.40 17.66 2.83
N ASP A 2127 6.48 16.43 2.37
CA ASP A 2127 6.91 16.19 1.01
C ASP A 2127 5.68 16.06 0.12
N VAL A 2128 5.93 16.13 -1.18
CA VAL A 2128 4.86 16.41 -2.14
C VAL A 2128 4.04 15.15 -2.36
N GLU A 2129 2.71 15.29 -2.25
CA GLU A 2129 1.79 14.21 -2.55
C GLU A 2129 1.81 13.86 -4.03
N VAL A 2130 1.63 12.57 -4.30
CA VAL A 2130 1.79 12.00 -5.63
C VAL A 2130 0.41 11.77 -6.24
N PRO A 2131 0.20 12.11 -7.52
CA PRO A 2131 -1.08 11.81 -8.18
C PRO A 2131 -1.22 10.36 -8.59
N LYS A 2132 -1.77 9.52 -7.70
CA LYS A 2132 -2.00 8.12 -8.04
C LYS A 2132 -2.90 7.97 -9.27
N ALA A 2133 -3.79 8.94 -9.50
CA ALA A 2133 -4.55 8.97 -10.75
C ALA A 2133 -3.66 9.09 -11.96
N LEU A 2134 -2.52 9.77 -11.84
CA LEU A 2134 -1.62 9.87 -12.98
C LEU A 2134 -0.81 8.60 -13.20
N GLY A 2135 -0.49 7.86 -12.13
CA GLY A 2135 0.07 6.53 -12.29
C GLY A 2135 -0.90 5.56 -12.94
N ASP A 2136 -2.18 5.65 -12.55
CA ASP A 2136 -3.22 4.86 -13.17
C ASP A 2136 -3.41 5.23 -14.64
N VAL A 2137 -3.21 6.49 -15.00
CA VAL A 2137 -3.24 6.86 -16.42
C VAL A 2137 -2.04 6.29 -17.15
N PHE A 2138 -0.87 6.25 -16.49
CA PHE A 2138 0.31 5.63 -17.09
C PHE A 2138 0.09 4.15 -17.38
N GLU A 2139 -0.62 3.45 -16.49
CA GLU A 2139 -0.96 2.05 -16.77
C GLU A 2139 -2.06 1.92 -17.83
N SER A 2140 -3.07 2.78 -17.76
CA SER A 2140 -4.24 2.63 -18.62
C SER A 2140 -3.96 2.99 -20.06
N ILE A 2141 -2.97 3.83 -20.33
CA ILE A 2141 -2.56 4.02 -21.72
C ILE A 2141 -1.91 2.75 -22.27
N ALA A 2142 -1.16 2.03 -21.44
CA ALA A 2142 -0.62 0.74 -21.87
C ALA A 2142 -1.72 -0.26 -22.14
N GLY A 2143 -2.71 -0.32 -21.26
CA GLY A 2143 -3.86 -1.18 -21.49
C GLY A 2143 -4.66 -0.81 -22.72
N ALA A 2144 -4.85 0.48 -22.95
CA ALA A 2144 -5.57 0.95 -24.13
C ALA A 2144 -4.80 0.66 -25.41
N ILE A 2145 -3.48 0.82 -25.40
CA ILE A 2145 -2.67 0.47 -26.57
C ILE A 2145 -2.69 -1.04 -26.81
N PHE A 2146 -2.69 -1.82 -25.72
CA PHE A 2146 -2.80 -3.28 -25.80
C PHE A 2146 -4.09 -3.70 -26.49
N LEU A 2147 -5.23 -3.20 -26.02
CA LEU A 2147 -6.49 -3.58 -26.64
C LEU A 2147 -6.68 -2.99 -28.02
N ASP A 2148 -6.19 -1.76 -28.23
CA ASP A 2148 -6.31 -1.10 -29.50
C ASP A 2148 -5.40 -1.70 -30.57
N SER A 2149 -4.41 -2.51 -30.17
CA SER A 2149 -3.39 -3.01 -31.07
C SER A 2149 -3.63 -4.46 -31.48
N ASN A 2150 -4.89 -4.92 -31.41
CA ASN A 2150 -5.30 -6.32 -31.62
C ASN A 2150 -4.56 -7.27 -30.68
N MET A 2151 -4.34 -6.82 -29.45
CA MET A 2151 -3.76 -7.58 -28.34
C MET A 2151 -2.35 -8.09 -28.65
N SER A 2152 -1.43 -7.14 -28.79
CA SER A 2152 -0.03 -7.46 -28.96
C SER A 2152 0.77 -6.83 -27.81
N LEU A 2153 2.01 -7.30 -27.67
CA LEU A 2153 2.92 -6.79 -26.66
C LEU A 2153 4.17 -6.15 -27.24
N ASP A 2154 4.32 -6.17 -28.57
CA ASP A 2154 5.39 -5.41 -29.19
C ASP A 2154 5.05 -3.93 -29.24
N VAL A 2155 3.76 -3.60 -29.40
CA VAL A 2155 3.36 -2.20 -29.51
C VAL A 2155 3.39 -1.53 -28.15
N VAL A 2156 2.91 -2.21 -27.10
CA VAL A 2156 2.97 -1.68 -25.74
C VAL A 2156 4.41 -1.47 -25.30
N TRP A 2157 5.28 -2.45 -25.54
CA TRP A 2157 6.67 -2.30 -25.13
C TRP A 2157 7.41 -1.31 -25.99
N HIS A 2158 7.08 -1.20 -27.27
CA HIS A 2158 7.73 -0.22 -28.11
C HIS A 2158 7.35 1.19 -27.70
N VAL A 2159 6.12 1.39 -27.23
CA VAL A 2159 5.73 2.71 -26.75
C VAL A 2159 6.34 2.99 -25.37
N TYR A 2160 6.36 1.99 -24.49
CA TYR A 2160 6.79 2.24 -23.12
C TYR A 2160 8.29 2.08 -22.90
N SER A 2161 9.03 1.58 -23.89
CA SER A 2161 10.48 1.58 -23.79
C SER A 2161 11.03 3.01 -23.88
N ASN A 2162 10.49 3.82 -24.79
CA ASN A 2162 10.97 5.19 -24.97
C ASN A 2162 10.77 6.04 -23.72
N MET A 2163 9.83 5.66 -22.87
CA MET A 2163 9.65 6.33 -21.59
C MET A 2163 10.50 5.70 -20.51
N MET A 2164 10.40 4.38 -20.34
CA MET A 2164 10.92 3.77 -19.14
C MET A 2164 12.36 3.29 -19.31
N SER A 2165 12.91 3.47 -20.52
CA SER A 2165 14.26 3.00 -20.84
C SER A 2165 15.39 3.69 -20.10
N PRO A 2166 15.45 5.05 -19.95
CA PRO A 2166 16.57 5.52 -19.12
C PRO A 2166 16.46 5.10 -17.65
N GLU A 2167 15.25 4.86 -17.13
CA GLU A 2167 15.10 4.13 -15.88
C GLU A 2167 15.50 2.66 -16.03
N ILE A 2168 15.34 2.05 -17.22
CA ILE A 2168 15.76 0.66 -17.38
C ILE A 2168 17.27 0.52 -17.22
N GLU A 2169 18.07 1.30 -17.96
CA GLU A 2169 19.51 1.18 -17.75
C GLU A 2169 19.99 1.77 -16.43
N GLN A 2170 19.38 2.85 -15.93
CA GLN A 2170 19.83 3.42 -14.67
C GLN A 2170 19.53 2.50 -13.49
N PHE A 2171 18.28 2.00 -13.39
CA PHE A 2171 17.97 1.11 -12.30
C PHE A 2171 18.55 -0.28 -12.52
N SER A 2172 18.89 -0.63 -13.76
CA SER A 2172 19.54 -1.92 -14.01
C SER A 2172 21.01 -1.90 -13.63
N ASN A 2173 21.68 -0.77 -13.82
CA ASN A 2173 23.08 -0.63 -13.42
C ASN A 2173 23.22 -0.64 -11.90
N SER A 2174 22.62 0.35 -11.24
CA SER A 2174 22.72 0.49 -9.80
C SER A 2174 21.72 -0.43 -9.11
N VAL A 2175 21.50 -0.23 -7.81
CA VAL A 2175 20.47 -0.94 -7.07
C VAL A 2175 19.42 0.06 -6.59
N PRO A 2176 18.16 -0.08 -7.02
CA PRO A 2176 17.13 0.94 -6.75
C PRO A 2176 16.62 1.11 -5.33
N LYS A 2177 16.06 0.02 -4.78
CA LYS A 2177 15.31 -0.02 -3.52
C LYS A 2177 14.17 1.00 -3.45
N SER A 2178 13.59 1.18 -2.26
CA SER A 2178 12.39 2.01 -2.09
C SER A 2178 12.34 2.49 -0.65
N PRO A 2179 11.94 3.75 -0.40
CA PRO A 2179 12.34 4.45 0.84
C PRO A 2179 11.95 3.80 2.16
N ILE A 2180 10.75 3.20 2.27
CA ILE A 2180 10.42 2.49 3.49
C ILE A 2180 11.24 1.21 3.58
N ARG A 2181 11.32 0.48 2.47
CA ARG A 2181 12.15 -0.72 2.41
C ARG A 2181 13.63 -0.37 2.52
N GLU A 2182 14.05 0.73 1.88
CA GLU A 2182 15.45 1.14 1.93
C GLU A 2182 15.88 1.51 3.34
N LEU A 2183 15.02 2.19 4.09
CA LEU A 2183 15.38 2.50 5.47
C LEU A 2183 15.25 1.27 6.36
N LEU A 2184 14.37 0.34 6.04
CA LEU A 2184 14.34 -0.89 6.82
C LEU A 2184 15.44 -1.87 6.42
N GLU A 2185 16.14 -1.60 5.32
CA GLU A 2185 17.27 -2.44 4.92
C GLU A 2185 18.60 -1.86 5.38
N LEU A 2186 18.77 -0.54 5.27
CA LEU A 2186 19.99 0.12 5.72
C LEU A 2186 20.16 0.01 7.22
N GLU A 2187 19.10 0.21 7.98
CA GLU A 2187 19.11 -0.01 9.43
C GLU A 2187 18.13 -1.12 9.74
N PRO A 2188 18.58 -2.42 9.77
CA PRO A 2188 17.70 -3.53 9.61
C PRO A 2188 16.57 -3.74 10.60
N GLU A 2189 16.80 -3.47 11.87
CA GLU A 2189 15.79 -3.75 12.87
C GLU A 2189 15.72 -2.67 13.95
N THR A 2190 16.48 -1.58 13.80
CA THR A 2190 16.25 -0.40 14.63
C THR A 2190 14.91 0.25 14.33
N ALA A 2191 14.54 0.29 13.05
CA ALA A 2191 13.46 1.14 12.58
C ALA A 2191 12.10 0.59 12.97
N LYS A 2192 11.37 1.35 13.78
CA LYS A 2192 10.00 1.01 14.11
C LYS A 2192 9.10 2.16 13.71
N PHE A 2193 7.91 1.81 13.22
CA PHE A 2193 6.96 2.78 12.71
C PHE A 2193 5.76 2.82 13.64
N GLY A 2194 5.47 4.00 14.19
CA GLY A 2194 4.35 4.15 15.09
C GLY A 2194 3.03 4.12 14.36
N LYS A 2195 1.97 3.97 15.14
CA LYS A 2195 0.63 4.06 14.59
C LYS A 2195 0.34 5.48 14.10
N PRO A 2196 -0.32 5.60 12.94
CA PRO A 2196 -0.56 6.92 12.36
C PRO A 2196 -1.52 7.74 13.21
N GLU A 2197 -1.34 9.06 13.12
CA GLU A 2197 -2.17 10.01 13.82
C GLU A 2197 -2.87 10.89 12.80
N LYS A 2198 -3.99 11.46 13.21
CA LYS A 2198 -4.80 12.32 12.36
C LYS A 2198 -4.57 13.78 12.76
N LEU A 2199 -4.24 14.61 11.77
CA LEU A 2199 -3.97 16.01 12.02
C LEU A 2199 -5.26 16.77 12.32
N ALA A 2200 -5.12 18.06 12.61
CA ALA A 2200 -6.29 18.89 12.84
C ALA A 2200 -7.01 19.25 11.56
N ASP A 2201 -6.33 19.17 10.41
CA ASP A 2201 -6.96 19.54 9.14
C ASP A 2201 -8.03 18.54 8.71
N GLY A 2202 -8.07 17.34 9.29
CA GLY A 2202 -9.09 16.37 8.98
C GLY A 2202 -8.78 15.47 7.81
N ARG A 2203 -7.79 15.82 6.99
CA ARG A 2203 -7.44 15.03 5.82
C ARG A 2203 -5.92 14.91 5.71
N ARG A 2204 -5.24 14.90 6.85
CA ARG A 2204 -3.80 14.72 6.89
C ARG A 2204 -3.45 13.65 7.91
N VAL A 2205 -2.41 12.87 7.59
CA VAL A 2205 -1.97 11.73 8.39
C VAL A 2205 -0.49 11.92 8.69
N ARG A 2206 -0.08 11.67 9.94
CA ARG A 2206 1.32 11.74 10.34
C ARG A 2206 1.77 10.41 10.91
N VAL A 2207 2.96 9.95 10.52
CA VAL A 2207 3.38 8.56 10.70
C VAL A 2207 4.47 8.41 11.76
N THR A 2208 5.46 9.30 11.78
CA THR A 2208 6.54 9.33 12.77
C THR A 2208 7.40 8.05 12.71
N VAL A 2209 8.17 7.96 11.62
CA VAL A 2209 9.33 7.06 11.57
C VAL A 2209 10.27 7.38 12.73
N ASP A 2210 10.88 6.35 13.30
CA ASP A 2210 11.92 6.54 14.30
C ASP A 2210 13.06 5.58 14.02
N VAL A 2211 14.30 6.08 14.04
CA VAL A 2211 15.48 5.24 14.08
C VAL A 2211 16.09 5.37 15.47
N PHE A 2212 16.39 4.25 16.12
CA PHE A 2212 16.73 4.27 17.53
C PHE A 2212 18.15 4.79 17.73
N CYS A 2213 18.29 5.77 18.64
CA CYS A 2213 19.53 6.49 18.94
C CYS A 2213 20.12 7.16 17.71
N LYS A 2214 19.27 7.48 16.73
CA LYS A 2214 19.69 8.15 15.50
C LYS A 2214 18.79 9.31 15.11
N GLY A 2215 17.59 9.42 15.65
CA GLY A 2215 16.70 10.51 15.34
C GLY A 2215 15.28 10.02 15.16
N THR A 2216 14.32 10.89 15.48
CA THR A 2216 12.91 10.61 15.30
C THR A 2216 12.36 11.62 14.31
N PHE A 2217 11.70 11.14 13.26
CA PHE A 2217 11.41 11.93 12.09
C PHE A 2217 9.91 11.91 11.86
N ARG A 2218 9.41 12.84 11.05
CA ARG A 2218 7.98 12.95 10.83
C ARG A 2218 7.69 13.38 9.40
N GLY A 2219 6.56 12.93 8.89
CA GLY A 2219 6.10 13.34 7.57
C GLY A 2219 4.59 13.31 7.53
N ILE A 2220 4.02 14.17 6.71
CA ILE A 2220 2.57 14.30 6.64
C ILE A 2220 2.11 14.03 5.21
N GLY A 2221 0.87 13.58 5.09
CA GLY A 2221 0.36 13.25 3.77
C GLY A 2221 -1.12 12.97 3.80
N ARG A 2222 -1.65 12.70 2.60
CA ARG A 2222 -3.08 12.47 2.43
C ARG A 2222 -3.50 11.11 2.98
N ASN A 2223 -2.91 10.03 2.45
CA ASN A 2223 -3.22 8.67 2.90
C ASN A 2223 -2.26 8.28 4.01
N TYR A 2224 -2.21 6.99 4.32
CA TYR A 2224 -1.20 6.46 5.22
C TYR A 2224 0.04 6.00 4.48
N ARG A 2225 -0.12 5.48 3.26
CA ARG A 2225 1.02 5.09 2.43
C ARG A 2225 1.89 6.28 2.06
N ILE A 2226 1.26 7.39 1.67
CA ILE A 2226 2.01 8.59 1.28
C ILE A 2226 2.76 9.17 2.47
N ALA A 2227 2.10 9.23 3.63
CA ALA A 2227 2.74 9.81 4.80
C ALA A 2227 3.86 8.92 5.33
N LYS A 2228 3.66 7.60 5.30
CA LYS A 2228 4.72 6.66 5.65
C LYS A 2228 5.92 6.78 4.71
N CYS A 2229 5.65 6.89 3.40
CA CYS A 2229 6.71 7.00 2.41
C CYS A 2229 7.51 8.28 2.58
N THR A 2230 6.83 9.42 2.78
CA THR A 2230 7.56 10.68 2.87
C THR A 2230 8.30 10.79 4.19
N ALA A 2231 7.76 10.23 5.28
CA ALA A 2231 8.49 10.28 6.54
C ALA A 2231 9.74 9.41 6.50
N ALA A 2232 9.64 8.21 5.91
CA ALA A 2232 10.84 7.40 5.74
C ALA A 2232 11.82 8.02 4.75
N LYS A 2233 11.31 8.75 3.75
CA LYS A 2233 12.19 9.40 2.77
C LYS A 2233 12.97 10.55 3.41
N CYS A 2234 12.32 11.34 4.26
CA CYS A 2234 13.05 12.43 4.91
C CYS A 2234 14.03 11.90 5.93
N ALA A 2235 13.70 10.78 6.62
CA ALA A 2235 14.70 10.17 7.50
C ALA A 2235 15.86 9.58 6.70
N LEU A 2236 15.58 9.07 5.49
CA LEU A 2236 16.63 8.59 4.61
C LEU A 2236 17.59 9.70 4.21
N ARG A 2237 17.04 10.87 3.84
CA ARG A 2237 17.90 11.97 3.45
C ARG A 2237 18.63 12.60 4.64
N GLN A 2238 18.00 12.67 5.81
CA GLN A 2238 18.64 13.34 6.93
C GLN A 2238 19.67 12.45 7.62
N LEU A 2239 19.45 11.12 7.62
CA LEU A 2239 20.37 10.22 8.31
C LEU A 2239 21.74 10.15 7.65
N LYS A 2240 21.83 10.50 6.38
CA LYS A 2240 23.12 10.58 5.69
C LYS A 2240 23.94 11.76 6.23
N ALA C 132 38.03 -38.43 25.41
CA ALA C 132 37.02 -38.52 24.36
C ALA C 132 37.13 -37.35 23.38
N MET C 133 38.36 -36.97 23.07
CA MET C 133 38.59 -35.88 22.13
C MET C 133 38.38 -36.29 20.69
N LYS C 134 38.29 -37.60 20.42
CA LYS C 134 38.14 -38.09 19.07
C LYS C 134 36.67 -38.29 18.73
N THR C 135 36.40 -38.45 17.43
CA THR C 135 35.04 -38.59 16.95
C THR C 135 34.50 -39.97 17.30
N PRO C 136 33.21 -40.08 17.65
CA PRO C 136 32.57 -41.40 17.75
C PRO C 136 32.64 -42.22 16.47
N VAL C 137 32.59 -41.57 15.30
CA VAL C 137 32.88 -42.27 14.05
C VAL C 137 34.32 -42.76 14.04
N SER C 138 35.25 -41.91 14.49
CA SER C 138 36.63 -42.35 14.61
C SER C 138 36.82 -43.32 15.76
N ILE C 139 35.97 -43.26 16.77
CA ILE C 139 35.98 -44.28 17.83
C ILE C 139 35.59 -45.64 17.25
N LEU C 140 34.56 -45.67 16.40
CA LEU C 140 34.19 -46.91 15.71
C LEU C 140 35.31 -47.39 14.80
N GLN C 141 35.98 -46.47 14.10
CA GLN C 141 37.09 -46.83 13.23
C GLN C 141 38.26 -47.42 14.02
N GLU C 142 38.59 -46.81 15.18
CA GLU C 142 39.69 -47.30 15.99
C GLU C 142 39.36 -48.64 16.65
N LEU C 143 38.12 -48.78 17.14
CA LEU C 143 37.72 -50.05 17.75
C LEU C 143 37.49 -51.13 16.72
N LEU C 144 37.45 -50.80 15.43
CA LEU C 144 37.39 -51.82 14.41
C LEU C 144 38.66 -51.93 13.57
N SER C 145 39.64 -51.04 13.77
CA SER C 145 40.91 -51.13 13.06
C SER C 145 41.75 -52.34 13.49
N ARG C 146 41.37 -53.01 14.57
CA ARG C 146 42.08 -54.21 15.02
C ARG C 146 41.99 -55.35 14.02
N ARG C 147 40.97 -55.36 13.16
CA ARG C 147 40.95 -56.23 11.99
C ARG C 147 40.77 -55.46 10.69
N GLY C 148 40.18 -54.27 10.73
CA GLY C 148 39.88 -53.53 9.51
C GLY C 148 38.41 -53.16 9.40
N ILE C 149 37.72 -53.81 8.45
CA ILE C 149 36.29 -53.65 8.13
C ILE C 149 35.98 -52.24 7.67
N THR C 150 35.66 -52.09 6.39
CA THR C 150 35.03 -50.85 5.94
C THR C 150 33.58 -50.87 6.40
N PRO C 151 33.15 -49.94 7.25
CA PRO C 151 31.74 -49.93 7.64
C PRO C 151 30.87 -49.34 6.54
N GLY C 152 29.64 -49.83 6.47
CA GLY C 152 28.71 -49.31 5.49
C GLY C 152 27.80 -48.26 6.10
N TYR C 153 28.09 -47.00 5.84
CA TYR C 153 27.28 -45.91 6.36
C TYR C 153 26.29 -45.50 5.30
N GLU C 154 25.01 -45.68 5.58
CA GLU C 154 23.95 -45.25 4.69
C GLU C 154 22.92 -44.49 5.50
N LEU C 155 22.39 -43.41 4.94
CA LEU C 155 21.28 -42.71 5.58
C LEU C 155 20.01 -43.43 5.14
N VAL C 156 19.38 -44.10 6.08
CA VAL C 156 18.23 -44.92 5.73
C VAL C 156 16.97 -44.08 5.59
N GLN C 157 16.82 -43.02 6.38
CA GLN C 157 15.53 -42.39 6.52
C GLN C 157 15.70 -40.91 6.74
N ILE C 158 14.70 -40.15 6.35
CA ILE C 158 14.77 -38.69 6.39
C ILE C 158 13.37 -38.14 6.66
N GLU C 159 13.26 -37.28 7.66
CA GLU C 159 12.04 -36.52 7.88
C GLU C 159 12.27 -35.18 7.19
N GLY C 160 11.78 -35.05 5.96
CA GLY C 160 11.79 -33.78 5.28
C GLY C 160 10.69 -32.91 5.85
N ALA C 161 10.88 -32.46 7.09
CA ALA C 161 9.81 -31.87 7.87
C ALA C 161 9.57 -30.43 7.43
N ILE C 162 8.57 -29.82 8.08
CA ILE C 162 8.14 -28.49 7.67
C ILE C 162 9.15 -27.45 8.15
N HIS C 163 9.56 -27.54 9.41
CA HIS C 163 10.44 -26.53 9.99
C HIS C 163 11.83 -27.04 10.33
N GLU C 164 11.94 -28.31 10.72
CA GLU C 164 13.21 -28.91 11.17
C GLU C 164 13.34 -30.27 10.51
N PRO C 165 13.86 -30.34 9.29
CA PRO C 165 14.21 -31.67 8.70
C PRO C 165 15.24 -32.44 9.51
N THR C 166 14.97 -33.72 9.73
CA THR C 166 15.88 -34.55 10.50
C THR C 166 16.36 -35.70 9.64
N PHE C 167 17.49 -36.26 10.02
CA PHE C 167 18.15 -37.31 9.27
C PHE C 167 18.29 -38.54 10.14
N ARG C 168 18.35 -39.69 9.48
CA ARG C 168 18.39 -40.97 10.18
C ARG C 168 19.32 -41.88 9.39
N PHE C 169 20.55 -42.02 9.87
CA PHE C 169 21.55 -42.87 9.27
C PHE C 169 21.44 -44.30 9.81
N ARG C 170 21.99 -45.22 9.04
CA ARG C 170 21.99 -46.62 9.42
C ARG C 170 23.37 -47.20 9.16
N VAL C 171 23.98 -47.72 10.21
CA VAL C 171 25.35 -48.26 10.17
C VAL C 171 25.31 -49.78 10.08
N SER C 172 26.09 -50.32 9.14
CA SER C 172 26.19 -51.76 8.94
C SER C 172 27.61 -52.23 9.27
N PHE C 173 27.78 -53.55 9.27
CA PHE C 173 29.06 -54.18 9.60
C PHE C 173 29.03 -55.57 8.97
N LYS C 174 29.73 -55.71 7.84
CA LYS C 174 30.00 -56.90 7.00
C LYS C 174 28.75 -57.61 6.47
N ASP C 175 28.89 -58.27 5.31
CA ASP C 175 27.71 -58.65 4.56
C ASP C 175 27.57 -60.12 4.22
N LYS C 176 28.39 -61.01 4.78
CA LYS C 176 28.32 -62.41 4.40
C LYS C 176 28.24 -63.39 5.57
N ASP C 177 28.70 -63.02 6.77
CA ASP C 177 28.62 -63.90 7.92
C ASP C 177 28.16 -63.12 9.15
N THR C 178 27.43 -63.82 10.02
CA THR C 178 26.91 -63.33 11.31
C THR C 178 26.19 -61.97 11.24
N PHE C 180 25.78 -57.51 12.40
CA PHE C 180 25.67 -56.36 13.29
C PHE C 180 25.28 -55.12 12.51
N THR C 181 24.26 -54.40 12.98
CA THR C 181 23.71 -53.24 12.29
C THR C 181 22.97 -52.38 13.31
N ALA C 182 23.16 -51.06 13.23
CA ALA C 182 22.53 -50.15 14.19
C ALA C 182 21.90 -48.95 13.50
N MET C 183 20.98 -48.32 14.23
CA MET C 183 20.27 -47.12 13.85
C MET C 183 21.02 -45.90 14.40
N GLY C 184 20.79 -44.74 13.79
CA GLY C 184 21.21 -43.47 14.37
C GLY C 184 20.39 -42.35 13.78
N ALA C 185 20.17 -41.31 14.56
CA ALA C 185 19.31 -40.22 14.12
C ALA C 185 19.77 -38.91 14.71
N GLY C 186 19.41 -37.82 14.04
CA GLY C 186 19.74 -36.50 14.53
C GLY C 186 19.19 -35.43 13.60
N ARG C 187 19.65 -34.21 13.82
CA ARG C 187 19.26 -33.10 12.96
C ARG C 187 20.24 -32.89 11.81
N SER C 188 21.51 -33.17 12.01
CA SER C 188 22.55 -32.98 11.01
C SER C 188 23.13 -34.32 10.62
N LYS C 189 23.85 -34.34 9.48
CA LYS C 189 24.50 -35.58 9.06
C LYS C 189 25.58 -36.00 10.04
N LYS C 190 26.35 -35.03 10.55
CA LYS C 190 27.42 -35.33 11.48
C LYS C 190 26.88 -35.88 12.80
N GLU C 191 25.80 -35.29 13.31
CA GLU C 191 25.22 -35.82 14.55
C GLU C 191 24.49 -37.14 14.32
N ALA C 192 23.97 -37.35 13.10
CA ALA C 192 23.39 -38.64 12.77
C ALA C 192 24.44 -39.74 12.76
N LYS C 193 25.60 -39.47 12.16
CA LYS C 193 26.69 -40.43 12.17
C LYS C 193 27.21 -40.63 13.59
N HIS C 194 27.21 -39.57 14.40
CA HIS C 194 27.58 -39.69 15.82
C HIS C 194 26.64 -40.63 16.56
N ALA C 195 25.33 -40.47 16.35
CA ALA C 195 24.36 -41.32 17.04
C ALA C 195 24.44 -42.77 16.53
N ALA C 196 24.67 -42.95 15.24
CA ALA C 196 24.82 -44.30 14.68
C ALA C 196 26.05 -45.00 15.23
N ALA C 197 27.18 -44.29 15.29
CA ALA C 197 28.39 -44.88 15.85
C ALA C 197 28.26 -45.15 17.34
N ARG C 198 27.60 -44.25 18.07
CA ARG C 198 27.39 -44.45 19.50
C ARG C 198 26.49 -45.66 19.77
N ALA C 199 25.44 -45.82 18.97
CA ALA C 199 24.56 -46.98 19.10
C ALA C 199 25.28 -48.27 18.76
N LEU C 200 26.10 -48.27 17.71
CA LEU C 200 26.82 -49.48 17.35
C LEU C 200 27.89 -49.82 18.37
N ILE C 201 28.54 -48.82 18.97
CA ILE C 201 29.53 -49.08 20.01
C ILE C 201 28.85 -49.61 21.27
N ASP C 202 27.68 -49.06 21.62
CA ASP C 202 26.95 -49.56 22.78
C ASP C 202 26.40 -50.96 22.54
N LYS C 203 26.07 -51.30 21.30
CA LYS C 203 25.70 -52.68 20.98
C LYS C 203 26.92 -53.58 20.98
N LEU C 204 28.09 -53.05 20.65
CA LEU C 204 29.34 -53.81 20.75
C LEU C 204 29.68 -54.12 22.19
N ILE C 205 29.47 -53.16 23.09
CA ILE C 205 29.74 -53.37 24.50
C ILE C 205 28.66 -54.25 25.11
N ASN C 250 13.32 -21.17 14.67
CA ASN C 250 14.46 -21.94 15.16
C ASN C 250 15.50 -21.13 15.98
N PRO C 251 15.13 -20.97 17.23
CA PRO C 251 15.42 -19.74 18.03
C PRO C 251 16.09 -18.50 17.34
N ILE C 252 16.93 -17.80 18.15
CA ILE C 252 17.93 -16.82 17.73
C ILE C 252 17.34 -15.54 17.13
N GLY C 253 16.49 -15.67 16.13
CA GLY C 253 15.81 -14.48 15.65
C GLY C 253 14.79 -13.91 16.63
N TRP C 254 14.29 -14.71 17.56
CA TRP C 254 13.27 -14.26 18.49
C TRP C 254 13.80 -13.25 19.51
N LEU C 255 15.05 -13.39 19.96
CA LEU C 255 15.61 -12.41 20.88
C LEU C 255 15.86 -11.08 20.18
N GLN C 256 16.22 -11.13 18.89
CA GLN C 256 16.30 -9.92 18.09
C GLN C 256 14.91 -9.30 17.91
N GLU C 257 13.88 -10.14 17.77
CA GLU C 257 12.50 -9.64 17.71
C GLU C 257 12.11 -8.94 19.01
N MET C 258 12.48 -9.52 20.15
CA MET C 258 12.18 -8.88 21.44
C MET C 258 12.97 -7.60 21.66
N CYS C 259 14.22 -7.53 21.17
CA CYS C 259 14.94 -6.27 21.33
C CYS C 259 14.43 -5.22 20.33
N MET C 260 13.80 -5.67 19.24
CA MET C 260 13.01 -4.74 18.44
C MET C 260 11.78 -4.25 19.20
N GLN C 261 11.12 -5.14 19.94
CA GLN C 261 9.96 -4.74 20.75
C GLN C 261 10.37 -3.79 21.88
N ARG C 262 11.55 -4.01 22.46
CA ARG C 262 12.11 -3.09 23.44
C ARG C 262 12.99 -2.03 22.77
N ARG C 263 12.93 -1.94 21.43
CA ARG C 263 13.40 -0.80 20.64
C ARG C 263 14.92 -0.60 20.78
N TRP C 264 15.67 -1.58 20.29
CA TRP C 264 17.12 -1.64 20.42
C TRP C 264 17.76 -1.95 19.08
N PRO C 265 19.04 -1.58 18.89
CA PRO C 265 19.74 -1.90 17.63
C PRO C 265 19.99 -3.39 17.48
N PRO C 266 20.32 -3.88 16.28
CA PRO C 266 20.70 -5.28 16.15
C PRO C 266 21.97 -5.56 16.93
N PRO C 267 22.06 -6.72 17.58
CA PRO C 267 23.24 -7.01 18.40
C PRO C 267 24.46 -7.31 17.54
N SER C 268 25.62 -6.97 18.10
CA SER C 268 26.89 -7.22 17.46
C SER C 268 27.71 -8.16 18.33
N TYR C 269 28.26 -9.19 17.71
CA TYR C 269 29.07 -10.18 18.41
C TYR C 269 30.47 -10.21 17.80
N GLU C 270 31.46 -10.42 18.66
CA GLU C 270 32.86 -10.44 18.26
C GLU C 270 33.52 -11.68 18.81
N THR C 271 34.65 -12.08 18.20
CA THR C 271 35.38 -13.26 18.64
C THR C 271 36.41 -12.84 19.68
N GLU C 272 36.43 -13.53 20.82
CA GLU C 272 37.36 -13.23 21.89
C GLU C 272 38.64 -14.05 21.82
N THR C 273 38.53 -15.38 21.89
CA THR C 273 39.72 -16.22 22.03
C THR C 273 39.47 -17.59 21.44
N GLU C 274 40.57 -18.31 21.24
CA GLU C 274 40.57 -19.69 20.76
C GLU C 274 41.64 -20.46 21.53
N VAL C 275 41.85 -21.71 21.14
CA VAL C 275 42.89 -22.57 21.70
C VAL C 275 43.91 -22.79 20.60
N GLY C 276 45.19 -22.91 20.99
CA GLY C 276 46.26 -22.99 20.01
C GLY C 276 46.23 -24.25 19.17
N LEU C 277 45.56 -25.29 19.64
CA LEU C 277 45.33 -26.48 18.82
C LEU C 277 44.24 -26.18 17.82
N PRO C 278 44.52 -26.24 16.51
CA PRO C 278 43.48 -25.84 15.54
C PRO C 278 42.39 -26.88 15.32
N HIS C 279 42.57 -28.12 15.83
CA HIS C 279 41.52 -29.11 15.72
C HIS C 279 40.67 -29.22 16.97
N GLU C 280 41.05 -28.52 18.05
CA GLU C 280 40.28 -28.54 19.29
C GLU C 280 40.19 -27.13 19.86
N ARG C 281 40.18 -26.13 18.98
CA ARG C 281 40.08 -24.75 19.43
C ARG C 281 38.63 -24.43 19.78
N LEU C 282 38.36 -24.30 21.08
CA LEU C 282 37.04 -23.87 21.55
C LEU C 282 36.96 -22.37 21.33
N PHE C 283 36.24 -21.97 20.29
CA PHE C 283 36.03 -20.56 20.02
C PHE C 283 35.12 -19.94 21.07
N THR C 284 35.49 -18.74 21.52
CA THR C 284 34.64 -17.95 22.39
C THR C 284 34.22 -16.70 21.64
N ILE C 285 32.91 -16.53 21.48
CA ILE C 285 32.31 -15.37 20.82
C ILE C 285 31.78 -14.45 21.90
N ALA C 286 32.22 -13.20 21.85
CA ALA C 286 31.88 -12.17 22.83
C ALA C 286 30.73 -11.34 22.29
N CYS C 287 29.55 -11.50 22.86
CA CYS C 287 28.39 -10.75 22.40
C CYS C 287 28.16 -9.58 23.36
N SER C 288 28.37 -8.37 22.86
CA SER C 288 28.19 -7.14 23.64
C SER C 288 27.14 -6.29 22.95
N ILE C 289 26.23 -5.73 23.75
CA ILE C 289 25.20 -4.82 23.26
C ILE C 289 25.30 -3.55 24.08
N LEU C 290 24.35 -2.63 23.87
CA LEU C 290 24.35 -1.38 24.63
C LEU C 290 23.97 -1.57 26.10
N ASN C 291 23.52 -2.76 26.49
CA ASN C 291 23.13 -3.03 27.87
C ASN C 291 24.07 -3.98 28.58
N TYR C 292 24.28 -5.19 28.05
CA TYR C 292 25.03 -6.23 28.75
C TYR C 292 26.00 -6.91 27.80
N ARG C 293 26.96 -7.61 28.39
CA ARG C 293 27.94 -8.40 27.64
C ARG C 293 27.91 -9.83 28.17
N GLU C 294 27.95 -10.82 27.28
CA GLU C 294 28.08 -12.21 27.69
C GLU C 294 29.01 -12.97 26.75
N MET C 295 29.47 -14.12 27.24
CA MET C 295 30.44 -14.94 26.53
C MET C 295 29.76 -16.18 26.00
N GLY C 296 30.27 -16.72 24.91
CA GLY C 296 29.82 -18.01 24.42
C GLY C 296 30.97 -18.89 24.00
N LYS C 297 31.10 -20.06 24.61
CA LYS C 297 32.22 -20.96 24.33
C LYS C 297 31.72 -22.23 23.68
N GLY C 298 32.40 -22.67 22.63
CA GLY C 298 32.00 -23.88 21.95
C GLY C 298 33.12 -24.48 21.13
N LYS C 299 32.88 -25.69 20.64
CA LYS C 299 33.84 -26.34 19.75
C LYS C 299 33.78 -25.72 18.35
N SER C 300 32.65 -25.13 17.99
CA SER C 300 32.48 -24.37 16.77
C SER C 300 31.91 -23.00 17.10
N LYS C 301 31.93 -22.11 16.10
CA LYS C 301 31.43 -20.75 16.33
C LYS C 301 29.91 -20.69 16.38
N LYS C 302 29.21 -21.65 15.79
CA LYS C 302 27.76 -21.57 15.74
C LYS C 302 27.15 -21.90 17.10
N ILE C 303 27.68 -22.91 17.78
CA ILE C 303 27.21 -23.24 19.13
C ILE C 303 27.66 -22.18 20.12
N ALA C 304 28.83 -21.57 19.90
CA ALA C 304 29.28 -20.46 20.73
C ALA C 304 28.38 -19.24 20.57
N LYS C 305 27.97 -18.95 19.32
CA LYS C 305 27.10 -17.81 19.07
C LYS C 305 25.70 -18.06 19.64
N ARG C 306 25.23 -19.31 19.55
CA ARG C 306 23.99 -19.67 20.25
C ARG C 306 24.09 -19.52 21.74
N LEU C 307 25.20 -19.93 22.33
CA LEU C 307 25.31 -19.87 23.79
C LEU C 307 25.38 -18.43 24.26
N ALA C 308 26.13 -17.58 23.54
CA ALA C 308 26.16 -16.16 23.86
C ALA C 308 24.81 -15.49 23.65
N ALA C 309 24.13 -15.81 22.53
CA ALA C 309 22.84 -15.19 22.24
C ALA C 309 21.76 -15.66 23.22
N HIS C 310 21.77 -16.94 23.59
CA HIS C 310 20.83 -17.42 24.59
C HIS C 310 21.10 -16.83 25.96
N ARG C 311 22.37 -16.63 26.32
CA ARG C 311 22.68 -15.98 27.59
C ARG C 311 22.21 -14.54 27.59
N MET C 312 22.34 -13.84 26.44
CA MET C 312 21.63 -12.57 26.24
C MET C 312 20.12 -12.73 26.43
N TRP C 313 19.56 -13.83 25.93
CA TRP C 313 18.11 -13.99 25.93
C TRP C 313 17.54 -14.10 27.35
N MET C 314 18.08 -14.98 28.20
CA MET C 314 17.49 -15.00 29.55
C MET C 314 18.09 -13.92 30.45
N ARG C 315 19.19 -13.28 30.02
CA ARG C 315 19.63 -12.11 30.80
C ARG C 315 18.75 -10.90 30.52
N LEU C 316 18.20 -10.81 29.32
CA LEU C 316 17.27 -9.73 29.03
C LEU C 316 15.84 -10.09 29.43
N GLN C 317 15.55 -11.39 29.56
CA GLN C 317 14.25 -11.83 30.04
C GLN C 317 14.15 -11.87 31.55
N GLU C 318 15.28 -11.96 32.26
CA GLU C 318 15.27 -11.82 33.71
C GLU C 318 14.88 -10.39 34.11
N THR C 319 15.37 -9.40 33.36
CA THR C 319 15.02 -8.00 33.56
C THR C 319 14.62 -7.41 32.21
N PRO C 320 13.32 -7.46 31.87
CA PRO C 320 12.82 -6.95 30.58
C PRO C 320 12.93 -5.43 30.45
N THR C 358 -3.95 25.63 38.16
CA THR C 358 -3.62 24.47 38.99
C THR C 358 -2.37 24.72 39.82
N GLN C 359 -1.20 24.63 39.18
CA GLN C 359 0.06 24.78 39.90
C GLN C 359 0.33 26.23 40.27
N HIS C 360 -0.12 27.17 39.43
CA HIS C 360 -0.02 28.59 39.77
C HIS C 360 -0.91 28.93 40.95
N SER C 361 -2.04 28.25 41.10
CA SER C 361 -2.88 28.44 42.28
C SER C 361 -2.21 27.89 43.52
N ASN C 362 -1.43 26.82 43.37
CA ASN C 362 -0.59 26.34 44.47
C ASN C 362 0.48 27.36 44.82
N LYS C 363 1.04 28.06 43.81
CA LYS C 363 1.98 29.14 44.08
C LYS C 363 1.29 30.31 44.79
N VAL C 364 0.05 30.62 44.40
CA VAL C 364 -0.71 31.70 45.02
C VAL C 364 -1.02 31.36 46.47
N SER C 365 -1.41 30.11 46.75
CA SER C 365 -1.64 29.68 48.12
C SER C 365 -0.33 29.59 48.91
N GLN C 366 0.79 29.30 48.24
CA GLN C 366 2.10 29.38 48.87
C GLN C 366 2.41 30.80 49.31
N PHE C 367 2.11 31.78 48.45
CA PHE C 367 2.29 33.17 48.84
C PHE C 367 1.33 33.57 49.95
N HIS C 368 0.11 32.99 49.95
CA HIS C 368 -0.86 33.26 51.00
C HIS C 368 -0.38 32.74 52.35
N LYS C 369 0.18 31.53 52.40
CA LYS C 369 0.73 31.05 53.66
C LYS C 369 2.07 31.72 53.98
N THR C 370 2.75 32.29 52.98
CA THR C 370 3.94 33.08 53.26
C THR C 370 3.58 34.39 53.97
N LEU C 371 2.53 35.07 53.50
CA LEU C 371 2.06 36.28 54.17
C LEU C 371 1.31 35.99 55.46
N LYS C 372 0.72 34.80 55.60
CA LYS C 372 0.15 34.38 56.88
C LYS C 372 1.23 33.98 57.87
N ASN C 373 2.39 33.54 57.37
CA ASN C 373 3.53 33.24 58.23
C ASN C 373 4.04 34.51 58.91
N ALA C 374 4.03 35.63 58.20
CA ALA C 374 4.27 36.93 58.79
C ALA C 374 2.99 37.33 59.52
N THR C 375 2.93 36.96 60.80
CA THR C 375 1.70 37.03 61.59
C THR C 375 1.72 38.24 62.52
N GLY C 376 2.15 39.38 61.99
CA GLY C 376 2.13 40.60 62.77
C GLY C 376 0.71 41.04 63.11
N LYS C 377 0.61 41.81 64.20
CA LYS C 377 -0.67 42.33 64.68
C LYS C 377 -1.29 43.28 63.67
N LYS C 378 -0.45 43.98 62.90
CA LYS C 378 -0.92 45.05 62.01
C LYS C 378 -1.85 44.54 60.92
N LEU C 379 -1.60 43.33 60.41
CA LEU C 379 -2.40 42.84 59.29
C LEU C 379 -3.80 42.43 59.75
N LEU C 380 -3.88 41.75 60.89
CA LEU C 380 -5.20 41.42 61.44
C LEU C 380 -5.91 42.65 61.97
N LYS C 381 -5.16 43.66 62.41
CA LYS C 381 -5.75 44.96 62.75
C LYS C 381 -6.39 45.60 61.52
N LEU C 382 -5.71 45.52 60.38
CA LEU C 382 -6.29 45.99 59.12
C LEU C 382 -7.52 45.18 58.74
N GLN C 383 -7.47 43.86 58.97
CA GLN C 383 -8.58 42.99 58.64
C GLN C 383 -9.82 43.29 59.47
N LYS C 384 -9.63 43.59 60.76
CA LYS C 384 -10.76 43.64 61.68
C LYS C 384 -11.49 44.98 61.64
N THR C 385 -10.77 46.07 61.92
CA THR C 385 -11.43 47.36 62.07
C THR C 385 -11.78 47.96 60.71
N CYS C 386 -12.66 48.97 60.75
CA CYS C 386 -13.06 49.68 59.55
C CYS C 386 -11.95 50.63 59.12
N LEU C 387 -11.60 50.58 57.84
CA LEU C 387 -10.45 51.32 57.31
C LEU C 387 -10.87 52.50 56.45
N LYS C 388 -11.94 53.18 56.85
CA LYS C 388 -12.32 54.43 56.19
C LYS C 388 -11.43 55.60 56.61
N ASN C 389 -10.65 55.43 57.67
CA ASN C 389 -9.80 56.51 58.16
C ASN C 389 -8.59 56.71 57.25
N ASN C 390 -8.35 57.96 56.87
CA ASN C 390 -7.22 58.31 56.03
C ASN C 390 -6.15 59.08 56.78
N LYS C 391 -6.30 59.24 58.10
CA LYS C 391 -5.35 60.00 58.91
C LYS C 391 -4.06 59.24 59.20
N ILE C 392 -4.04 57.93 58.97
CA ILE C 392 -2.85 57.13 59.26
C ILE C 392 -1.81 57.33 58.16
N ASP C 393 -0.56 57.48 58.56
CA ASP C 393 0.55 57.66 57.63
C ASP C 393 0.96 56.30 57.08
N TYR C 394 0.69 56.07 55.80
CA TYR C 394 0.84 54.74 55.22
C TYR C 394 2.29 54.36 54.93
N ILE C 395 3.23 55.31 55.00
CA ILE C 395 4.61 55.03 54.61
C ILE C 395 5.29 54.15 55.65
N LYS C 396 5.19 54.54 56.93
CA LYS C 396 5.71 53.69 57.99
C LYS C 396 4.93 52.38 58.09
N LEU C 397 3.65 52.41 57.72
CA LEU C 397 2.84 51.19 57.70
C LEU C 397 3.39 50.18 56.70
N LEU C 398 3.61 50.61 55.45
CA LEU C 398 4.16 49.69 54.44
C LEU C 398 5.59 49.29 54.76
N GLY C 399 6.36 50.20 55.39
CA GLY C 399 7.70 49.81 55.82
C GLY C 399 7.69 48.71 56.86
N GLU C 400 6.79 48.82 57.85
CA GLU C 400 6.66 47.78 58.86
C GLU C 400 6.13 46.48 58.28
N ILE C 401 5.22 46.56 57.31
CA ILE C 401 4.68 45.32 56.74
C ILE C 401 5.73 44.64 55.86
N ALA C 402 6.50 45.44 55.10
CA ALA C 402 7.58 44.88 54.30
C ALA C 402 8.66 44.27 55.16
N THR C 403 8.96 44.89 56.30
CA THR C 403 9.89 44.29 57.27
C THR C 403 9.28 43.04 57.90
N GLU C 404 7.95 42.99 58.02
CA GLU C 404 7.28 41.87 58.67
C GLU C 404 7.38 40.60 57.84
N ASN C 405 7.23 40.71 56.51
CA ASN C 405 7.38 39.56 55.63
C ASN C 405 8.74 39.55 54.93
N GLN C 406 9.70 40.34 55.43
CA GLN C 406 11.07 40.43 54.92
C GLN C 406 11.11 40.84 53.45
N PHE C 407 10.22 41.75 53.07
CA PHE C 407 10.16 42.29 51.72
C PHE C 407 10.60 43.76 51.75
N GLU C 408 10.58 44.39 50.57
CA GLU C 408 11.01 45.78 50.46
C GLU C 408 10.12 46.51 49.47
N VAL C 409 9.99 47.82 49.66
CA VAL C 409 9.13 48.68 48.85
C VAL C 409 9.99 49.73 48.17
N THR C 410 9.83 49.87 46.86
CA THR C 410 10.61 50.80 46.05
C THR C 410 9.68 51.70 45.27
N TYR C 411 9.79 53.01 45.47
CA TYR C 411 8.93 53.96 44.77
C TYR C 411 9.57 54.37 43.46
N VAL C 412 8.77 54.45 42.39
CA VAL C 412 9.21 55.02 41.13
C VAL C 412 8.20 56.11 40.79
N ASP C 413 8.49 57.34 41.21
CA ASP C 413 7.67 58.48 40.82
C ASP C 413 8.14 58.95 39.45
N ILE C 414 7.23 58.98 38.49
CA ILE C 414 7.62 59.19 37.10
C ILE C 414 7.81 60.67 36.85
N GLU C 415 8.96 61.03 36.28
CA GLU C 415 9.20 62.40 35.87
C GLU C 415 8.32 62.78 34.67
N GLU C 416 7.92 61.81 33.87
CA GLU C 416 6.96 62.06 32.80
C GLU C 416 5.59 62.36 33.38
N LYS C 417 4.89 63.29 32.76
CA LYS C 417 3.57 63.70 33.20
C LYS C 417 2.50 63.23 32.22
N THR C 418 1.28 63.10 32.73
CA THR C 418 0.14 62.72 31.91
C THR C 418 -0.47 63.96 31.27
N PHE C 419 -1.66 63.79 30.69
CA PHE C 419 -2.29 64.88 29.96
C PHE C 419 -3.03 65.84 30.87
N SER C 420 -3.23 65.48 32.13
CA SER C 420 -3.81 66.39 33.11
C SER C 420 -2.76 67.16 33.90
N GLY C 421 -1.48 66.87 33.67
CA GLY C 421 -0.42 67.59 34.35
C GLY C 421 -0.14 67.14 35.76
N GLN C 422 -0.82 66.11 36.24
CA GLN C 422 -0.68 65.63 37.60
C GLN C 422 0.46 64.61 37.67
N PHE C 423 0.94 64.37 38.89
CA PHE C 423 2.06 63.48 39.13
C PHE C 423 1.58 62.07 39.45
N GLN C 424 2.47 61.09 39.23
CA GLN C 424 2.10 59.69 39.35
C GLN C 424 3.33 58.85 39.70
N CYS C 425 3.06 57.65 40.21
CA CYS C 425 4.11 56.77 40.69
C CYS C 425 3.64 55.32 40.63
N LEU C 426 4.61 54.42 40.46
CA LEU C 426 4.42 52.98 40.54
C LEU C 426 5.34 52.44 41.65
N VAL C 427 4.78 51.66 42.57
CA VAL C 427 5.52 51.24 43.76
C VAL C 427 5.69 49.72 43.77
N GLN C 428 6.91 49.25 43.99
CA GLN C 428 7.25 47.84 43.78
C GLN C 428 7.49 47.13 45.10
N LEU C 429 6.87 45.96 45.26
CA LEU C 429 7.09 45.09 46.40
C LEU C 429 7.40 43.68 45.90
N SER C 430 8.31 43.01 46.60
CA SER C 430 8.85 41.73 46.16
C SER C 430 7.89 40.61 46.58
N THR C 431 6.91 40.34 45.72
CA THR C 431 6.00 39.22 45.91
C THR C 431 6.58 38.00 45.20
N LEU C 432 5.79 36.94 45.06
CA LEU C 432 6.23 35.71 44.39
C LEU C 432 5.24 35.38 43.29
N PRO C 433 5.50 35.82 42.04
CA PRO C 433 6.58 36.67 41.53
C PRO C 433 6.36 38.13 41.87
N VAL C 434 7.36 38.99 41.59
CA VAL C 434 7.36 40.37 42.09
C VAL C 434 6.19 41.17 41.54
N GLY C 435 5.75 42.18 42.29
CA GLY C 435 4.60 42.95 41.90
C GLY C 435 4.80 44.43 42.17
N VAL C 436 3.90 45.24 41.60
CA VAL C 436 3.88 46.68 41.86
C VAL C 436 2.44 47.10 42.08
N CYS C 437 2.24 48.25 42.71
CA CYS C 437 0.96 48.92 42.83
C CYS C 437 1.06 50.29 42.17
N HIS C 438 -0.08 50.98 42.11
CA HIS C 438 -0.25 52.17 41.30
C HIS C 438 -0.68 53.34 42.16
N GLY C 439 -0.35 54.56 41.72
CA GLY C 439 -0.89 55.73 42.38
C GLY C 439 -0.63 56.99 41.59
N SER C 440 -1.45 58.01 41.86
CA SER C 440 -1.26 59.34 41.28
C SER C 440 -1.93 60.36 42.17
N GLY C 441 -1.58 61.62 41.94
CA GLY C 441 -2.19 62.74 42.62
C GLY C 441 -1.79 64.04 41.96
N PRO C 442 -2.39 65.15 42.38
CA PRO C 442 -1.95 66.46 41.89
C PRO C 442 -0.50 66.77 42.21
N THR C 443 0.01 66.31 43.35
CA THR C 443 1.42 66.38 43.69
C THR C 443 2.02 64.98 43.66
N ALA C 444 3.36 64.94 43.72
CA ALA C 444 4.05 63.65 43.85
C ALA C 444 3.85 63.05 45.23
N ALA C 445 3.73 63.90 46.26
CA ALA C 445 3.48 63.41 47.62
C ALA C 445 2.09 62.77 47.72
N ASP C 446 1.10 63.39 47.08
CA ASP C 446 -0.23 62.78 47.01
C ASP C 446 -0.21 61.49 46.19
N ALA C 447 0.66 61.42 45.18
CA ALA C 447 0.79 60.21 44.37
C ALA C 447 1.33 59.05 45.20
N GLN C 448 2.40 59.28 45.95
CA GLN C 448 2.96 58.20 46.77
C GLN C 448 2.05 57.88 47.95
N ARG C 449 1.31 58.86 48.46
CA ARG C 449 0.30 58.57 49.49
C ARG C 449 -0.81 57.67 48.95
N HIS C 450 -1.29 57.95 47.73
CA HIS C 450 -2.34 57.14 47.13
C HIS C 450 -1.85 55.72 46.83
N ALA C 451 -0.64 55.60 46.29
CA ALA C 451 -0.08 54.28 46.02
C ALA C 451 0.20 53.53 47.32
N ALA C 452 0.59 54.25 48.37
CA ALA C 452 0.82 53.66 49.67
C ALA C 452 -0.47 53.10 50.27
N GLN C 453 -1.55 53.88 50.17
CA GLN C 453 -2.84 53.43 50.66
C GLN C 453 -3.35 52.23 49.85
N ASN C 454 -3.15 52.26 48.53
CA ASN C 454 -3.57 51.14 47.68
C ASN C 454 -2.80 49.87 48.03
N ALA C 455 -1.49 49.99 48.27
CA ALA C 455 -0.69 48.83 48.66
C ALA C 455 -1.10 48.32 50.05
N LEU C 456 -1.43 49.23 50.97
CA LEU C 456 -1.86 48.81 52.31
C LEU C 456 -3.17 48.05 52.25
N GLU C 457 -4.14 48.54 51.48
CA GLU C 457 -5.40 47.79 51.35
C GLU C 457 -5.21 46.52 50.55
N TYR C 458 -4.23 46.49 49.64
CA TYR C 458 -3.87 45.26 48.95
C TYR C 458 -3.39 44.20 49.94
N LEU C 459 -2.50 44.59 50.85
CA LEU C 459 -2.00 43.65 51.84
C LEU C 459 -3.10 43.24 52.81
N LYS C 460 -4.01 44.16 53.13
CA LYS C 460 -5.15 43.86 53.98
C LYS C 460 -6.06 42.81 53.34
N ILE C 461 -6.33 42.94 52.04
CA ILE C 461 -7.23 41.98 51.41
C ILE C 461 -6.52 40.68 51.02
N MET C 462 -5.20 40.69 50.85
CA MET C 462 -4.50 39.42 50.71
C MET C 462 -4.52 38.64 52.02
N THR C 463 -4.38 39.35 53.15
CA THR C 463 -4.52 38.67 54.43
C THR C 463 -5.97 38.37 54.77
N LYS C 464 -6.93 39.03 54.12
CA LYS C 464 -8.33 38.78 54.38
C LYS C 464 -8.73 37.45 53.76
N LYS C 465 -8.87 36.42 54.59
CA LYS C 465 -9.25 35.10 54.12
C LYS C 465 -10.02 34.36 55.22
MG MG D . 0.57 -17.11 -10.08
MG MG E . 35.27 -39.01 -0.20
MG MG F . 28.77 -22.99 -4.48
N1 U5P G . 41.93 -37.58 -5.16
C2 U5P G . 41.39 -36.50 -5.85
N3 U5P G . 42.15 -36.10 -6.91
C4 U5P G . 43.35 -36.60 -7.39
C5 U5P G . 43.83 -37.72 -6.61
C6 U5P G . 43.11 -38.14 -5.57
O2 U5P G . 40.37 -35.92 -5.61
O4 U5P G . 43.89 -36.10 -8.35
C1' U5P G . 41.33 -38.25 -4.00
C2' U5P G . 40.93 -37.35 -2.84
O2' U5P G . 42.03 -37.03 -2.03
C3' U5P G . 39.86 -38.19 -2.14
C4' U5P G . 39.33 -39.10 -3.25
O3' U5P G . 40.47 -38.98 -1.15
O4' U5P G . 40.14 -38.85 -4.41
C5' U5P G . 37.88 -38.89 -3.62
O5' U5P G . 37.71 -37.74 -4.43
P U5P G . 36.25 -37.16 -4.72
O1P U5P G . 35.45 -38.36 -4.27
O2P U5P G . 36.08 -35.97 -3.79
O3P U5P G . 36.18 -36.91 -6.22
MG MG H . 5.49 -18.76 -7.50
MG MG I . 11.55 -15.26 0.93
MG MG J . 0.74 -1.63 -1.62
MG MG K . 28.99 -16.09 3.35
MG MG L . 25.21 -18.19 1.39
MG MG M . 17.83 -13.69 4.20
MG MG N . 3.68 -15.72 -3.57
MG MG O . 39.88 -36.65 2.95
#